data_8GVH
#
_entry.id   8GVH
#
_cell.length_a   1.00
_cell.length_b   1.00
_cell.length_c   1.00
_cell.angle_alpha   90.00
_cell.angle_beta   90.00
_cell.angle_gamma   90.00
#
_symmetry.space_group_name_H-M   'P 1'
#
loop_
_entity.id
_entity.type
_entity.pdbx_description
1 polymer 'Anion exchange protein 2'
2 non-polymer 'CHOLESTEROL HEMISUCCINATE'
#
_entity_poly.entity_id   1
_entity_poly.type   'polypeptide(L)'
_entity_poly.pdbx_seq_one_letter_code
;MSSAPRRPAKGADSFCTPEPESLGPGTPGFPEQEEDELHRTLGVERFEEILQEAGSRGGEEPGRSYGEEDFEYHRQSSHH
IHHPLSTHLPPDARRRKTPQGPGRKPRRRPGASPTGETPTIEEGEEDEDEASEAEGARALTQPSPVSTPSSVQFFLQEDD
SADRKAERTSPSSPAPLPHQEATPRASKGAQAGTQVEEAEAEAVAVASGTAGGDDGGASGRPLPKAQPGHRSYNLQERRR
IGSMTGAEQALLPRVPTDEIEAQTLATADLDLMKSHRFEDVPGVRRHLVRKNAKGSTQSGREGREPGPTPRARPRAPHKP
HEVFVELNELLLDKNQEPQWRETARWIKFEEDVEEETERWGKPHVASLSFRSLLELRRTLAHGAVLLDLDQQTLPGVAHQ
VVEQMVISDQIKAEDRANVLRALLLKHSHPSDEKDFSFPRNISAGSLGSLLGHHHGQGAESDPHVTEPLMGGVPETRLEV
ERERELPPPAPPAGITRSKSKHELKLLEKIPENAEATVVLVGCVEFLSRPTMAFVRLREAVELDAVLEVPVPVRFLFLLL
GPSSANMDYHEIGRSISTLMSDKQFHEAAYLADEREDLLTAINAFLDCSVVLPPSEVQGEELLRSVAHFQRQMLKKREEQ
GRLLPTGAGLEPKSAQDKALLQMVEAAGAAEDDPLRRTGRPFGGLIRDVRRRYPHYLSDFRDALDPQCLAAVIFIYFAAL
SPAITFGGLLGEKTQDLIGVSELIMSTALQGVVFCLLGAQPLLVIGFSGPLLVFEEAFFSFCSSNHLEYLVGRVWIGFWL
VFLALLMVALEGSFLVRFVSRFTQEIFAFLISLIFIYETFYKLVKIFQEHPLHGCSASNSSEVDGGENMTWAGARPTLGP
GNRSLAGQSGQGKPRGQPNTALLSLVLMAGTFFIAFFLRKFKNSRFFPGRIRRVIGDFGVPIAILIMVLVDYSIEDTYTQ
KLSVPSGFSVTAPEKRGWVINPLGEKSPFPVWMMVASLLPAILVFILIFMETQITTLIISKKERMLQKGSGFHLDLLLIV
AMGGICALFGLPWLAAATVRSVTHANALTVMSKAVAPGDKPKIQEVKEQRVTGLLVALLVGLSIVIGDLLRQIPLAVLFG
IFLYMGVTSLNGIQFYERLHLLLMPPKHHPDVTYVKKVRTLRMHLFTALQLLCLALLWAVMSTAASLAFPFILILTVPLR
MVVLTRIFTDREMKCLDANEAEPVFDEREGVDEYNEMPMPV
;
_entity_poly.pdbx_strand_id   A,B
#
loop_
_chem_comp.id
_chem_comp.type
_chem_comp.name
_chem_comp.formula
Y01 non-polymer 'CHOLESTEROL HEMISUCCINATE' 'C31 H50 O4'
#
# COMPACT_ATOMS: atom_id res chain seq x y z
N PRO A 320 13.26 -33.92 -22.67
CA PRO A 320 13.52 -32.58 -22.13
C PRO A 320 12.44 -31.58 -22.50
N HIS A 321 11.18 -32.03 -22.47
CA HIS A 321 10.06 -31.18 -22.82
C HIS A 321 9.52 -30.44 -21.60
N GLU A 322 8.37 -29.79 -21.75
CA GLU A 322 7.69 -29.14 -20.64
C GLU A 322 6.44 -29.94 -20.29
N VAL A 323 6.16 -30.03 -18.99
CA VAL A 323 5.12 -30.93 -18.50
C VAL A 323 3.96 -30.11 -17.95
N PHE A 324 2.76 -30.48 -18.37
CA PHE A 324 1.51 -29.90 -17.90
C PHE A 324 0.75 -30.97 -17.14
N VAL A 325 0.50 -30.74 -15.86
CA VAL A 325 -0.05 -31.76 -14.96
C VAL A 325 -1.49 -31.42 -14.63
N GLU A 326 -2.32 -32.45 -14.52
CA GLU A 326 -3.72 -32.26 -14.15
C GLU A 326 -4.12 -33.34 -13.14
N LEU A 327 -4.76 -32.91 -12.05
CA LEU A 327 -5.16 -33.80 -10.97
C LEU A 327 -6.68 -33.92 -10.97
N ASN A 328 -7.17 -35.13 -11.23
CA ASN A 328 -8.59 -35.44 -11.20
C ASN A 328 -8.91 -36.25 -9.95
N GLU A 329 -10.20 -36.31 -9.61
CA GLU A 329 -10.64 -37.01 -8.41
C GLU A 329 -11.96 -37.73 -8.69
N LEU A 330 -12.24 -38.76 -7.89
CA LEU A 330 -13.45 -39.55 -8.03
C LEU A 330 -14.41 -39.15 -6.91
N LEU A 331 -15.21 -38.12 -7.17
CA LEU A 331 -16.14 -37.56 -6.20
C LEU A 331 -17.57 -37.63 -6.73
N LEU A 332 -18.49 -38.00 -5.85
CA LEU A 332 -19.88 -38.20 -6.25
C LEU A 332 -20.52 -36.89 -6.69
N ASP A 333 -21.46 -36.99 -7.62
CA ASP A 333 -22.18 -35.84 -8.16
C ASP A 333 -23.43 -35.59 -7.32
N LYS A 334 -24.29 -34.68 -7.81
CA LYS A 334 -25.60 -34.46 -7.19
C LYS A 334 -26.52 -35.67 -7.34
N ASN A 335 -26.29 -36.50 -8.37
CA ASN A 335 -27.11 -37.68 -8.59
C ASN A 335 -26.32 -38.95 -8.32
N GLN A 336 -25.36 -38.88 -7.39
CA GLN A 336 -24.59 -40.04 -6.96
C GLN A 336 -23.89 -40.74 -8.12
N GLU A 337 -23.34 -39.96 -9.06
CA GLU A 337 -22.59 -40.53 -10.16
C GLU A 337 -21.10 -40.41 -9.85
N PRO A 338 -20.31 -41.49 -10.00
CA PRO A 338 -18.87 -41.42 -9.70
C PRO A 338 -18.17 -40.26 -10.39
N GLN A 339 -18.23 -40.22 -11.73
CA GLN A 339 -17.95 -39.01 -12.50
C GLN A 339 -16.59 -38.39 -12.15
N TRP A 340 -15.50 -39.02 -12.57
CA TRP A 340 -14.16 -38.43 -12.42
C TRP A 340 -14.23 -36.93 -12.72
N ARG A 341 -13.84 -36.12 -11.74
CA ARG A 341 -13.92 -34.66 -11.84
C ARG A 341 -12.55 -34.06 -11.69
N GLU A 342 -12.28 -32.99 -12.45
CA GLU A 342 -11.00 -32.32 -12.39
C GLU A 342 -10.88 -31.53 -11.09
N THR A 343 -9.70 -31.57 -10.48
CA THR A 343 -9.47 -30.91 -9.20
C THR A 343 -8.42 -29.82 -9.28
N ALA A 344 -7.27 -30.07 -9.92
CA ALA A 344 -6.22 -29.06 -9.92
C ALA A 344 -5.42 -29.13 -11.22
N ARG A 345 -4.68 -28.06 -11.49
CA ARG A 345 -3.98 -27.90 -12.75
C ARG A 345 -2.64 -27.21 -12.50
N TRP A 346 -1.55 -27.87 -12.90
CA TRP A 346 -0.19 -27.35 -12.73
C TRP A 346 0.41 -27.04 -14.10
N ILE A 347 0.80 -25.79 -14.31
CA ILE A 347 1.66 -25.40 -15.42
C ILE A 347 3.02 -24.96 -14.92
N LYS A 348 3.06 -23.89 -14.12
CA LYS A 348 4.24 -23.49 -13.37
C LYS A 348 3.95 -23.33 -11.88
N PHE A 349 2.78 -22.82 -11.53
CA PHE A 349 2.31 -22.75 -10.16
C PHE A 349 0.92 -23.36 -10.06
N GLU A 350 0.58 -23.83 -8.86
CA GLU A 350 -0.67 -24.54 -8.66
C GLU A 350 -1.87 -23.60 -8.76
N GLU A 351 -2.98 -24.14 -9.27
CA GLU A 351 -4.27 -23.47 -9.25
C GLU A 351 -5.31 -24.45 -8.73
N ASP A 352 -6.25 -23.95 -7.94
CA ASP A 352 -7.22 -24.78 -7.25
C ASP A 352 -8.64 -24.40 -7.65
N VAL A 353 -9.57 -25.30 -7.38
CA VAL A 353 -11.00 -25.10 -7.64
C VAL A 353 -11.74 -25.19 -6.34
N GLU A 354 -12.56 -24.18 -6.04
CA GLU A 354 -13.39 -24.18 -4.84
C GLU A 354 -14.74 -24.83 -5.14
N GLU A 355 -15.24 -25.59 -4.16
CA GLU A 355 -16.49 -26.32 -4.35
C GLU A 355 -17.68 -25.36 -4.40
N GLU A 356 -17.66 -24.31 -3.59
CA GLU A 356 -18.83 -23.44 -3.47
C GLU A 356 -19.02 -22.57 -4.70
N THR A 357 -17.94 -22.02 -5.25
CA THR A 357 -18.03 -21.09 -6.36
C THR A 357 -17.61 -21.66 -7.71
N GLU A 358 -17.06 -22.87 -7.74
CA GLU A 358 -16.61 -23.58 -8.94
C GLU A 358 -15.97 -22.63 -9.95
N ARG A 359 -14.93 -21.94 -9.50
CA ARG A 359 -14.15 -21.08 -10.38
C ARG A 359 -12.67 -21.21 -10.02
N TRP A 360 -11.82 -20.96 -11.00
CA TRP A 360 -10.38 -21.06 -10.78
C TRP A 360 -9.89 -19.95 -9.86
N GLY A 361 -9.04 -20.32 -8.91
CA GLY A 361 -8.45 -19.38 -7.99
C GLY A 361 -7.15 -18.80 -8.52
N LYS A 362 -6.55 -17.94 -7.70
CA LYS A 362 -5.29 -17.32 -8.06
C LYS A 362 -4.14 -18.32 -7.92
N PRO A 363 -3.12 -18.21 -8.77
CA PRO A 363 -1.97 -19.12 -8.65
C PRO A 363 -1.19 -18.87 -7.37
N HIS A 364 -0.57 -19.93 -6.87
CA HIS A 364 0.22 -19.86 -5.65
C HIS A 364 1.24 -20.97 -5.64
N VAL A 365 2.23 -20.84 -4.76
CA VAL A 365 3.25 -21.87 -4.61
C VAL A 365 2.64 -23.10 -3.97
N ALA A 366 2.99 -24.27 -4.48
CA ALA A 366 2.43 -25.53 -4.00
C ALA A 366 3.15 -25.94 -2.72
N SER A 367 2.52 -25.72 -1.57
CA SER A 367 3.09 -26.07 -0.28
C SER A 367 2.48 -27.38 0.17
N LEU A 368 3.24 -28.46 0.02
CA LEU A 368 2.78 -29.81 0.35
C LEU A 368 3.30 -30.25 1.70
N SER A 369 2.54 -31.13 2.36
CA SER A 369 2.90 -31.65 3.67
C SER A 369 4.04 -32.65 3.55
N PHE A 370 4.43 -33.25 4.68
CA PHE A 370 5.54 -34.19 4.74
C PHE A 370 5.10 -35.63 4.95
N ARG A 371 4.08 -35.87 5.78
CA ARG A 371 3.59 -37.23 5.96
C ARG A 371 3.08 -37.81 4.66
N SER A 372 2.50 -36.97 3.79
CA SER A 372 2.08 -37.44 2.48
C SER A 372 3.27 -37.86 1.63
N LEU A 373 4.37 -37.12 1.69
CA LEU A 373 5.57 -37.52 0.98
C LEU A 373 6.12 -38.83 1.51
N LEU A 374 6.12 -39.00 2.84
CA LEU A 374 6.57 -40.27 3.41
C LEU A 374 5.69 -41.42 2.98
N GLU A 375 4.37 -41.22 2.98
CA GLU A 375 3.44 -42.26 2.54
C GLU A 375 3.66 -42.61 1.08
N LEU A 376 3.86 -41.60 0.24
CA LEU A 376 4.09 -41.84 -1.18
C LEU A 376 5.38 -42.62 -1.41
N ARG A 377 6.44 -42.28 -0.67
CA ARG A 377 7.68 -43.05 -0.80
C ARG A 377 7.49 -44.48 -0.31
N ARG A 378 6.71 -44.66 0.76
CA ARG A 378 6.49 -46.00 1.30
C ARG A 378 5.70 -46.88 0.35
N THR A 379 4.63 -46.34 -0.23
CA THR A 379 3.71 -47.15 -1.04
C THR A 379 4.28 -47.50 -2.41
N LEU A 380 5.28 -46.77 -2.89
CA LEU A 380 5.89 -47.11 -4.18
C LEU A 380 6.73 -48.38 -4.11
N ALA A 381 7.04 -48.86 -2.90
CA ALA A 381 7.80 -50.11 -2.78
C ALA A 381 7.01 -51.29 -3.32
N HIS A 382 5.71 -51.33 -3.04
CA HIS A 382 4.84 -52.42 -3.48
C HIS A 382 4.09 -52.10 -4.76
N GLY A 383 4.36 -50.95 -5.38
CA GLY A 383 3.65 -50.57 -6.59
C GLY A 383 4.13 -51.30 -7.83
N ALA A 384 3.38 -51.13 -8.91
CA ALA A 384 3.69 -51.75 -10.19
C ALA A 384 3.96 -50.66 -11.22
N VAL A 385 4.99 -50.86 -12.04
CA VAL A 385 5.41 -49.90 -13.05
C VAL A 385 5.31 -50.54 -14.43
N LEU A 386 4.82 -49.77 -15.39
CA LEU A 386 4.70 -50.18 -16.79
C LEU A 386 5.47 -49.21 -17.66
N LEU A 387 6.74 -49.53 -17.92
CA LEU A 387 7.60 -48.70 -18.76
C LEU A 387 7.50 -49.16 -20.20
N ASP A 388 7.45 -48.18 -21.11
CA ASP A 388 7.37 -48.43 -22.56
C ASP A 388 6.16 -49.31 -22.90
N LEU A 389 4.98 -48.76 -22.62
CA LEU A 389 3.72 -49.44 -22.89
C LEU A 389 3.18 -49.00 -24.24
N ASP A 390 2.79 -49.97 -25.07
CA ASP A 390 2.37 -49.71 -26.45
C ASP A 390 0.85 -49.86 -26.55
N GLN A 391 0.13 -48.78 -26.24
CA GLN A 391 -1.30 -48.68 -26.49
C GLN A 391 -1.61 -47.26 -26.94
N GLN A 392 -2.86 -47.04 -27.34
CA GLN A 392 -3.27 -45.75 -27.90
C GLN A 392 -4.51 -45.20 -27.21
N THR A 393 -5.33 -46.07 -26.65
CA THR A 393 -6.60 -45.69 -26.05
C THR A 393 -6.64 -46.06 -24.58
N LEU A 394 -7.44 -45.31 -23.81
CA LEU A 394 -7.63 -45.63 -22.40
C LEU A 394 -8.20 -47.02 -22.17
N PRO A 395 -9.23 -47.48 -22.89
CA PRO A 395 -9.66 -48.88 -22.70
C PRO A 395 -8.56 -49.88 -22.98
N GLY A 396 -7.69 -49.60 -23.96
CA GLY A 396 -6.58 -50.51 -24.23
C GLY A 396 -5.60 -50.59 -23.08
N VAL A 397 -5.15 -49.43 -22.58
CA VAL A 397 -4.15 -49.42 -21.53
C VAL A 397 -4.72 -49.97 -20.22
N ALA A 398 -6.01 -49.72 -19.95
CA ALA A 398 -6.60 -50.17 -18.69
C ALA A 398 -6.57 -51.69 -18.56
N HIS A 399 -6.73 -52.41 -19.68
CA HIS A 399 -6.73 -53.87 -19.62
C HIS A 399 -5.40 -54.41 -19.10
N GLN A 400 -4.29 -53.98 -19.71
CA GLN A 400 -2.99 -54.44 -19.24
C GLN A 400 -2.68 -53.91 -17.85
N VAL A 401 -3.12 -52.68 -17.54
CA VAL A 401 -2.86 -52.11 -16.22
C VAL A 401 -3.49 -53.00 -15.14
N VAL A 402 -4.77 -53.31 -15.30
CA VAL A 402 -5.45 -54.14 -14.30
C VAL A 402 -4.93 -55.57 -14.35
N GLU A 403 -4.51 -56.05 -15.52
CA GLU A 403 -3.99 -57.41 -15.62
C GLU A 403 -2.74 -57.58 -14.77
N GLN A 404 -1.75 -56.70 -14.97
CA GLN A 404 -0.54 -56.83 -14.16
C GLN A 404 -0.75 -56.35 -12.72
N MET A 405 -1.76 -55.51 -12.49
CA MET A 405 -2.18 -55.22 -11.12
C MET A 405 -2.57 -56.48 -10.39
N VAL A 406 -3.45 -57.28 -11.00
CA VAL A 406 -3.91 -58.52 -10.37
C VAL A 406 -2.76 -59.52 -10.30
N ILE A 407 -1.90 -59.54 -11.33
CA ILE A 407 -0.80 -60.51 -11.36
C ILE A 407 0.14 -60.31 -10.17
N SER A 408 0.47 -59.05 -9.86
CA SER A 408 1.45 -58.74 -8.83
C SER A 408 0.72 -58.42 -7.52
N ASP A 409 0.27 -59.48 -6.85
CA ASP A 409 -0.21 -59.43 -5.47
C ASP A 409 -1.47 -58.57 -5.33
N GLN A 410 -1.32 -57.25 -5.46
CA GLN A 410 -2.39 -56.32 -5.12
C GLN A 410 -3.65 -56.62 -5.93
N ILE A 411 -4.80 -56.56 -5.23
CA ILE A 411 -6.15 -56.92 -5.69
C ILE A 411 -6.18 -58.32 -6.30
N LYS A 412 -7.07 -59.17 -5.78
CA LYS A 412 -7.11 -60.57 -6.16
C LYS A 412 -7.92 -60.75 -7.45
N ALA A 413 -8.08 -62.01 -7.87
CA ALA A 413 -8.77 -62.31 -9.11
C ALA A 413 -10.27 -62.05 -9.02
N GLU A 414 -10.83 -61.96 -7.82
CA GLU A 414 -12.25 -61.71 -7.64
C GLU A 414 -12.60 -60.23 -7.68
N ASP A 415 -11.74 -59.40 -8.26
CA ASP A 415 -11.98 -57.97 -8.33
C ASP A 415 -11.85 -57.42 -9.75
N ARG A 416 -11.63 -58.26 -10.75
CA ARG A 416 -11.48 -57.78 -12.12
C ARG A 416 -12.83 -57.62 -12.82
N ALA A 417 -13.78 -57.00 -12.12
CA ALA A 417 -15.05 -56.62 -12.71
C ALA A 417 -15.49 -55.21 -12.34
N ASN A 418 -15.00 -54.64 -11.24
CA ASN A 418 -15.41 -53.33 -10.76
C ASN A 418 -14.29 -52.30 -10.75
N VAL A 419 -13.04 -52.73 -10.57
CA VAL A 419 -11.92 -51.79 -10.69
C VAL A 419 -11.82 -51.26 -12.11
N LEU A 420 -11.96 -52.15 -13.10
CA LEU A 420 -11.97 -51.73 -14.50
C LEU A 420 -13.19 -50.86 -14.80
N ARG A 421 -14.28 -51.04 -14.05
CA ARG A 421 -15.45 -50.19 -14.22
C ARG A 421 -15.17 -48.75 -13.84
N ALA A 422 -14.35 -48.53 -12.80
CA ALA A 422 -14.05 -47.18 -12.37
C ALA A 422 -13.17 -46.45 -13.38
N LEU A 423 -12.24 -47.17 -13.99
CA LEU A 423 -11.35 -46.54 -14.97
C LEU A 423 -12.11 -46.05 -16.20
N LEU A 424 -13.05 -46.86 -16.68
CA LEU A 424 -13.82 -46.52 -17.89
C LEU A 424 -15.08 -45.73 -17.48
N LEU A 425 -14.86 -44.47 -17.15
CA LEU A 425 -15.92 -43.57 -16.71
C LEU A 425 -15.82 -42.25 -17.47
N LYS A 426 -16.66 -41.29 -17.07
CA LYS A 426 -16.74 -40.00 -17.74
C LYS A 426 -16.03 -38.94 -16.92
N HIS A 427 -15.21 -38.13 -17.58
CA HIS A 427 -14.46 -37.06 -16.93
C HIS A 427 -15.12 -35.71 -17.23
N SER A 428 -15.33 -34.91 -16.20
CA SER A 428 -16.03 -33.64 -16.30
C SER A 428 -15.13 -32.53 -15.76
N HIS A 429 -14.98 -31.45 -16.53
CA HIS A 429 -14.19 -30.26 -16.24
C HIS A 429 -15.10 -29.09 -15.87
N PRO A 430 -14.59 -28.13 -15.09
CA PRO A 430 -15.46 -27.00 -14.70
C PRO A 430 -15.81 -26.08 -15.85
N SER A 431 -14.84 -25.79 -16.74
CA SER A 431 -15.09 -24.92 -17.88
C SER A 431 -15.65 -25.73 -19.06
N ASP A 432 -16.78 -26.39 -18.81
CA ASP A 432 -17.41 -27.23 -19.81
C ASP A 432 -18.72 -26.60 -20.29
N LYS A 499 -11.32 -24.65 -30.08
CA LYS A 499 -12.09 -23.75 -30.94
C LYS A 499 -12.93 -22.78 -30.11
N SER A 500 -12.99 -23.01 -28.80
CA SER A 500 -13.73 -22.15 -27.89
C SER A 500 -12.81 -21.02 -27.41
N LYS A 501 -13.27 -20.28 -26.39
CA LYS A 501 -12.51 -19.16 -25.86
C LYS A 501 -11.55 -19.60 -24.76
N HIS A 502 -12.09 -20.25 -23.72
CA HIS A 502 -11.26 -20.69 -22.60
C HIS A 502 -10.21 -21.70 -23.05
N GLU A 503 -10.60 -22.65 -23.89
CA GLU A 503 -9.65 -23.65 -24.37
C GLU A 503 -8.53 -23.01 -25.18
N LEU A 504 -8.88 -22.07 -26.07
CA LEU A 504 -7.84 -21.40 -26.86
C LEU A 504 -6.91 -20.58 -25.98
N LYS A 505 -7.46 -19.86 -25.01
CA LYS A 505 -6.61 -19.07 -24.11
C LYS A 505 -5.67 -19.97 -23.31
N LEU A 506 -6.20 -21.06 -22.76
CA LEU A 506 -5.37 -21.95 -21.95
C LEU A 506 -4.31 -22.63 -22.79
N LEU A 507 -4.65 -23.01 -24.03
CA LEU A 507 -3.65 -23.59 -24.93
C LEU A 507 -2.58 -22.56 -25.28
N GLU A 508 -2.97 -21.30 -25.44
CA GLU A 508 -1.98 -20.25 -25.67
C GLU A 508 -1.05 -20.11 -24.48
N LYS A 509 -1.58 -20.26 -23.26
CA LYS A 509 -0.74 -20.15 -22.06
C LYS A 509 0.31 -21.27 -22.02
N ILE A 510 -0.07 -22.48 -22.39
CA ILE A 510 0.87 -23.61 -22.39
C ILE A 510 1.94 -23.37 -23.45
N PRO A 511 3.19 -23.79 -23.24
CA PRO A 511 4.18 -23.76 -24.32
C PRO A 511 3.73 -24.64 -25.49
N GLU A 512 4.26 -24.30 -26.68
CA GLU A 512 3.76 -24.90 -27.91
C GLU A 512 3.99 -26.40 -27.94
N ASN A 513 5.17 -26.85 -27.51
CA ASN A 513 5.52 -28.28 -27.51
C ASN A 513 5.64 -28.74 -26.07
N ALA A 514 4.53 -29.24 -25.52
CA ALA A 514 4.48 -29.69 -24.14
C ALA A 514 3.79 -31.05 -24.07
N GLU A 515 4.23 -31.87 -23.11
CA GLU A 515 3.60 -33.15 -22.83
C GLU A 515 2.76 -33.03 -21.56
N ALA A 516 1.71 -33.83 -21.49
CA ALA A 516 0.73 -33.73 -20.41
C ALA A 516 0.75 -34.99 -19.54
N THR A 517 0.26 -34.82 -18.32
CA THR A 517 0.18 -35.91 -17.35
C THR A 517 -1.11 -35.77 -16.56
N VAL A 518 -1.77 -36.90 -16.30
CA VAL A 518 -3.00 -36.95 -15.53
C VAL A 518 -2.78 -37.84 -14.32
N VAL A 519 -3.19 -37.36 -13.14
CA VAL A 519 -3.12 -38.15 -11.92
C VAL A 519 -4.53 -38.33 -11.38
N LEU A 520 -4.92 -39.59 -11.19
CA LEU A 520 -6.26 -39.96 -10.76
C LEU A 520 -6.17 -40.57 -9.37
N VAL A 521 -6.81 -39.94 -8.38
CA VAL A 521 -6.84 -40.42 -7.01
C VAL A 521 -8.28 -40.40 -6.52
N GLY A 522 -8.62 -41.38 -5.70
CA GLY A 522 -9.96 -41.44 -5.14
C GLY A 522 -10.09 -42.55 -4.13
N CYS A 523 -11.08 -42.42 -3.26
CA CYS A 523 -11.35 -43.41 -2.23
C CYS A 523 -12.40 -44.38 -2.72
N VAL A 524 -12.10 -45.67 -2.62
CA VAL A 524 -12.99 -46.74 -3.07
C VAL A 524 -13.27 -47.66 -1.89
N GLU A 525 -14.56 -47.91 -1.64
CA GLU A 525 -14.95 -48.69 -0.46
C GLU A 525 -14.70 -50.19 -0.65
N PHE A 526 -14.70 -50.69 -1.88
CA PHE A 526 -14.63 -52.12 -2.14
C PHE A 526 -13.21 -52.61 -2.43
N LEU A 527 -12.21 -51.98 -1.82
CA LEU A 527 -10.83 -52.43 -1.92
C LEU A 527 -10.33 -52.88 -0.55
N SER A 528 -9.11 -53.42 -0.53
CA SER A 528 -8.51 -53.96 0.68
C SER A 528 -7.31 -53.14 1.15
N ARG A 529 -6.32 -52.93 0.28
CA ARG A 529 -5.13 -52.16 0.60
C ARG A 529 -4.89 -51.17 -0.52
N PRO A 530 -4.20 -50.06 -0.24
CA PRO A 530 -3.99 -49.03 -1.28
C PRO A 530 -3.04 -49.54 -2.35
N THR A 531 -3.48 -49.44 -3.61
CA THR A 531 -2.74 -49.95 -4.74
C THR A 531 -2.30 -48.82 -5.66
N MET A 532 -1.21 -49.06 -6.38
CA MET A 532 -0.62 -48.05 -7.26
C MET A 532 -0.25 -48.67 -8.60
N ALA A 533 -0.30 -47.84 -9.64
CA ALA A 533 0.15 -48.20 -10.97
C ALA A 533 0.69 -46.96 -11.66
N PHE A 534 1.92 -47.07 -12.17
CA PHE A 534 2.59 -45.97 -12.86
C PHE A 534 2.98 -46.46 -14.24
N VAL A 535 2.58 -45.73 -15.27
CA VAL A 535 2.80 -46.14 -16.65
C VAL A 535 3.45 -45.01 -17.42
N ARG A 536 4.15 -45.37 -18.50
CA ARG A 536 4.72 -44.40 -19.43
C ARG A 536 4.56 -44.94 -20.84
N LEU A 537 3.71 -44.28 -21.62
CA LEU A 537 3.47 -44.70 -23.00
C LEU A 537 4.71 -44.44 -23.86
N ARG A 538 5.02 -45.40 -24.73
CA ARG A 538 6.20 -45.27 -25.59
C ARG A 538 6.05 -44.09 -26.54
N GLU A 539 4.87 -43.90 -27.11
CA GLU A 539 4.59 -42.80 -28.02
C GLU A 539 3.50 -41.91 -27.44
N ALA A 540 3.67 -40.61 -27.58
CA ALA A 540 2.68 -39.66 -27.08
C ALA A 540 1.41 -39.76 -27.91
N VAL A 541 0.31 -40.16 -27.27
CA VAL A 541 -0.98 -40.34 -27.94
C VAL A 541 -1.99 -39.44 -27.24
N GLU A 542 -2.83 -38.78 -28.03
CA GLU A 542 -3.87 -37.93 -27.47
C GLU A 542 -5.07 -38.77 -27.07
N LEU A 543 -5.53 -38.58 -25.83
CA LEU A 543 -6.69 -39.31 -25.33
C LEU A 543 -7.97 -38.61 -25.78
N ASP A 544 -9.11 -39.06 -25.26
CA ASP A 544 -10.40 -38.60 -25.78
C ASP A 544 -10.95 -37.40 -25.02
N ALA A 545 -11.19 -37.56 -23.72
CA ALA A 545 -11.83 -36.50 -22.95
C ALA A 545 -11.32 -36.37 -21.52
N VAL A 546 -10.28 -37.12 -21.13
CA VAL A 546 -9.80 -37.04 -19.75
C VAL A 546 -9.19 -35.67 -19.46
N LEU A 547 -8.53 -35.07 -20.46
CA LEU A 547 -7.84 -33.81 -20.28
C LEU A 547 -8.78 -32.63 -20.54
N GLU A 548 -8.22 -31.42 -20.49
CA GLU A 548 -8.98 -30.19 -20.71
C GLU A 548 -8.70 -29.56 -22.05
N VAL A 549 -7.51 -29.77 -22.61
CA VAL A 549 -7.14 -29.20 -23.90
C VAL A 549 -6.50 -30.29 -24.76
N PRO A 550 -6.55 -30.14 -26.09
CA PRO A 550 -5.97 -31.17 -26.96
C PRO A 550 -4.45 -31.19 -26.92
N VAL A 551 -3.89 -31.81 -25.88
CA VAL A 551 -2.44 -31.95 -25.75
C VAL A 551 -2.14 -33.41 -25.44
N PRO A 552 -1.18 -34.03 -26.12
CA PRO A 552 -0.91 -35.46 -25.90
C PRO A 552 -0.37 -35.72 -24.51
N VAL A 553 -0.66 -36.92 -24.00
CA VAL A 553 -0.23 -37.34 -22.68
C VAL A 553 0.98 -38.26 -22.82
N ARG A 554 1.81 -38.29 -21.79
CA ARG A 554 2.99 -39.14 -21.74
C ARG A 554 3.03 -40.03 -20.50
N PHE A 555 2.55 -39.53 -19.37
CA PHE A 555 2.50 -40.30 -18.14
C PHE A 555 1.07 -40.40 -17.65
N LEU A 556 0.79 -41.46 -16.88
CA LEU A 556 -0.51 -41.64 -16.25
C LEU A 556 -0.30 -42.31 -14.91
N PHE A 557 -0.72 -41.65 -13.85
CA PHE A 557 -0.56 -42.14 -12.48
C PHE A 557 -1.93 -42.30 -11.87
N LEU A 558 -2.25 -43.52 -11.43
CA LEU A 558 -3.55 -43.81 -10.85
C LEU A 558 -3.35 -44.42 -9.46
N LEU A 559 -4.23 -44.06 -8.53
CA LEU A 559 -4.12 -44.51 -7.15
C LEU A 559 -5.52 -44.77 -6.63
N LEU A 560 -5.76 -45.99 -6.13
CA LEU A 560 -7.03 -46.38 -5.55
C LEU A 560 -6.78 -47.11 -4.24
N GLY A 561 -7.65 -46.86 -3.26
CA GLY A 561 -7.53 -47.50 -1.97
C GLY A 561 -8.74 -47.28 -1.09
N PRO A 562 -8.87 -48.09 -0.05
CA PRO A 562 -10.01 -47.96 0.85
C PRO A 562 -9.94 -46.69 1.68
N SER A 563 -11.11 -46.20 2.08
CA SER A 563 -11.20 -45.06 2.97
C SER A 563 -10.99 -45.42 4.42
N SER A 564 -10.96 -46.72 4.75
CA SER A 564 -10.72 -47.14 6.13
C SER A 564 -9.32 -46.74 6.58
N ALA A 565 -8.33 -46.87 5.70
CA ALA A 565 -6.97 -46.47 6.04
C ALA A 565 -6.90 -44.97 6.27
N ASN A 566 -6.15 -44.57 7.30
CA ASN A 566 -6.06 -43.17 7.70
C ASN A 566 -5.06 -42.46 6.79
N MET A 567 -5.49 -42.22 5.55
CA MET A 567 -4.69 -41.53 4.55
C MET A 567 -5.53 -40.46 3.87
N ASP A 568 -4.88 -39.37 3.47
CA ASP A 568 -5.52 -38.30 2.72
C ASP A 568 -5.12 -38.48 1.25
N TYR A 569 -6.05 -38.98 0.44
CA TYR A 569 -5.72 -39.29 -0.95
C TYR A 569 -5.53 -38.02 -1.77
N HIS A 570 -6.29 -36.98 -1.49
CA HIS A 570 -6.14 -35.71 -2.21
C HIS A 570 -4.75 -35.12 -1.98
N GLU A 571 -4.27 -35.18 -0.74
CA GLU A 571 -2.93 -34.64 -0.45
C GLU A 571 -1.85 -35.45 -1.15
N ILE A 572 -2.02 -36.77 -1.21
CA ILE A 572 -1.05 -37.61 -1.93
C ILE A 572 -1.04 -37.27 -3.41
N GLY A 573 -2.24 -37.06 -3.98
CA GLY A 573 -2.30 -36.65 -5.37
C GLY A 573 -1.62 -35.31 -5.62
N ARG A 574 -1.84 -34.35 -4.72
CA ARG A 574 -1.16 -33.07 -4.84
C ARG A 574 0.35 -33.23 -4.75
N SER A 575 0.82 -34.08 -3.83
CA SER A 575 2.25 -34.29 -3.68
C SER A 575 2.86 -34.90 -4.93
N ILE A 576 2.20 -35.92 -5.50
CA ILE A 576 2.76 -36.56 -6.68
C ILE A 576 2.69 -35.63 -7.88
N SER A 577 1.66 -34.78 -7.96
CA SER A 577 1.63 -33.78 -9.03
C SER A 577 2.76 -32.78 -8.90
N THR A 578 3.03 -32.32 -7.68
CA THR A 578 4.13 -31.38 -7.47
C THR A 578 5.46 -32.03 -7.80
N LEU A 579 5.62 -33.31 -7.48
CA LEU A 579 6.83 -34.03 -7.86
C LEU A 579 6.96 -34.12 -9.37
N MET A 580 5.88 -34.47 -10.07
CA MET A 580 5.92 -34.62 -11.52
C MET A 580 6.07 -33.28 -12.24
N SER A 581 5.78 -32.17 -11.56
CA SER A 581 5.84 -30.86 -12.19
C SER A 581 7.21 -30.19 -12.07
N ASP A 582 8.20 -30.88 -11.52
CA ASP A 582 9.54 -30.33 -11.37
C ASP A 582 10.48 -30.90 -12.43
N LYS A 583 11.49 -30.11 -12.78
CA LYS A 583 12.37 -30.46 -13.90
C LYS A 583 13.17 -31.72 -13.62
N GLN A 584 13.86 -31.76 -12.48
CA GLN A 584 14.78 -32.85 -12.16
C GLN A 584 14.07 -34.17 -11.89
N PHE A 585 12.74 -34.16 -11.74
CA PHE A 585 12.02 -35.41 -11.53
C PHE A 585 11.48 -36.01 -12.82
N HIS A 586 10.89 -35.21 -13.70
CA HIS A 586 10.43 -35.76 -14.97
C HIS A 586 11.61 -36.02 -15.91
N GLU A 587 12.68 -35.23 -15.78
CA GLU A 587 13.90 -35.47 -16.52
C GLU A 587 14.54 -36.80 -16.18
N ALA A 588 14.28 -37.33 -14.99
CA ALA A 588 14.71 -38.68 -14.62
C ALA A 588 13.65 -39.73 -14.87
N ALA A 589 12.36 -39.34 -14.86
CA ALA A 589 11.30 -40.27 -15.24
C ALA A 589 11.43 -40.66 -16.70
N TYR A 590 11.87 -39.72 -17.55
CA TYR A 590 12.15 -40.07 -18.94
C TYR A 590 13.17 -41.19 -19.05
N LEU A 591 14.25 -41.10 -18.28
CA LEU A 591 15.32 -42.09 -18.32
C LEU A 591 15.10 -43.26 -17.36
N ALA A 592 14.04 -43.20 -16.55
CA ALA A 592 13.82 -44.26 -15.56
C ALA A 592 13.47 -45.57 -16.24
N ASP A 593 13.93 -46.67 -15.64
CA ASP A 593 13.60 -48.00 -16.12
C ASP A 593 13.26 -48.98 -15.01
N GLU A 594 13.23 -48.53 -13.74
CA GLU A 594 12.93 -49.40 -12.62
C GLU A 594 12.49 -48.52 -11.45
N ARG A 595 11.88 -49.16 -10.46
CA ARG A 595 11.43 -48.43 -9.27
C ARG A 595 12.59 -47.80 -8.52
N GLU A 596 13.79 -48.36 -8.64
CA GLU A 596 14.95 -47.80 -7.96
C GLU A 596 15.24 -46.39 -8.45
N ASP A 597 15.11 -46.15 -9.75
CA ASP A 597 15.32 -44.81 -10.29
C ASP A 597 14.30 -43.82 -9.73
N LEU A 598 13.04 -44.24 -9.63
CA LEU A 598 12.02 -43.36 -9.07
C LEU A 598 12.29 -43.04 -7.60
N LEU A 599 12.69 -44.04 -6.82
CA LEU A 599 13.02 -43.81 -5.42
C LEU A 599 14.22 -42.87 -5.29
N THR A 600 15.24 -43.06 -6.13
CA THR A 600 16.40 -42.17 -6.11
C THR A 600 16.02 -40.75 -6.48
N ALA A 601 15.13 -40.60 -7.47
CA ALA A 601 14.67 -39.27 -7.86
C ALA A 601 13.91 -38.60 -6.73
N ILE A 602 13.04 -39.35 -6.04
CA ILE A 602 12.32 -38.79 -4.90
C ILE A 602 13.28 -38.35 -3.81
N ASN A 603 14.27 -39.20 -3.50
CA ASN A 603 15.23 -38.87 -2.46
C ASN A 603 16.05 -37.63 -2.82
N ALA A 604 16.46 -37.52 -4.08
CA ALA A 604 17.22 -36.35 -4.51
C ALA A 604 16.35 -35.10 -4.53
N PHE A 605 15.05 -35.25 -4.79
CA PHE A 605 14.15 -34.10 -4.73
C PHE A 605 13.95 -33.64 -3.29
N LEU A 606 13.89 -34.58 -2.36
CA LEU A 606 13.65 -34.21 -0.96
C LEU A 606 14.78 -33.37 -0.39
N ASP A 607 16.03 -33.71 -0.73
CA ASP A 607 17.15 -32.95 -0.20
C ASP A 607 17.42 -31.70 -1.02
N CYS A 608 16.36 -30.95 -1.33
CA CYS A 608 16.49 -29.63 -1.94
C CYS A 608 15.43 -28.66 -1.44
N SER A 609 14.63 -29.06 -0.44
CA SER A 609 13.43 -28.32 -0.05
C SER A 609 13.70 -27.45 1.18
N VAL A 610 12.71 -26.60 1.48
CA VAL A 610 12.75 -25.71 2.63
C VAL A 610 11.59 -26.09 3.55
N VAL A 611 11.92 -26.65 4.71
CA VAL A 611 10.92 -27.12 5.66
C VAL A 611 10.53 -25.99 6.59
N LEU A 612 9.23 -25.76 6.72
CA LEU A 612 8.71 -24.75 7.64
C LEU A 612 8.25 -25.40 8.94
N PRO A 613 8.46 -24.76 10.08
CA PRO A 613 8.07 -25.35 11.35
C PRO A 613 6.57 -25.24 11.58
N PRO A 614 6.00 -26.06 12.47
CA PRO A 614 4.56 -26.00 12.77
C PRO A 614 4.19 -24.84 13.70
N SER A 615 4.57 -23.63 13.31
CA SER A 615 4.28 -22.42 14.07
C SER A 615 3.34 -21.54 13.27
N GLU A 616 2.30 -21.01 13.93
CA GLU A 616 1.32 -20.18 13.24
C GLU A 616 1.97 -18.91 12.72
N VAL A 617 1.69 -18.59 11.45
CA VAL A 617 2.17 -17.35 10.85
C VAL A 617 1.17 -16.24 11.13
N GLN A 618 1.69 -15.02 11.34
CA GLN A 618 0.86 -13.90 11.77
C GLN A 618 1.05 -12.66 10.90
N GLY A 619 1.44 -12.82 9.64
CA GLY A 619 1.57 -11.66 8.77
C GLY A 619 2.70 -11.72 7.77
N GLU A 620 3.57 -10.71 7.81
CA GLU A 620 4.66 -10.56 6.85
C GLU A 620 5.92 -11.31 7.28
N GLU A 621 5.76 -12.34 8.12
CA GLU A 621 6.92 -13.16 8.50
C GLU A 621 7.47 -13.93 7.32
N LEU A 622 6.60 -14.31 6.37
CA LEU A 622 7.03 -15.07 5.20
C LEU A 622 7.45 -14.14 4.05
N LEU A 623 8.27 -13.14 4.36
CA LEU A 623 8.86 -12.29 3.33
C LEU A 623 10.34 -12.01 3.57
N ARG A 624 10.82 -12.06 4.81
CA ARG A 624 12.24 -11.89 5.10
C ARG A 624 13.03 -13.16 4.83
N SER A 625 12.54 -14.29 5.30
CA SER A 625 13.32 -15.54 5.23
C SER A 625 13.20 -16.20 3.86
N VAL A 626 11.98 -16.64 3.51
CA VAL A 626 11.81 -17.73 2.55
C VAL A 626 12.49 -17.43 1.21
N ALA A 627 12.22 -16.25 0.65
CA ALA A 627 12.73 -15.94 -0.68
C ALA A 627 14.26 -15.89 -0.70
N HIS A 628 14.84 -15.12 0.22
CA HIS A 628 16.30 -14.99 0.26
C HIS A 628 16.96 -16.31 0.60
N PHE A 629 16.38 -17.08 1.53
CA PHE A 629 16.94 -18.37 1.89
C PHE A 629 16.93 -19.33 0.72
N GLN A 630 15.81 -19.38 -0.02
CA GLN A 630 15.74 -20.26 -1.19
C GLN A 630 16.75 -19.83 -2.25
N ARG A 631 16.85 -18.53 -2.52
CA ARG A 631 17.81 -18.06 -3.51
C ARG A 631 19.24 -18.39 -3.11
N GLN A 632 19.58 -18.15 -1.84
CA GLN A 632 20.94 -18.42 -1.36
C GLN A 632 21.24 -19.92 -1.42
N MET A 633 20.27 -20.75 -1.02
CA MET A 633 20.49 -22.20 -1.05
C MET A 633 20.67 -22.70 -2.47
N LEU A 634 19.86 -22.21 -3.41
CA LEU A 634 20.00 -22.63 -4.81
C LEU A 634 21.33 -22.17 -5.37
N LYS A 635 21.75 -20.94 -5.06
CA LYS A 635 23.04 -20.45 -5.53
C LYS A 635 24.19 -21.28 -4.98
N LYS A 636 24.12 -21.63 -3.69
CA LYS A 636 25.17 -22.44 -3.09
C LYS A 636 25.20 -23.84 -3.70
N ARG A 637 24.03 -24.43 -3.94
CA ARG A 637 23.98 -25.75 -4.54
C ARG A 637 24.54 -25.74 -5.96
N GLU A 638 24.19 -24.73 -6.76
CA GLU A 638 24.67 -24.68 -8.13
C GLU A 638 26.16 -24.36 -8.19
N GLU A 639 26.64 -23.48 -7.30
CA GLU A 639 28.05 -23.09 -7.34
C GLU A 639 28.96 -24.26 -7.02
N GLN A 640 28.62 -25.04 -6.00
CA GLN A 640 29.45 -26.20 -5.65
C GLN A 640 29.17 -27.41 -6.54
N GLY A 641 27.99 -27.49 -7.14
CA GLY A 641 27.69 -28.61 -8.02
C GLY A 641 28.53 -28.61 -9.28
N ARG A 642 28.75 -27.43 -9.86
CA ARG A 642 29.52 -27.32 -11.10
C ARG A 642 30.12 -25.93 -11.24
N ASP A 673 29.92 -2.91 -27.76
CA ASP A 673 30.37 -1.76 -26.99
C ASP A 673 30.54 -0.54 -27.88
N PRO A 674 29.45 0.20 -28.08
CA PRO A 674 29.53 1.40 -28.94
C PRO A 674 30.50 2.44 -28.43
N LEU A 675 30.65 2.58 -27.12
CA LEU A 675 31.54 3.58 -26.54
C LEU A 675 32.96 3.00 -26.42
N ARG A 676 33.61 2.88 -27.59
CA ARG A 676 34.96 2.35 -27.68
C ARG A 676 35.77 3.24 -28.60
N ARG A 677 36.81 3.86 -28.06
CA ARG A 677 37.69 4.68 -28.88
C ARG A 677 38.51 3.81 -29.83
N THR A 678 38.63 4.26 -31.07
CA THR A 678 39.34 3.51 -32.10
C THR A 678 40.62 4.18 -32.57
N GLY A 679 40.91 5.40 -32.11
CA GLY A 679 42.10 6.10 -32.54
C GLY A 679 42.06 6.66 -33.93
N ARG A 680 40.88 6.71 -34.56
CA ARG A 680 40.73 7.21 -35.92
C ARG A 680 39.78 8.41 -35.92
N PRO A 681 40.16 9.52 -36.53
CA PRO A 681 39.27 10.68 -36.55
C PRO A 681 37.96 10.37 -37.26
N PHE A 682 36.87 10.87 -36.69
CA PHE A 682 35.52 10.69 -37.23
C PHE A 682 35.20 9.20 -37.42
N GLY A 683 35.65 8.37 -36.49
CA GLY A 683 35.36 6.95 -36.56
C GLY A 683 34.01 6.58 -35.99
N GLY A 684 33.57 7.28 -34.95
CA GLY A 684 32.27 6.98 -34.37
C GLY A 684 31.13 7.23 -35.33
N LEU A 685 31.21 8.32 -36.10
CA LEU A 685 30.18 8.60 -37.09
C LEU A 685 30.08 7.46 -38.11
N ILE A 686 31.22 6.98 -38.59
CA ILE A 686 31.23 5.89 -39.56
C ILE A 686 30.65 4.62 -38.94
N ARG A 687 31.06 4.31 -37.70
CA ARG A 687 30.60 3.08 -37.06
C ARG A 687 29.09 3.10 -36.82
N ASP A 688 28.55 4.25 -36.40
CA ASP A 688 27.11 4.35 -36.16
C ASP A 688 26.30 4.63 -37.41
N VAL A 689 26.93 4.97 -38.54
CA VAL A 689 26.19 5.10 -39.79
C VAL A 689 26.22 3.81 -40.60
N ARG A 690 27.20 2.94 -40.37
CA ARG A 690 27.27 1.67 -41.09
C ARG A 690 26.30 0.62 -40.56
N ARG A 691 25.57 0.91 -39.49
CA ARG A 691 24.64 -0.04 -38.90
C ARG A 691 23.18 0.32 -39.13
N ARG A 692 22.79 1.56 -38.82
CA ARG A 692 21.38 1.93 -38.88
C ARG A 692 20.91 2.12 -40.31
N TYR A 693 21.75 2.71 -41.16
CA TYR A 693 21.34 3.08 -42.51
C TYR A 693 21.11 1.87 -43.42
N PRO A 694 21.87 0.78 -43.29
CA PRO A 694 21.50 -0.44 -44.05
C PRO A 694 20.07 -0.89 -43.81
N HIS A 695 19.58 -0.77 -42.57
CA HIS A 695 18.21 -1.14 -42.25
C HIS A 695 17.28 0.07 -42.35
N TYR A 696 17.31 0.72 -43.51
CA TYR A 696 16.51 1.93 -43.73
C TYR A 696 15.11 1.60 -44.23
N LEU A 697 14.99 0.70 -45.22
CA LEU A 697 13.69 0.33 -45.75
C LEU A 697 12.85 -0.44 -44.73
N SER A 698 13.47 -0.95 -43.67
CA SER A 698 12.75 -1.64 -42.61
C SER A 698 12.19 -0.68 -41.57
N ASP A 699 12.39 0.62 -41.74
CA ASP A 699 11.87 1.63 -40.83
C ASP A 699 10.59 2.30 -41.33
N PHE A 700 10.28 2.19 -42.62
CA PHE A 700 9.07 2.78 -43.18
C PHE A 700 8.02 1.75 -43.55
N ARG A 701 8.27 0.47 -43.26
CA ARG A 701 7.32 -0.59 -43.58
C ARG A 701 6.89 -1.43 -42.40
N ASP A 702 7.62 -1.41 -41.28
CA ASP A 702 7.23 -2.13 -40.08
C ASP A 702 6.26 -1.33 -39.20
N ALA A 703 5.62 -0.30 -39.76
CA ALA A 703 4.70 0.55 -39.02
C ALA A 703 3.30 0.52 -39.62
N LEU A 704 2.99 -0.52 -40.38
CA LEU A 704 1.63 -0.70 -40.90
C LEU A 704 0.77 -1.51 -39.94
N ASP A 705 0.74 -1.07 -38.70
CA ASP A 705 0.04 -1.75 -37.62
C ASP A 705 -0.81 -0.76 -36.84
N PRO A 706 -1.92 -1.23 -36.25
CA PRO A 706 -2.80 -0.30 -35.51
C PRO A 706 -2.14 0.34 -34.31
N GLN A 707 -1.10 -0.28 -33.74
CA GLN A 707 -0.49 0.26 -32.53
C GLN A 707 0.17 1.60 -32.78
N CYS A 708 0.81 1.78 -33.95
CA CYS A 708 1.39 3.07 -34.28
C CYS A 708 0.33 4.15 -34.38
N LEU A 709 -0.80 3.84 -35.02
CA LEU A 709 -1.89 4.80 -35.12
C LEU A 709 -2.45 5.15 -33.76
N ALA A 710 -2.59 4.15 -32.89
CA ALA A 710 -3.07 4.43 -31.53
C ALA A 710 -2.08 5.28 -30.75
N ALA A 711 -0.79 5.01 -30.92
CA ALA A 711 0.24 5.74 -30.17
C ALA A 711 0.32 7.19 -30.60
N VAL A 712 0.38 7.44 -31.91
CA VAL A 712 0.63 8.78 -32.42
C VAL A 712 -0.45 9.77 -32.00
N ILE A 713 -1.64 9.28 -31.66
CA ILE A 713 -2.71 10.18 -31.19
C ILE A 713 -2.36 10.73 -29.81
N PHE A 714 -1.91 9.87 -28.90
CA PHE A 714 -1.62 10.28 -27.53
C PHE A 714 -0.21 10.83 -27.36
N ILE A 715 0.69 10.60 -28.32
CA ILE A 715 2.00 11.23 -28.24
C ILE A 715 1.92 12.69 -28.67
N TYR A 716 0.94 13.03 -29.51
CA TYR A 716 0.77 14.42 -29.92
C TYR A 716 0.46 15.31 -28.73
N PHE A 717 -0.44 14.88 -27.85
CA PHE A 717 -0.76 15.68 -26.66
C PHE A 717 0.42 15.78 -25.72
N ALA A 718 1.16 14.69 -25.53
CA ALA A 718 2.31 14.70 -24.65
C ALA A 718 3.45 15.55 -25.18
N ALA A 719 3.55 15.71 -26.51
CA ALA A 719 4.55 16.59 -27.09
C ALA A 719 4.07 18.03 -27.23
N LEU A 720 2.76 18.26 -27.20
CA LEU A 720 2.21 19.61 -27.32
C LEU A 720 2.06 20.31 -25.97
N SER A 721 1.76 19.56 -24.91
CA SER A 721 1.54 20.20 -23.61
C SER A 721 2.76 20.96 -23.10
N PRO A 722 3.98 20.40 -23.12
CA PRO A 722 5.14 21.21 -22.71
C PRO A 722 5.48 22.33 -23.69
N ALA A 723 4.99 22.27 -24.92
CA ALA A 723 5.33 23.30 -25.91
C ALA A 723 4.72 24.65 -25.53
N ILE A 724 3.52 24.65 -24.98
CA ILE A 724 2.88 25.91 -24.59
C ILE A 724 3.17 26.25 -23.13
N THR A 725 3.33 25.26 -22.26
CA THR A 725 3.64 25.53 -20.87
C THR A 725 4.99 26.20 -20.72
N PHE A 726 6.01 25.69 -21.42
CA PHE A 726 7.33 26.31 -21.40
C PHE A 726 7.41 27.53 -22.29
N GLY A 727 6.48 27.69 -23.25
CA GLY A 727 6.50 28.85 -24.11
C GLY A 727 5.88 30.08 -23.49
N GLY A 728 4.83 29.90 -22.69
CA GLY A 728 4.19 31.05 -22.06
C GLY A 728 5.12 31.76 -21.09
N LEU A 729 5.82 30.98 -20.25
CA LEU A 729 6.74 31.59 -19.30
C LEU A 729 7.89 32.28 -20.01
N LEU A 730 8.42 31.67 -21.08
CA LEU A 730 9.51 32.28 -21.83
C LEU A 730 9.07 33.58 -22.49
N GLY A 731 7.85 33.59 -23.03
CA GLY A 731 7.33 34.82 -23.62
C GLY A 731 7.07 35.89 -22.58
N GLU A 732 6.60 35.50 -21.40
CA GLU A 732 6.35 36.47 -20.34
C GLU A 732 7.64 37.09 -19.81
N LYS A 733 8.67 36.26 -19.59
CA LYS A 733 9.89 36.75 -18.98
C LYS A 733 10.74 37.56 -19.94
N THR A 734 10.80 37.19 -21.21
CA THR A 734 11.64 37.86 -22.19
C THR A 734 10.93 38.98 -22.92
N GLN A 735 9.85 39.52 -22.34
CA GLN A 735 9.07 40.61 -22.95
C GLN A 735 8.59 40.22 -24.35
N ASP A 736 8.17 38.98 -24.51
CA ASP A 736 7.64 38.45 -25.76
C ASP A 736 8.66 38.53 -26.89
N LEU A 737 9.95 38.45 -26.56
CA LEU A 737 10.97 38.36 -27.60
C LEU A 737 10.98 36.97 -28.22
N ILE A 738 10.87 35.93 -27.40
CA ILE A 738 10.74 34.55 -27.85
C ILE A 738 9.50 33.98 -27.18
N GLY A 739 8.41 33.86 -27.94
CA GLY A 739 7.14 33.44 -27.42
C GLY A 739 6.84 31.97 -27.67
N VAL A 740 5.54 31.66 -27.70
CA VAL A 740 5.13 30.27 -27.92
C VAL A 740 5.17 29.91 -29.40
N SER A 741 5.00 30.90 -30.28
CA SER A 741 5.03 30.63 -31.71
C SER A 741 6.40 30.12 -32.15
N GLU A 742 7.47 30.75 -31.65
CA GLU A 742 8.81 30.31 -32.00
C GLU A 742 9.11 28.93 -31.43
N LEU A 743 8.63 28.65 -30.22
CA LEU A 743 8.87 27.33 -29.62
C LEU A 743 8.17 26.23 -30.40
N ILE A 744 6.95 26.49 -30.87
CA ILE A 744 6.24 25.50 -31.68
C ILE A 744 6.91 25.35 -33.03
N MET A 745 7.31 26.46 -33.65
CA MET A 745 7.92 26.39 -34.98
C MET A 745 9.31 25.77 -34.93
N SER A 746 10.04 25.95 -33.82
CA SER A 746 11.36 25.38 -33.71
C SER A 746 11.31 23.87 -33.50
N THR A 747 10.29 23.37 -32.81
CA THR A 747 10.18 21.94 -32.57
C THR A 747 9.93 21.17 -33.86
N ALA A 748 9.13 21.75 -34.77
CA ALA A 748 8.76 21.04 -35.99
C ALA A 748 9.93 20.95 -36.96
N LEU A 749 10.72 22.02 -37.07
CA LEU A 749 11.83 22.03 -38.03
C LEU A 749 12.92 21.04 -37.63
N GLN A 750 13.31 21.04 -36.36
CA GLN A 750 14.36 20.14 -35.91
C GLN A 750 13.86 18.71 -35.75
N GLY A 751 12.61 18.53 -35.32
CA GLY A 751 12.08 17.19 -35.14
C GLY A 751 12.01 16.41 -36.43
N VAL A 752 11.55 17.05 -37.51
CA VAL A 752 11.45 16.37 -38.80
C VAL A 752 12.84 15.97 -39.30
N VAL A 753 13.81 16.88 -39.19
CA VAL A 753 15.16 16.58 -39.63
C VAL A 753 15.75 15.43 -38.83
N PHE A 754 15.57 15.45 -37.51
CA PHE A 754 16.10 14.38 -36.67
C PHE A 754 15.44 13.05 -36.98
N CYS A 755 14.12 13.05 -37.22
CA CYS A 755 13.44 11.79 -37.54
C CYS A 755 13.89 11.24 -38.89
N LEU A 756 14.07 12.11 -39.88
CA LEU A 756 14.43 11.64 -41.21
C LEU A 756 15.91 11.26 -41.32
N LEU A 757 16.79 11.90 -40.56
CA LEU A 757 18.23 11.75 -40.76
C LEU A 757 18.94 11.18 -39.53
N GLY A 758 18.27 11.08 -38.39
CA GLY A 758 18.93 10.63 -37.19
C GLY A 758 19.10 9.12 -37.13
N ALA A 759 19.90 8.69 -36.15
CA ALA A 759 20.18 7.26 -35.96
C ALA A 759 19.27 6.61 -34.94
N GLN A 760 18.73 7.37 -33.99
CA GLN A 760 17.83 6.86 -32.96
C GLN A 760 16.52 7.62 -33.07
N PRO A 761 15.56 7.12 -33.85
CA PRO A 761 14.31 7.85 -34.08
C PRO A 761 13.31 7.75 -32.93
N LEU A 762 13.63 7.04 -31.86
CA LEU A 762 12.74 6.98 -30.70
C LEU A 762 12.86 8.20 -29.81
N LEU A 763 13.85 9.06 -30.03
CA LEU A 763 14.01 10.28 -29.25
C LEU A 763 13.12 11.37 -29.83
N VAL A 764 12.31 11.99 -28.98
CA VAL A 764 11.53 13.17 -29.34
C VAL A 764 12.19 14.37 -28.68
N ILE A 765 12.57 15.35 -29.49
CA ILE A 765 13.33 16.49 -29.02
C ILE A 765 12.42 17.67 -28.75
N GLY A 766 12.69 18.39 -27.67
CA GLY A 766 11.88 19.53 -27.29
C GLY A 766 12.54 20.30 -26.18
N PHE A 767 11.95 21.46 -25.87
CA PHE A 767 12.47 22.33 -24.82
C PHE A 767 12.32 21.67 -23.47
N SER A 768 13.32 21.85 -22.60
CA SER A 768 13.34 21.23 -21.28
C SER A 768 13.49 22.30 -20.20
N GLY A 769 13.60 21.82 -18.96
CA GLY A 769 13.71 22.69 -17.80
C GLY A 769 15.04 23.43 -17.68
N PRO A 770 16.15 22.69 -17.64
CA PRO A 770 17.46 23.34 -17.50
C PRO A 770 17.75 24.35 -18.59
N LEU A 771 17.31 24.11 -19.83
CA LEU A 771 17.49 25.10 -20.88
C LEU A 771 16.72 26.38 -20.57
N LEU A 772 15.51 26.25 -20.04
CA LEU A 772 14.73 27.43 -19.65
C LEU A 772 15.42 28.18 -18.53
N VAL A 773 15.95 27.46 -17.54
CA VAL A 773 16.67 28.11 -16.44
C VAL A 773 17.89 28.85 -16.96
N PHE A 774 18.64 28.21 -17.87
CA PHE A 774 19.80 28.86 -18.46
C PHE A 774 19.42 30.10 -19.25
N GLU A 775 18.32 30.02 -20.01
CA GLU A 775 17.86 31.18 -20.78
C GLU A 775 17.47 32.32 -19.87
N GLU A 776 16.74 32.03 -18.79
CA GLU A 776 16.33 33.11 -17.89
C GLU A 776 17.49 33.67 -17.09
N ALA A 777 18.54 32.87 -16.87
CA ALA A 777 19.73 33.39 -16.22
C ALA A 777 20.56 34.25 -17.16
N PHE A 778 20.60 33.88 -18.44
CA PHE A 778 21.38 34.63 -19.41
C PHE A 778 20.68 35.93 -19.81
N PHE A 779 19.35 35.95 -19.79
CA PHE A 779 18.63 37.17 -20.15
C PHE A 779 18.94 38.31 -19.19
N SER A 780 18.99 38.00 -17.88
CA SER A 780 19.29 39.04 -16.90
C SER A 780 20.73 39.52 -17.02
N PHE A 781 21.65 38.65 -17.43
CA PHE A 781 23.04 39.05 -17.57
C PHE A 781 23.21 40.11 -18.66
N CYS A 782 22.48 39.96 -19.76
CA CYS A 782 22.59 40.93 -20.86
C CYS A 782 21.93 42.25 -20.52
N SER A 783 20.85 42.23 -19.74
CA SER A 783 20.16 43.47 -19.38
C SER A 783 21.02 44.35 -18.50
N SER A 784 21.78 43.75 -17.57
CA SER A 784 22.62 44.53 -16.67
C SER A 784 23.71 45.27 -17.42
N ASN A 785 24.30 44.65 -18.43
CA ASN A 785 25.40 45.24 -19.17
C ASN A 785 24.95 46.09 -20.35
N HIS A 786 23.65 46.27 -20.54
CA HIS A 786 23.09 47.09 -21.61
C HIS A 786 23.53 46.58 -22.98
N LEU A 787 23.17 45.32 -23.25
CA LEU A 787 23.51 44.66 -24.51
C LEU A 787 22.26 44.04 -25.11
N GLU A 788 22.29 43.87 -26.43
CA GLU A 788 21.19 43.20 -27.12
C GLU A 788 21.18 41.72 -26.75
N TYR A 789 19.99 41.15 -26.67
CA TYR A 789 19.84 39.76 -26.22
C TYR A 789 19.83 38.77 -27.36
N LEU A 790 19.23 39.14 -28.51
CA LEU A 790 19.14 38.19 -29.62
C LEU A 790 20.50 37.94 -30.27
N VAL A 791 21.37 38.94 -30.32
CA VAL A 791 22.65 38.76 -31.01
C VAL A 791 23.65 38.01 -30.12
N GLY A 792 23.54 38.14 -28.80
CA GLY A 792 24.36 37.32 -27.93
C GLY A 792 24.09 35.84 -28.10
N ARG A 793 22.82 35.48 -28.26
CA ARG A 793 22.46 34.08 -28.47
C ARG A 793 23.03 33.56 -29.79
N VAL A 794 22.95 34.35 -30.85
CA VAL A 794 23.47 33.89 -32.14
C VAL A 794 25.00 33.79 -32.11
N TRP A 795 25.67 34.67 -31.34
CA TRP A 795 27.12 34.54 -31.25
C TRP A 795 27.54 33.38 -30.36
N ILE A 796 26.71 33.01 -29.38
CA ILE A 796 26.97 31.77 -28.64
C ILE A 796 26.74 30.56 -29.52
N GLY A 797 25.74 30.63 -30.41
CA GLY A 797 25.42 29.49 -31.25
C GLY A 797 26.54 29.10 -32.19
N PHE A 798 27.27 30.09 -32.70
CA PHE A 798 28.37 29.80 -33.62
C PHE A 798 29.47 28.99 -32.93
N TRP A 799 29.82 29.36 -31.69
CA TRP A 799 30.83 28.62 -30.95
C TRP A 799 30.36 27.23 -30.53
N LEU A 800 29.05 26.99 -30.56
CA LEU A 800 28.54 25.68 -30.16
C LEU A 800 28.80 24.63 -31.24
N VAL A 801 28.84 25.03 -32.50
CA VAL A 801 29.10 24.09 -33.58
C VAL A 801 30.57 23.64 -33.55
N PHE A 802 31.49 24.57 -33.31
CA PHE A 802 32.91 24.23 -33.28
C PHE A 802 33.21 23.21 -32.20
N LEU A 803 32.63 23.39 -31.01
CA LEU A 803 32.83 22.43 -29.93
C LEU A 803 32.23 21.07 -30.29
N ALA A 804 31.08 21.06 -30.97
CA ALA A 804 30.47 19.80 -31.37
C ALA A 804 31.35 19.04 -32.36
N LEU A 805 31.92 19.75 -33.34
CA LEU A 805 32.82 19.10 -34.29
C LEU A 805 34.10 18.62 -33.61
N LEU A 806 34.65 19.43 -32.69
CA LEU A 806 35.86 19.02 -31.99
C LEU A 806 35.61 17.78 -31.12
N MET A 807 34.47 17.72 -30.45
CA MET A 807 34.19 16.59 -29.56
C MET A 807 33.99 15.30 -30.34
N VAL A 808 33.29 15.37 -31.47
CA VAL A 808 32.98 14.16 -32.24
C VAL A 808 34.25 13.60 -32.88
N ALA A 809 35.11 14.47 -33.41
CA ALA A 809 36.31 14.01 -34.09
C ALA A 809 37.25 13.26 -33.14
N LEU A 810 37.25 13.61 -31.86
CA LEU A 810 38.11 12.97 -30.87
C LEU A 810 37.40 11.87 -30.11
N GLU A 811 36.15 11.56 -30.45
CA GLU A 811 35.35 10.53 -29.77
C GLU A 811 35.36 10.75 -28.26
N GLY A 812 34.89 11.91 -27.83
CA GLY A 812 34.77 12.25 -26.44
C GLY A 812 33.47 11.82 -25.79
N SER A 813 32.60 11.12 -26.52
CA SER A 813 31.31 10.72 -25.99
C SER A 813 31.40 9.62 -24.94
N PHE A 814 32.57 9.02 -24.75
CA PHE A 814 32.73 7.97 -23.75
C PHE A 814 32.77 8.49 -22.32
N LEU A 815 32.83 9.82 -22.14
CA LEU A 815 32.88 10.38 -20.79
C LEU A 815 31.56 10.23 -20.05
N VAL A 816 30.48 9.91 -20.74
CA VAL A 816 29.17 9.77 -20.10
C VAL A 816 29.18 8.64 -19.08
N ARG A 817 30.11 7.70 -19.19
CA ARG A 817 30.23 6.63 -18.20
C ARG A 817 30.67 7.15 -16.84
N PHE A 818 31.28 8.33 -16.78
CA PHE A 818 31.78 8.87 -15.53
C PHE A 818 30.74 9.69 -14.76
N VAL A 819 29.57 9.94 -15.35
CA VAL A 819 28.50 10.65 -14.66
C VAL A 819 27.65 9.59 -13.96
N SER A 820 27.82 9.49 -12.65
CA SER A 820 27.18 8.45 -11.86
C SER A 820 25.86 8.96 -11.29
N ARG A 821 25.26 8.18 -10.38
CA ARG A 821 24.00 8.55 -9.77
C ARG A 821 24.16 9.66 -8.74
N PHE A 822 25.39 9.91 -8.28
CA PHE A 822 25.61 10.96 -7.28
C PHE A 822 25.27 12.33 -7.85
N THR A 823 25.60 12.57 -9.13
CA THR A 823 25.34 13.85 -9.77
C THR A 823 23.95 13.94 -10.36
N GLN A 824 23.38 12.81 -10.79
CA GLN A 824 22.12 12.83 -11.53
C GLN A 824 20.93 13.24 -10.68
N GLU A 825 21.03 13.17 -9.35
CA GLU A 825 19.88 13.46 -8.50
C GLU A 825 19.93 14.86 -7.91
N ILE A 826 21.12 15.40 -7.67
CA ILE A 826 21.22 16.79 -7.21
C ILE A 826 20.66 17.73 -8.26
N PHE A 827 20.97 17.46 -9.53
CA PHE A 827 20.44 18.26 -10.63
C PHE A 827 18.92 18.23 -10.65
N ALA A 828 18.34 17.03 -10.52
CA ALA A 828 16.88 16.90 -10.54
C ALA A 828 16.24 17.63 -9.37
N PHE A 829 16.84 17.50 -8.17
CA PHE A 829 16.28 18.19 -7.01
C PHE A 829 16.34 19.69 -7.18
N LEU A 830 17.44 20.21 -7.73
CA LEU A 830 17.56 21.64 -7.98
C LEU A 830 16.49 22.12 -8.96
N ILE A 831 16.33 21.42 -10.08
CA ILE A 831 15.39 21.83 -11.11
C ILE A 831 13.96 21.73 -10.59
N SER A 832 13.73 20.79 -9.67
CA SER A 832 12.40 20.65 -9.10
C SER A 832 12.09 21.71 -8.04
N LEU A 833 13.12 22.22 -7.35
CA LEU A 833 12.89 23.34 -6.43
C LEU A 833 12.70 24.65 -7.17
N ILE A 834 13.39 24.81 -8.31
CA ILE A 834 13.31 26.05 -9.07
C ILE A 834 11.87 26.31 -9.52
N PHE A 835 11.19 25.26 -10.00
CA PHE A 835 9.83 25.44 -10.52
C PHE A 835 8.88 25.91 -9.43
N ILE A 836 8.97 25.29 -8.24
CA ILE A 836 8.11 25.68 -7.12
C ILE A 836 8.40 27.12 -6.71
N TYR A 837 9.67 27.48 -6.61
CA TYR A 837 10.01 28.85 -6.24
C TYR A 837 9.45 29.84 -7.24
N GLU A 838 9.60 29.55 -8.54
CA GLU A 838 9.10 30.44 -9.57
C GLU A 838 7.59 30.61 -9.48
N THR A 839 6.86 29.49 -9.30
CA THR A 839 5.41 29.56 -9.22
C THR A 839 4.96 30.39 -8.02
N PHE A 840 5.56 30.14 -6.85
CA PHE A 840 5.15 30.88 -5.65
C PHE A 840 5.49 32.37 -5.78
N TYR A 841 6.66 32.69 -6.35
CA TYR A 841 7.01 34.09 -6.54
C TYR A 841 6.05 34.79 -7.49
N LYS A 842 5.66 34.10 -8.58
CA LYS A 842 4.70 34.68 -9.50
C LYS A 842 3.37 34.94 -8.81
N LEU A 843 2.90 34.00 -7.99
CA LEU A 843 1.64 34.20 -7.29
C LEU A 843 1.72 35.39 -6.34
N VAL A 844 2.83 35.50 -5.59
CA VAL A 844 3.01 36.59 -4.64
C VAL A 844 3.03 37.93 -5.38
N LYS A 845 3.63 37.96 -6.56
CA LYS A 845 3.66 39.16 -7.37
C LYS A 845 2.28 39.55 -7.91
N ILE A 846 1.47 38.58 -8.33
CA ILE A 846 0.12 38.86 -8.81
C ILE A 846 -0.71 39.42 -7.66
N PHE A 847 -0.50 38.88 -6.46
CA PHE A 847 -1.20 39.41 -5.30
C PHE A 847 -0.72 40.79 -4.89
N GLN A 848 0.38 41.28 -5.46
CA GLN A 848 0.81 42.65 -5.16
C GLN A 848 0.42 43.63 -6.27
N GLU A 849 0.34 43.16 -7.53
CA GLU A 849 -0.11 44.05 -8.59
C GLU A 849 -1.55 44.49 -8.37
N HIS A 850 -2.41 43.58 -7.93
CA HIS A 850 -3.82 43.89 -7.68
C HIS A 850 -4.15 43.67 -6.21
N PRO A 851 -4.16 44.73 -5.40
CA PRO A 851 -4.48 44.55 -3.98
C PRO A 851 -5.92 44.12 -3.78
N LEU A 852 -6.18 43.50 -2.61
CA LEU A 852 -7.48 42.91 -2.31
C LEU A 852 -8.43 43.86 -1.61
N HIS A 853 -8.27 45.17 -1.82
CA HIS A 853 -9.19 46.14 -1.22
C HIS A 853 -10.53 46.12 -1.96
N GLY A 854 -11.44 46.96 -1.49
CA GLY A 854 -12.77 47.04 -2.07
C GLY A 854 -12.79 47.83 -3.35
N CYS A 855 -14.00 48.10 -3.83
CA CYS A 855 -14.19 48.85 -5.07
C CYS A 855 -13.92 50.34 -4.86
N PRO A 894 -3.50 46.91 -16.88
CA PRO A 894 -4.81 46.99 -16.21
C PRO A 894 -4.73 46.62 -14.74
N ARG A 895 -4.33 47.57 -13.90
CA ARG A 895 -4.19 47.34 -12.48
C ARG A 895 -5.43 47.83 -11.73
N GLY A 896 -5.46 47.52 -10.43
CA GLY A 896 -6.58 47.92 -9.60
C GLY A 896 -7.89 47.25 -9.97
N GLN A 897 -7.85 45.95 -10.31
CA GLN A 897 -9.08 45.25 -10.66
C GLN A 897 -9.55 44.40 -9.47
N PRO A 898 -10.87 44.21 -9.32
CA PRO A 898 -11.38 43.55 -8.12
C PRO A 898 -11.05 42.06 -7.98
N ASN A 899 -11.33 41.27 -9.03
CA ASN A 899 -11.34 39.81 -8.90
C ASN A 899 -10.23 39.14 -9.67
N THR A 900 -9.11 39.80 -9.90
CA THR A 900 -7.99 39.16 -10.58
C THR A 900 -7.04 38.47 -9.60
N ALA A 901 -6.99 38.94 -8.35
CA ALA A 901 -6.09 38.36 -7.36
C ALA A 901 -6.53 36.97 -6.96
N LEU A 902 -7.84 36.75 -6.83
CA LEU A 902 -8.34 35.47 -6.33
C LEU A 902 -8.64 34.49 -7.45
N LEU A 903 -9.07 34.99 -8.62
CA LEU A 903 -9.39 34.09 -9.72
C LEU A 903 -8.17 33.31 -10.18
N SER A 904 -7.00 33.97 -10.23
CA SER A 904 -5.78 33.28 -10.61
C SER A 904 -5.45 32.16 -9.63
N LEU A 905 -5.57 32.44 -8.32
CA LEU A 905 -5.29 31.41 -7.33
C LEU A 905 -6.27 30.24 -7.45
N VAL A 906 -7.55 30.55 -7.68
CA VAL A 906 -8.54 29.48 -7.82
C VAL A 906 -8.22 28.62 -9.02
N LEU A 907 -7.89 29.25 -10.15
CA LEU A 907 -7.58 28.49 -11.36
C LEU A 907 -6.34 27.62 -11.17
N MET A 908 -5.29 28.19 -10.56
CA MET A 908 -4.06 27.44 -10.34
C MET A 908 -4.32 26.23 -9.44
N ALA A 909 -4.99 26.45 -8.31
CA ALA A 909 -5.27 25.33 -7.40
C ALA A 909 -6.13 24.28 -8.08
N GLY A 910 -7.15 24.71 -8.83
CA GLY A 910 -8.02 23.76 -9.50
C GLY A 910 -7.28 22.90 -10.49
N THR A 911 -6.47 23.51 -11.36
CA THR A 911 -5.77 22.72 -12.36
C THR A 911 -4.74 21.79 -11.72
N PHE A 912 -4.02 22.29 -10.71
CA PHE A 912 -3.01 21.46 -10.05
C PHE A 912 -3.65 20.25 -9.39
N PHE A 913 -4.75 20.47 -8.66
CA PHE A 913 -5.38 19.36 -7.95
C PHE A 913 -6.07 18.39 -8.90
N ILE A 914 -6.67 18.90 -9.97
CA ILE A 914 -7.27 18.00 -10.96
C ILE A 914 -6.20 17.10 -11.58
N ALA A 915 -5.06 17.69 -11.97
CA ALA A 915 -3.99 16.89 -12.55
C ALA A 915 -3.45 15.87 -11.55
N PHE A 916 -3.25 16.30 -10.30
CA PHE A 916 -2.72 15.39 -9.28
C PHE A 916 -3.65 14.22 -9.04
N PHE A 917 -4.95 14.49 -8.89
CA PHE A 917 -5.89 13.41 -8.61
C PHE A 917 -6.11 12.52 -9.82
N LEU A 918 -6.06 13.07 -11.04
CA LEU A 918 -6.14 12.23 -12.22
C LEU A 918 -4.93 11.30 -12.32
N ARG A 919 -3.73 11.82 -12.01
CA ARG A 919 -2.55 10.96 -11.99
C ARG A 919 -2.69 9.86 -10.95
N LYS A 920 -3.19 10.20 -9.76
CA LYS A 920 -3.39 9.19 -8.72
C LYS A 920 -4.40 8.14 -9.16
N PHE A 921 -5.47 8.57 -9.84
CA PHE A 921 -6.49 7.63 -10.29
C PHE A 921 -5.95 6.71 -11.39
N LYS A 922 -5.10 7.23 -12.26
CA LYS A 922 -4.59 6.43 -13.38
C LYS A 922 -3.79 5.23 -12.90
N ASN A 923 -2.94 5.43 -11.89
CA ASN A 923 -2.09 4.36 -11.36
C ASN A 923 -2.83 3.62 -10.24
N SER A 924 -3.88 2.90 -10.65
CA SER A 924 -4.69 2.13 -9.72
C SER A 924 -5.01 0.79 -10.36
N ARG A 925 -5.87 0.01 -9.69
CA ARG A 925 -6.30 -1.27 -10.22
C ARG A 925 -7.45 -1.16 -11.22
N PHE A 926 -8.00 0.03 -11.41
CA PHE A 926 -9.14 0.23 -12.29
C PHE A 926 -8.73 0.27 -13.76
N PHE A 927 -7.44 0.33 -14.07
CA PHE A 927 -6.96 0.44 -15.43
C PHE A 927 -6.11 -0.77 -15.80
N PRO A 928 -6.41 -1.45 -16.91
CA PRO A 928 -5.57 -2.57 -17.32
C PRO A 928 -4.18 -2.10 -17.75
N GLY A 929 -3.23 -3.05 -17.72
CA GLY A 929 -1.86 -2.71 -18.03
C GLY A 929 -1.68 -2.18 -19.45
N ARG A 930 -2.35 -2.81 -20.43
CA ARG A 930 -2.17 -2.41 -21.82
C ARG A 930 -2.73 -1.02 -22.09
N ILE A 931 -3.84 -0.64 -21.47
CA ILE A 931 -4.41 0.69 -21.64
C ILE A 931 -3.65 1.73 -20.84
N ARG A 932 -2.97 1.32 -19.76
CA ARG A 932 -2.17 2.23 -18.96
C ARG A 932 -0.83 2.56 -19.60
N ARG A 933 -0.36 1.73 -20.53
CA ARG A 933 0.96 1.93 -21.15
C ARG A 933 0.89 2.88 -22.35
N VAL A 934 -0.16 2.75 -23.18
CA VAL A 934 -0.30 3.64 -24.32
C VAL A 934 -0.68 5.04 -23.88
N ILE A 935 -1.42 5.17 -22.77
CA ILE A 935 -1.87 6.47 -22.28
C ILE A 935 -0.72 7.13 -21.53
N GLY A 936 -0.03 8.04 -22.21
CA GLY A 936 1.11 8.73 -21.66
C GLY A 936 0.80 9.99 -20.86
N ASP A 937 0.33 9.82 -19.62
CA ASP A 937 0.07 10.93 -18.71
C ASP A 937 -0.98 11.89 -19.31
N PHE A 938 -2.19 11.35 -19.43
CA PHE A 938 -3.31 12.05 -20.06
C PHE A 938 -4.10 12.90 -19.07
N GLY A 939 -3.47 13.37 -17.99
CA GLY A 939 -4.15 14.20 -17.02
C GLY A 939 -4.03 15.69 -17.30
N VAL A 940 -2.87 16.09 -17.80
CA VAL A 940 -2.65 17.51 -18.13
C VAL A 940 -3.57 17.99 -19.25
N PRO A 941 -3.71 17.28 -20.37
CA PRO A 941 -4.63 17.77 -21.42
C PRO A 941 -6.08 17.83 -20.98
N ILE A 942 -6.48 17.07 -19.96
CA ILE A 942 -7.83 17.13 -19.43
C ILE A 942 -7.99 18.26 -18.44
N ALA A 943 -7.01 18.45 -17.55
CA ALA A 943 -7.07 19.55 -16.60
C ALA A 943 -7.06 20.90 -17.30
N ILE A 944 -6.20 21.05 -18.31
CA ILE A 944 -6.14 22.31 -19.05
C ILE A 944 -7.48 22.59 -19.72
N LEU A 945 -8.05 21.58 -20.37
CA LEU A 945 -9.33 21.77 -21.05
C LEU A 945 -10.44 22.13 -20.06
N ILE A 946 -10.47 21.45 -18.91
CA ILE A 946 -11.51 21.72 -17.92
C ILE A 946 -11.39 23.14 -17.40
N MET A 947 -10.17 23.57 -17.08
CA MET A 947 -9.99 24.92 -16.54
C MET A 947 -10.29 25.98 -17.59
N VAL A 948 -9.92 25.73 -18.85
CA VAL A 948 -10.24 26.68 -19.92
C VAL A 948 -11.75 26.80 -20.09
N LEU A 949 -12.44 25.65 -20.06
CA LEU A 949 -13.90 25.68 -20.20
C LEU A 949 -14.55 26.43 -19.04
N VAL A 950 -14.06 26.22 -17.82
CA VAL A 950 -14.60 26.93 -16.66
C VAL A 950 -14.36 28.43 -16.78
N ASP A 951 -13.15 28.82 -17.20
CA ASP A 951 -12.83 30.23 -17.32
C ASP A 951 -13.61 30.90 -18.45
N TYR A 952 -13.96 30.14 -19.50
CA TYR A 952 -14.68 30.73 -20.63
C TYR A 952 -16.09 31.17 -20.24
N SER A 953 -16.70 30.50 -19.27
CA SER A 953 -18.07 30.87 -18.87
C SER A 953 -18.10 32.27 -18.28
N ILE A 954 -17.13 32.61 -17.44
CA ILE A 954 -17.08 33.94 -16.85
C ILE A 954 -16.68 34.96 -17.90
N GLU A 955 -17.50 36.00 -18.08
CA GLU A 955 -17.29 37.01 -19.10
C GLU A 955 -17.41 38.41 -18.53
N ASP A 956 -17.01 38.60 -17.27
CA ASP A 956 -17.12 39.90 -16.63
C ASP A 956 -15.78 40.38 -16.08
N THR A 957 -14.93 39.44 -15.67
CA THR A 957 -13.63 39.76 -15.08
C THR A 957 -12.53 39.68 -16.13
N TYR A 958 -11.36 40.16 -15.74
CA TYR A 958 -10.19 40.21 -16.61
C TYR A 958 -9.10 39.31 -16.06
N THR A 959 -8.39 38.62 -16.95
CA THR A 959 -7.25 37.80 -16.57
C THR A 959 -6.29 37.74 -17.74
N GLN A 960 -5.01 37.57 -17.43
CA GLN A 960 -3.98 37.58 -18.46
C GLN A 960 -4.06 36.31 -19.29
N LYS A 961 -4.06 36.47 -20.61
CA LYS A 961 -4.11 35.37 -21.56
C LYS A 961 -2.76 35.20 -22.23
N LEU A 962 -2.70 34.24 -23.15
CA LEU A 962 -1.47 33.99 -23.90
C LEU A 962 -1.24 35.11 -24.92
N SER A 963 -0.16 34.98 -25.69
CA SER A 963 0.26 36.01 -26.64
C SER A 963 0.51 35.39 -28.00
N VAL A 964 -0.42 34.56 -28.46
CA VAL A 964 -0.29 33.96 -29.79
C VAL A 964 -0.57 35.03 -30.84
N PRO A 965 0.30 35.21 -31.84
CA PRO A 965 0.08 36.25 -32.83
C PRO A 965 -0.84 35.76 -33.94
N SER A 966 -1.15 36.68 -34.86
CA SER A 966 -2.00 36.38 -36.00
C SER A 966 -1.15 36.09 -37.22
N GLY A 967 -1.41 34.93 -37.84
CA GLY A 967 -0.66 34.53 -39.02
C GLY A 967 0.70 33.95 -38.68
N PHE A 968 1.50 33.78 -39.74
CA PHE A 968 2.86 33.25 -39.60
C PHE A 968 3.80 34.43 -39.40
N SER A 969 3.94 34.87 -38.15
CA SER A 969 4.78 36.01 -37.82
C SER A 969 5.28 35.87 -36.40
N VAL A 970 6.30 36.66 -36.07
CA VAL A 970 6.88 36.61 -34.73
C VAL A 970 5.88 37.16 -33.70
N THR A 971 6.16 36.84 -32.43
CA THR A 971 5.25 37.26 -31.36
C THR A 971 5.25 38.77 -31.17
N ALA A 972 6.37 39.43 -31.43
CA ALA A 972 6.51 40.88 -31.25
C ALA A 972 7.04 41.47 -32.55
N PRO A 973 6.17 41.76 -33.52
CA PRO A 973 6.64 42.32 -34.79
C PRO A 973 6.93 43.81 -34.71
N GLU A 974 7.62 44.22 -33.64
CA GLU A 974 8.08 45.60 -33.50
C GLU A 974 9.52 45.71 -33.02
N LYS A 975 10.09 44.68 -32.42
CA LYS A 975 11.45 44.72 -31.91
C LYS A 975 12.44 43.92 -32.76
N ARG A 976 11.97 42.95 -33.53
CA ARG A 976 12.86 42.07 -34.28
C ARG A 976 12.14 41.57 -35.52
N GLY A 977 12.94 41.10 -36.48
CA GLY A 977 12.45 40.54 -37.72
C GLY A 977 12.54 39.02 -37.74
N TRP A 978 12.74 38.47 -38.93
CA TRP A 978 12.86 37.02 -39.06
C TRP A 978 14.31 36.55 -39.05
N VAL A 979 15.26 37.42 -39.39
CA VAL A 979 16.68 37.09 -39.37
C VAL A 979 17.38 38.07 -38.44
N ILE A 980 18.32 37.56 -37.66
CA ILE A 980 19.06 38.35 -36.68
C ILE A 980 20.42 38.67 -37.28
N ASN A 981 20.70 39.96 -37.43
CA ASN A 981 21.99 40.38 -37.97
C ASN A 981 23.09 40.09 -36.96
N PRO A 982 24.12 39.33 -37.33
CA PRO A 982 25.19 38.99 -36.38
C PRO A 982 26.15 40.13 -36.07
N LEU A 983 25.93 41.32 -36.63
CA LEU A 983 26.78 42.47 -36.36
C LEU A 983 26.10 43.57 -35.58
N GLY A 984 24.79 43.51 -35.37
CA GLY A 984 24.08 44.54 -34.64
C GLY A 984 22.77 44.93 -35.29
N GLU A 985 21.69 44.97 -34.50
CA GLU A 985 20.38 45.30 -35.03
C GLU A 985 20.10 46.80 -34.93
N LYS A 986 20.14 47.35 -33.71
CA LYS A 986 19.91 48.77 -33.49
C LYS A 986 21.14 49.51 -32.99
N SER A 987 22.20 48.79 -32.62
CA SER A 987 23.44 49.41 -32.16
C SER A 987 24.57 48.42 -32.41
N PRO A 988 25.77 48.90 -32.75
CA PRO A 988 26.88 47.97 -33.00
C PRO A 988 27.14 47.06 -31.82
N PHE A 989 27.36 45.79 -32.11
CA PHE A 989 27.70 44.82 -31.06
C PHE A 989 29.16 45.00 -30.66
N PRO A 990 29.46 45.03 -29.36
CA PRO A 990 30.86 45.17 -28.93
C PRO A 990 31.74 44.08 -29.53
N VAL A 991 32.94 44.48 -29.98
CA VAL A 991 33.88 43.55 -30.59
C VAL A 991 34.49 42.58 -29.58
N TRP A 992 34.51 42.95 -28.31
CA TRP A 992 35.20 42.17 -27.29
C TRP A 992 34.38 41.00 -26.77
N MET A 993 33.14 40.82 -27.23
CA MET A 993 32.32 39.70 -26.80
C MET A 993 32.04 38.71 -27.93
N MET A 994 32.73 38.83 -29.06
CA MET A 994 32.67 37.82 -30.11
C MET A 994 33.73 36.76 -29.91
N VAL A 995 34.57 36.90 -28.90
CA VAL A 995 35.58 35.92 -28.55
C VAL A 995 35.43 35.58 -27.08
N ALA A 996 34.73 36.44 -26.34
CA ALA A 996 34.46 36.23 -24.93
C ALA A 996 33.12 35.55 -24.68
N SER A 997 32.39 35.20 -25.74
CA SER A 997 31.15 34.46 -25.63
C SER A 997 31.37 32.95 -25.66
N LEU A 998 32.63 32.52 -25.70
CA LEU A 998 32.94 31.09 -25.70
C LEU A 998 32.67 30.46 -24.34
N LEU A 999 32.80 31.23 -23.25
CA LEU A 999 32.61 30.70 -21.90
C LEU A 999 31.19 30.20 -21.68
N PRO A 1000 30.12 30.99 -21.97
CA PRO A 1000 28.76 30.45 -21.81
C PRO A 1000 28.47 29.31 -22.79
N ALA A 1001 29.19 29.30 -23.91
CA ALA A 1001 29.02 28.23 -24.89
C ALA A 1001 29.42 26.89 -24.29
N ILE A 1002 30.51 26.85 -23.51
CA ILE A 1002 30.93 25.61 -22.89
C ILE A 1002 29.88 25.12 -21.89
N LEU A 1003 29.31 26.05 -21.12
CA LEU A 1003 28.29 25.66 -20.13
C LEU A 1003 27.04 25.11 -20.81
N VAL A 1004 26.56 25.79 -21.85
CA VAL A 1004 25.37 25.30 -22.53
C VAL A 1004 25.66 23.99 -23.26
N PHE A 1005 26.89 23.82 -23.76
CA PHE A 1005 27.26 22.55 -24.37
C PHE A 1005 27.29 21.43 -23.34
N ILE A 1006 27.78 21.72 -22.13
CA ILE A 1006 27.76 20.71 -21.07
C ILE A 1006 26.33 20.32 -20.74
N LEU A 1007 25.45 21.31 -20.61
CA LEU A 1007 24.05 21.03 -20.32
C LEU A 1007 23.42 20.15 -21.39
N ILE A 1008 23.57 20.54 -22.66
CA ILE A 1008 22.98 19.78 -23.75
C ILE A 1008 23.57 18.38 -23.82
N PHE A 1009 24.89 18.27 -23.67
CA PHE A 1009 25.56 16.98 -23.75
C PHE A 1009 25.05 16.03 -22.66
N MET A 1010 24.97 16.51 -21.42
CA MET A 1010 24.48 15.66 -20.35
C MET A 1010 23.02 15.27 -20.58
N GLU A 1011 22.18 16.25 -20.92
CA GLU A 1011 20.75 15.96 -21.08
C GLU A 1011 20.50 15.00 -22.24
N THR A 1012 21.34 15.03 -23.27
CA THR A 1012 21.14 14.14 -24.42
C THR A 1012 21.77 12.78 -24.20
N GLN A 1013 22.91 12.71 -23.52
CA GLN A 1013 23.62 11.44 -23.38
C GLN A 1013 23.11 10.60 -22.22
N ILE A 1014 22.52 11.21 -21.19
CA ILE A 1014 21.94 10.40 -20.11
C ILE A 1014 20.70 9.66 -20.62
N THR A 1015 19.90 10.31 -21.47
CA THR A 1015 18.68 9.69 -21.95
C THR A 1015 18.97 8.50 -22.87
N THR A 1016 19.94 8.64 -23.77
CA THR A 1016 20.17 7.62 -24.78
C THR A 1016 20.69 6.32 -24.17
N LEU A 1017 21.44 6.41 -23.08
CA LEU A 1017 21.92 5.20 -22.41
C LEU A 1017 20.76 4.38 -21.85
N ILE A 1018 19.80 5.05 -21.23
CA ILE A 1018 18.68 4.36 -20.59
C ILE A 1018 17.74 3.79 -21.65
N ILE A 1019 17.51 4.52 -22.74
CA ILE A 1019 16.64 4.04 -23.80
C ILE A 1019 17.16 2.74 -24.39
N SER A 1020 18.47 2.67 -24.64
CA SER A 1020 19.09 1.51 -25.26
C SER A 1020 19.79 0.69 -24.17
N LYS A 1021 19.04 -0.21 -23.54
CA LYS A 1021 19.56 -1.14 -22.55
C LYS A 1021 19.44 -2.57 -23.09
N LYS A 1022 19.86 -3.53 -22.27
CA LYS A 1022 19.72 -4.94 -22.62
C LYS A 1022 18.35 -5.48 -22.25
N GLU A 1023 17.72 -4.94 -21.21
CA GLU A 1023 16.37 -5.38 -20.85
C GLU A 1023 15.36 -5.01 -21.94
N ARG A 1024 15.45 -3.80 -22.46
CA ARG A 1024 14.62 -3.40 -23.59
C ARG A 1024 15.17 -4.01 -24.88
N MET A 1025 14.27 -4.53 -25.71
CA MET A 1025 14.67 -5.25 -26.92
C MET A 1025 14.86 -4.27 -28.08
N LEU A 1026 15.83 -3.37 -27.92
CA LEU A 1026 16.26 -2.48 -28.99
C LEU A 1026 17.38 -3.18 -29.75
N GLN A 1027 17.09 -3.62 -30.97
CA GLN A 1027 17.96 -4.53 -31.70
C GLN A 1027 18.80 -3.86 -32.78
N LYS A 1028 18.24 -2.88 -33.50
CA LYS A 1028 18.91 -2.33 -34.67
C LYS A 1028 20.24 -1.65 -34.33
N GLY A 1029 20.21 -0.57 -33.55
CA GLY A 1029 21.44 0.14 -33.24
C GLY A 1029 21.26 1.48 -32.58
N SER A 1030 22.28 1.94 -31.87
CA SER A 1030 22.23 3.21 -31.17
C SER A 1030 22.88 4.31 -32.01
N GLY A 1031 22.84 5.54 -31.48
CA GLY A 1031 23.31 6.70 -32.21
C GLY A 1031 24.13 7.66 -31.37
N PHE A 1032 24.96 7.11 -30.47
CA PHE A 1032 25.67 7.92 -29.48
C PHE A 1032 26.39 9.11 -30.11
N HIS A 1033 27.05 8.89 -31.25
CA HIS A 1033 27.88 9.93 -31.84
C HIS A 1033 27.08 10.79 -32.82
N LEU A 1034 26.21 10.15 -33.60
CA LEU A 1034 25.46 10.89 -34.62
C LEU A 1034 24.43 11.83 -34.00
N ASP A 1035 23.77 11.38 -32.92
CA ASP A 1035 22.71 12.18 -32.30
C ASP A 1035 23.26 13.49 -31.78
N LEU A 1036 24.44 13.47 -31.14
CA LEU A 1036 25.01 14.69 -30.61
C LEU A 1036 25.28 15.70 -31.72
N LEU A 1037 25.84 15.25 -32.84
CA LEU A 1037 26.10 16.14 -33.95
C LEU A 1037 24.81 16.73 -34.51
N LEU A 1038 23.83 15.87 -34.79
CA LEU A 1038 22.58 16.33 -35.38
C LEU A 1038 21.77 17.21 -34.44
N ILE A 1039 22.00 17.11 -33.12
CA ILE A 1039 21.29 17.96 -32.18
C ILE A 1039 22.00 19.28 -31.91
N VAL A 1040 23.33 19.28 -31.84
CA VAL A 1040 24.07 20.52 -31.57
C VAL A 1040 24.23 21.39 -32.81
N ALA A 1041 24.46 20.81 -33.99
CA ALA A 1041 24.57 21.63 -35.19
C ALA A 1041 23.24 22.27 -35.57
N MET A 1042 22.15 21.51 -35.49
CA MET A 1042 20.84 22.04 -35.89
C MET A 1042 20.41 23.18 -34.97
N GLY A 1043 20.63 23.05 -33.67
CA GLY A 1043 20.29 24.13 -32.76
C GLY A 1043 21.15 25.36 -32.98
N GLY A 1044 22.45 25.17 -33.22
CA GLY A 1044 23.30 26.30 -33.54
C GLY A 1044 22.87 27.03 -34.80
N ILE A 1045 22.43 26.28 -35.81
CA ILE A 1045 21.91 26.91 -37.02
C ILE A 1045 20.62 27.66 -36.73
N CYS A 1046 19.71 27.04 -35.97
CA CYS A 1046 18.43 27.69 -35.68
C CYS A 1046 18.57 28.89 -34.77
N ALA A 1047 19.68 29.01 -34.03
CA ALA A 1047 19.88 30.19 -33.20
C ALA A 1047 20.02 31.46 -34.03
N LEU A 1048 20.28 31.34 -35.33
CA LEU A 1048 20.38 32.53 -36.18
C LEU A 1048 19.03 33.18 -36.40
N PHE A 1049 17.98 32.37 -36.59
CA PHE A 1049 16.65 32.87 -36.89
C PHE A 1049 15.85 33.20 -35.62
N GLY A 1050 16.52 33.38 -34.49
CA GLY A 1050 15.83 33.70 -33.26
C GLY A 1050 14.96 32.58 -32.72
N LEU A 1051 15.45 31.35 -32.71
CA LEU A 1051 14.73 30.21 -32.19
C LEU A 1051 15.53 29.54 -31.09
N PRO A 1052 14.85 28.95 -30.09
CA PRO A 1052 15.58 28.37 -28.95
C PRO A 1052 16.26 27.06 -29.32
N TRP A 1053 17.08 26.59 -28.38
CA TRP A 1053 17.75 25.32 -28.53
C TRP A 1053 16.84 24.18 -28.05
N LEU A 1054 17.20 22.96 -28.43
CA LEU A 1054 16.43 21.77 -28.11
C LEU A 1054 17.30 20.75 -27.40
N ALA A 1055 16.65 19.80 -26.74
CA ALA A 1055 17.33 18.80 -25.92
C ALA A 1055 16.64 17.46 -26.16
N ALA A 1056 16.93 16.49 -25.29
CA ALA A 1056 16.46 15.12 -25.50
C ALA A 1056 15.03 14.89 -25.05
N ALA A 1057 14.49 15.72 -24.15
CA ALA A 1057 13.13 15.56 -23.62
C ALA A 1057 12.94 14.17 -23.00
N THR A 1058 13.68 13.98 -21.91
CA THR A 1058 13.83 12.69 -21.23
C THR A 1058 12.52 11.93 -21.05
N VAL A 1059 11.57 12.52 -20.31
CA VAL A 1059 10.34 11.82 -19.97
C VAL A 1059 9.51 11.53 -21.21
N ARG A 1060 9.41 12.51 -22.11
CA ARG A 1060 8.70 12.27 -23.36
C ARG A 1060 9.36 11.18 -24.18
N SER A 1061 10.69 11.14 -24.18
CA SER A 1061 11.41 10.09 -24.89
C SER A 1061 11.08 8.72 -24.32
N VAL A 1062 11.05 8.59 -22.99
CA VAL A 1062 10.74 7.30 -22.38
C VAL A 1062 9.29 6.90 -22.68
N THR A 1063 8.37 7.86 -22.59
CA THR A 1063 6.97 7.57 -22.86
C THR A 1063 6.79 7.10 -24.31
N HIS A 1064 7.47 7.74 -25.26
CA HIS A 1064 7.42 7.29 -26.64
C HIS A 1064 8.08 5.93 -26.81
N ALA A 1065 9.14 5.65 -26.04
CA ALA A 1065 9.84 4.37 -26.14
C ALA A 1065 8.95 3.21 -25.70
N ASN A 1066 8.24 3.38 -24.59
CA ASN A 1066 7.43 2.29 -24.06
C ASN A 1066 5.97 2.33 -24.51
N ALA A 1067 5.61 3.28 -25.38
CA ALA A 1067 4.27 3.27 -25.97
C ALA A 1067 4.19 2.42 -27.23
N LEU A 1068 5.32 2.02 -27.79
CA LEU A 1068 5.35 1.19 -28.99
C LEU A 1068 5.64 -0.28 -28.69
N THR A 1069 6.10 -0.59 -27.48
CA THR A 1069 6.46 -1.97 -27.14
C THR A 1069 5.21 -2.84 -27.04
N VAL A 1070 5.40 -4.13 -27.30
CA VAL A 1070 4.36 -5.13 -27.16
C VAL A 1070 4.88 -6.23 -26.24
N MET A 1071 4.05 -6.65 -25.30
CA MET A 1071 4.43 -7.63 -24.29
C MET A 1071 4.01 -9.03 -24.72
N SER A 1072 4.79 -10.02 -24.30
CA SER A 1072 4.52 -11.40 -24.68
C SER A 1072 3.22 -11.89 -24.06
N LYS A 1073 2.49 -12.73 -24.80
CA LYS A 1073 1.25 -13.31 -24.32
C LYS A 1073 1.38 -14.77 -23.91
N ALA A 1074 2.38 -15.49 -24.42
CA ALA A 1074 2.59 -16.89 -24.08
C ALA A 1074 3.52 -16.99 -22.87
N VAL A 1075 2.96 -16.67 -21.70
CA VAL A 1075 3.67 -16.73 -20.44
C VAL A 1075 2.80 -17.47 -19.43
N ALA A 1076 3.45 -18.28 -18.58
CA ALA A 1076 2.72 -19.04 -17.59
C ALA A 1076 2.06 -18.11 -16.58
N PRO A 1077 0.82 -18.38 -16.18
CA PRO A 1077 0.18 -17.54 -15.15
C PRO A 1077 0.95 -17.58 -13.84
N GLY A 1078 0.98 -16.46 -13.15
CA GLY A 1078 1.73 -16.33 -11.93
C GLY A 1078 3.16 -15.89 -12.09
N ASP A 1079 3.62 -15.68 -13.32
CA ASP A 1079 4.98 -15.24 -13.60
C ASP A 1079 4.97 -13.79 -14.06
N LYS A 1080 6.07 -13.10 -13.81
CA LYS A 1080 6.17 -11.70 -14.18
C LYS A 1080 6.15 -11.55 -15.70
N PRO A 1081 5.45 -10.54 -16.23
CA PRO A 1081 5.42 -10.33 -17.67
C PRO A 1081 6.80 -9.96 -18.20
N LYS A 1082 7.06 -10.34 -19.45
CA LYS A 1082 8.33 -10.07 -20.09
C LYS A 1082 8.10 -9.43 -21.46
N ILE A 1083 9.06 -8.60 -21.87
CA ILE A 1083 8.97 -7.92 -23.15
C ILE A 1083 9.25 -8.92 -24.28
N GLN A 1084 8.59 -8.71 -25.42
CA GLN A 1084 8.77 -9.57 -26.58
C GLN A 1084 9.57 -8.85 -27.68
N GLU A 1085 9.09 -7.69 -28.13
CA GLU A 1085 9.78 -6.93 -29.15
C GLU A 1085 9.28 -5.49 -29.10
N VAL A 1086 10.10 -4.58 -29.64
CA VAL A 1086 9.75 -3.17 -29.75
C VAL A 1086 9.69 -2.83 -31.23
N LYS A 1087 8.58 -2.24 -31.66
CA LYS A 1087 8.41 -1.86 -33.05
C LYS A 1087 9.28 -0.65 -33.37
N GLU A 1088 10.28 -0.84 -34.23
CA GLU A 1088 11.23 0.19 -34.59
C GLU A 1088 10.84 0.81 -35.93
N GLN A 1089 10.56 2.11 -35.92
CA GLN A 1089 10.19 2.82 -37.14
C GLN A 1089 10.43 4.30 -36.92
N ARG A 1090 10.46 5.05 -38.04
CA ARG A 1090 10.67 6.48 -37.99
C ARG A 1090 9.58 7.23 -38.75
N VAL A 1091 8.34 6.73 -38.70
CA VAL A 1091 7.22 7.43 -39.31
C VAL A 1091 6.29 8.05 -38.28
N THR A 1092 6.29 7.55 -37.04
CA THR A 1092 5.46 8.16 -36.00
C THR A 1092 6.06 9.45 -35.47
N GLY A 1093 7.39 9.52 -35.38
CA GLY A 1093 8.03 10.77 -34.99
C GLY A 1093 7.82 11.87 -36.00
N LEU A 1094 7.91 11.52 -37.29
CA LEU A 1094 7.64 12.50 -38.34
C LEU A 1094 6.22 13.01 -38.27
N LEU A 1095 5.25 12.10 -38.05
CA LEU A 1095 3.86 12.52 -37.94
C LEU A 1095 3.64 13.40 -36.73
N VAL A 1096 4.27 13.07 -35.59
CA VAL A 1096 4.12 13.90 -34.40
C VAL A 1096 4.69 15.29 -34.64
N ALA A 1097 5.88 15.36 -35.25
CA ALA A 1097 6.48 16.67 -35.54
C ALA A 1097 5.62 17.48 -36.49
N LEU A 1098 5.09 16.84 -37.53
CA LEU A 1098 4.24 17.55 -38.48
C LEU A 1098 2.97 18.06 -37.82
N LEU A 1099 2.36 17.24 -36.96
CA LEU A 1099 1.16 17.69 -36.27
C LEU A 1099 1.46 18.85 -35.32
N VAL A 1100 2.60 18.79 -34.62
CA VAL A 1100 2.97 19.89 -33.73
C VAL A 1100 3.18 21.17 -34.53
N GLY A 1101 3.84 21.06 -35.68
CA GLY A 1101 4.03 22.23 -36.52
C GLY A 1101 2.72 22.79 -37.04
N LEU A 1102 1.82 21.91 -37.48
CA LEU A 1102 0.52 22.35 -37.99
C LEU A 1102 -0.40 22.88 -36.89
N SER A 1103 -0.09 22.58 -35.62
CA SER A 1103 -0.90 23.06 -34.51
C SER A 1103 -0.85 24.57 -34.32
N ILE A 1104 -0.15 25.32 -35.18
CA ILE A 1104 -0.11 26.77 -35.10
C ILE A 1104 -1.30 27.42 -35.79
N VAL A 1105 -2.02 26.68 -36.64
CA VAL A 1105 -3.14 27.25 -37.40
C VAL A 1105 -4.39 27.43 -36.57
N ILE A 1106 -4.35 27.13 -35.27
CA ILE A 1106 -5.50 27.26 -34.40
C ILE A 1106 -5.23 28.36 -33.38
N GLY A 1107 -4.48 29.39 -33.79
CA GLY A 1107 -4.11 30.46 -32.88
C GLY A 1107 -5.29 31.24 -32.34
N ASP A 1108 -6.45 31.14 -32.98
CA ASP A 1108 -7.65 31.77 -32.42
C ASP A 1108 -8.15 31.05 -31.17
N LEU A 1109 -7.74 29.80 -30.97
CA LEU A 1109 -8.13 29.02 -29.81
C LEU A 1109 -7.08 29.07 -28.70
N LEU A 1110 -5.79 29.01 -29.06
CA LEU A 1110 -4.73 29.07 -28.06
C LEU A 1110 -4.60 30.45 -27.41
N ARG A 1111 -5.27 31.46 -27.94
CA ARG A 1111 -5.23 32.79 -27.35
C ARG A 1111 -6.16 32.93 -26.15
N GLN A 1112 -7.07 31.98 -25.95
CA GLN A 1112 -8.06 32.05 -24.88
C GLN A 1112 -7.59 31.37 -23.59
N ILE A 1113 -6.39 30.80 -23.58
CA ILE A 1113 -5.87 30.11 -22.40
C ILE A 1113 -5.36 31.13 -21.39
N PRO A 1114 -5.88 31.15 -20.17
CA PRO A 1114 -5.34 32.07 -19.17
C PRO A 1114 -3.93 31.69 -18.76
N LEU A 1115 -3.21 32.67 -18.22
CA LEU A 1115 -1.81 32.50 -17.84
C LEU A 1115 -1.64 32.00 -16.41
N ALA A 1116 -2.67 31.33 -15.86
CA ALA A 1116 -2.58 30.72 -14.55
C ALA A 1116 -2.64 29.21 -14.59
N VAL A 1117 -3.40 28.65 -15.55
CA VAL A 1117 -3.41 27.20 -15.75
C VAL A 1117 -2.02 26.70 -16.11
N LEU A 1118 -1.29 27.49 -16.90
CA LEU A 1118 0.08 27.11 -17.26
C LEU A 1118 0.97 27.03 -16.03
N PHE A 1119 0.82 27.98 -15.10
CA PHE A 1119 1.63 27.92 -13.89
C PHE A 1119 1.18 26.79 -12.97
N GLY A 1120 -0.11 26.46 -12.96
CA GLY A 1120 -0.55 25.30 -12.22
C GLY A 1120 0.07 24.02 -12.75
N ILE A 1121 0.10 23.87 -14.07
CA ILE A 1121 0.75 22.71 -14.69
C ILE A 1121 2.24 22.71 -14.41
N PHE A 1122 2.86 23.89 -14.41
CA PHE A 1122 4.28 24.01 -14.07
C PHE A 1122 4.55 23.50 -12.66
N LEU A 1123 3.74 23.93 -11.70
CA LEU A 1123 3.90 23.45 -10.33
C LEU A 1123 3.64 21.95 -10.22
N TYR A 1124 2.65 21.44 -10.97
CA TYR A 1124 2.37 20.01 -10.93
C TYR A 1124 3.55 19.21 -11.44
N MET A 1125 4.15 19.63 -12.56
CA MET A 1125 5.32 18.93 -13.08
C MET A 1125 6.49 19.02 -12.10
N GLY A 1126 6.71 20.20 -11.51
CA GLY A 1126 7.79 20.34 -10.55
C GLY A 1126 7.61 19.43 -9.35
N VAL A 1127 6.37 19.28 -8.88
CA VAL A 1127 6.12 18.41 -7.73
C VAL A 1127 6.29 16.94 -8.11
N THR A 1128 5.75 16.54 -9.27
CA THR A 1128 5.75 15.13 -9.64
C THR A 1128 7.10 14.66 -10.18
N SER A 1129 8.01 15.57 -10.50
CA SER A 1129 9.33 15.15 -10.98
C SER A 1129 10.18 14.54 -9.88
N LEU A 1130 9.79 14.69 -8.61
CA LEU A 1130 10.60 14.21 -7.49
C LEU A 1130 10.49 12.71 -7.27
N ASN A 1131 9.59 12.02 -7.96
CA ASN A 1131 9.43 10.59 -7.80
C ASN A 1131 10.52 9.83 -8.54
N GLY A 1132 11.11 8.85 -7.87
CA GLY A 1132 12.08 7.95 -8.46
C GLY A 1132 13.53 8.27 -8.17
N ILE A 1133 13.84 9.49 -7.71
CA ILE A 1133 15.21 9.84 -7.37
C ILE A 1133 15.55 9.25 -6.00
N GLN A 1134 16.71 8.57 -5.93
CA GLN A 1134 17.11 7.95 -4.68
C GLN A 1134 17.83 8.94 -3.79
N PHE A 1135 17.22 10.11 -3.58
CA PHE A 1135 17.73 11.09 -2.62
C PHE A 1135 16.56 11.55 -1.76
N TYR A 1136 15.38 11.61 -2.37
CA TYR A 1136 14.19 12.08 -1.66
C TYR A 1136 13.81 11.11 -0.54
N GLU A 1137 13.79 9.81 -0.84
CA GLU A 1137 13.44 8.84 0.19
C GLU A 1137 14.54 8.67 1.22
N ARG A 1138 15.80 8.85 0.82
CA ARG A 1138 16.88 8.83 1.80
C ARG A 1138 16.83 10.05 2.72
N LEU A 1139 16.28 11.17 2.23
CA LEU A 1139 16.01 12.30 3.11
C LEU A 1139 14.80 12.05 4.00
N HIS A 1140 13.79 11.35 3.47
CA HIS A 1140 12.63 10.99 4.28
C HIS A 1140 13.02 10.09 5.44
N LEU A 1141 13.94 9.15 5.18
CA LEU A 1141 14.39 8.22 6.22
C LEU A 1141 15.07 8.93 7.39
N LEU A 1142 15.52 10.18 7.19
CA LEU A 1142 16.20 10.91 8.25
C LEU A 1142 15.26 11.28 9.39
N LEU A 1143 13.94 11.19 9.19
CA LEU A 1143 12.96 11.57 10.18
C LEU A 1143 12.13 10.38 10.66
N MET A 1144 12.73 9.20 10.71
CA MET A 1144 12.04 8.00 11.14
C MET A 1144 12.88 7.24 12.15
N PRO A 1145 12.24 6.52 13.07
CA PRO A 1145 13.00 5.61 13.94
C PRO A 1145 13.59 4.47 13.13
N PRO A 1146 14.72 3.93 13.55
CA PRO A 1146 15.35 2.84 12.78
C PRO A 1146 14.50 1.59 12.66
N LYS A 1147 13.54 1.39 13.57
CA LYS A 1147 12.71 0.20 13.51
C LYS A 1147 11.73 0.21 12.33
N HIS A 1148 11.42 1.39 11.79
CA HIS A 1148 10.46 1.52 10.71
C HIS A 1148 11.11 1.70 9.34
N HIS A 1149 12.43 1.55 9.27
CA HIS A 1149 13.13 1.74 8.01
C HIS A 1149 12.73 0.65 7.00
N PRO A 1150 12.78 0.97 5.70
CA PRO A 1150 12.40 -0.03 4.69
C PRO A 1150 13.39 -1.17 4.57
N ASP A 1151 13.18 -2.06 3.61
CA ASP A 1151 14.04 -3.20 3.36
C ASP A 1151 14.80 -3.07 2.04
N VAL A 1152 15.09 -1.84 1.63
CA VAL A 1152 15.80 -1.57 0.38
C VAL A 1152 17.26 -1.99 0.51
N THR A 1153 17.97 -2.04 -0.62
CA THR A 1153 19.33 -2.57 -0.62
C THR A 1153 20.33 -1.63 0.04
N TYR A 1154 20.00 -0.36 0.23
CA TYR A 1154 20.95 0.60 0.80
C TYR A 1154 20.71 0.88 2.28
N VAL A 1155 19.87 0.08 2.95
CA VAL A 1155 19.72 0.18 4.39
C VAL A 1155 20.21 -1.07 5.12
N LYS A 1156 20.06 -2.26 4.52
CA LYS A 1156 20.50 -3.49 5.19
C LYS A 1156 22.02 -3.59 5.22
N LYS A 1157 22.69 -3.17 4.15
CA LYS A 1157 24.10 -3.45 3.99
C LYS A 1157 25.02 -2.37 4.56
N VAL A 1158 24.46 -1.25 5.02
CA VAL A 1158 25.27 -0.15 5.56
C VAL A 1158 24.67 0.30 6.89
N ARG A 1159 25.52 0.91 7.70
CA ARG A 1159 25.06 1.47 8.97
C ARG A 1159 24.22 2.72 8.75
N THR A 1160 23.45 3.08 9.77
CA THR A 1160 22.53 4.21 9.65
C THR A 1160 23.27 5.54 9.66
N LEU A 1161 24.26 5.68 10.55
CA LEU A 1161 24.97 6.95 10.69
C LEU A 1161 25.75 7.29 9.42
N ARG A 1162 26.33 6.29 8.78
CA ARG A 1162 27.09 6.55 7.56
C ARG A 1162 26.17 6.97 6.41
N MET A 1163 24.99 6.35 6.33
CA MET A 1163 24.01 6.78 5.32
C MET A 1163 23.55 8.21 5.59
N HIS A 1164 23.34 8.56 6.86
CA HIS A 1164 22.98 9.93 7.21
C HIS A 1164 24.10 10.90 6.85
N LEU A 1165 25.36 10.47 7.03
CA LEU A 1165 26.49 11.32 6.65
C LEU A 1165 26.53 11.54 5.13
N PHE A 1166 26.26 10.49 4.36
CA PHE A 1166 26.21 10.62 2.91
C PHE A 1166 25.10 11.60 2.50
N THR A 1167 23.92 11.47 3.11
CA THR A 1167 22.83 12.38 2.80
C THR A 1167 23.17 13.81 3.20
N ALA A 1168 23.86 13.99 4.33
CA ALA A 1168 24.26 15.32 4.77
C ALA A 1168 25.26 15.94 3.80
N LEU A 1169 26.19 15.14 3.29
CA LEU A 1169 27.14 15.65 2.30
C LEU A 1169 26.42 16.09 1.02
N GLN A 1170 25.45 15.27 0.57
CA GLN A 1170 24.67 15.67 -0.60
C GLN A 1170 23.91 16.96 -0.35
N LEU A 1171 23.32 17.09 0.84
CA LEU A 1171 22.59 18.30 1.19
C LEU A 1171 23.51 19.51 1.22
N LEU A 1172 24.72 19.34 1.76
CA LEU A 1172 25.68 20.44 1.80
C LEU A 1172 26.04 20.89 0.40
N CYS A 1173 26.31 19.94 -0.50
CA CYS A 1173 26.65 20.31 -1.87
C CYS A 1173 25.49 21.04 -2.55
N LEU A 1174 24.27 20.52 -2.37
CA LEU A 1174 23.11 21.15 -3.00
C LEU A 1174 22.88 22.55 -2.45
N ALA A 1175 23.01 22.73 -1.14
CA ALA A 1175 22.82 24.05 -0.54
C ALA A 1175 23.88 25.03 -1.01
N LEU A 1176 25.13 24.57 -1.13
CA LEU A 1176 26.18 25.45 -1.65
C LEU A 1176 25.86 25.89 -3.07
N LEU A 1177 25.43 24.95 -3.93
CA LEU A 1177 25.14 25.31 -5.30
C LEU A 1177 23.95 26.27 -5.37
N TRP A 1178 22.91 26.03 -4.56
CA TRP A 1178 21.76 26.91 -4.55
C TRP A 1178 22.14 28.31 -4.06
N ALA A 1179 23.03 28.39 -3.07
CA ALA A 1179 23.50 29.69 -2.60
C ALA A 1179 24.28 30.42 -3.68
N VAL A 1180 25.08 29.68 -4.46
CA VAL A 1180 25.80 30.31 -5.56
C VAL A 1180 24.82 30.83 -6.61
N MET A 1181 23.78 30.05 -6.92
CA MET A 1181 22.85 30.46 -7.98
C MET A 1181 22.14 31.76 -7.66
N SER A 1182 21.87 32.04 -6.38
CA SER A 1182 21.10 33.22 -6.02
C SER A 1182 21.89 34.52 -6.17
N THR A 1183 23.20 34.45 -6.38
CA THR A 1183 24.02 35.65 -6.50
C THR A 1183 23.96 36.22 -7.90
N ALA A 1184 24.82 37.20 -8.18
CA ALA A 1184 24.89 37.81 -9.52
C ALA A 1184 25.78 37.02 -10.46
N ALA A 1185 26.39 35.93 -10.00
CA ALA A 1185 27.18 35.07 -10.85
C ALA A 1185 26.40 33.81 -11.18
N SER A 1186 25.09 33.96 -11.39
CA SER A 1186 24.20 32.83 -11.64
C SER A 1186 24.50 32.12 -12.95
N LEU A 1187 25.29 32.71 -13.83
CA LEU A 1187 25.67 32.06 -15.10
C LEU A 1187 26.92 31.20 -14.93
N ALA A 1188 26.95 30.35 -13.91
CA ALA A 1188 28.10 29.47 -13.72
C ALA A 1188 27.74 28.10 -13.16
N PHE A 1189 26.46 27.78 -12.95
CA PHE A 1189 26.10 26.56 -12.22
C PHE A 1189 26.43 25.26 -12.95
N PRO A 1190 26.45 25.18 -14.29
CA PRO A 1190 26.97 23.94 -14.91
C PRO A 1190 28.41 23.64 -14.53
N PHE A 1191 29.24 24.67 -14.32
CA PHE A 1191 30.61 24.42 -13.90
C PHE A 1191 30.65 23.78 -12.51
N ILE A 1192 29.80 24.24 -11.59
CA ILE A 1192 29.74 23.60 -10.28
C ILE A 1192 29.20 22.19 -10.40
N LEU A 1193 28.20 21.97 -11.26
CA LEU A 1193 27.67 20.63 -11.49
C LEU A 1193 28.70 19.68 -12.08
N ILE A 1194 29.66 20.19 -12.85
CA ILE A 1194 30.72 19.32 -13.37
C ILE A 1194 31.89 19.21 -12.40
N LEU A 1195 31.99 20.10 -11.41
CA LEU A 1195 33.01 20.01 -10.37
C LEU A 1195 32.58 19.12 -9.21
N THR A 1196 31.62 18.21 -9.41
CA THR A 1196 31.22 17.28 -8.36
C THR A 1196 31.53 15.84 -8.71
N VAL A 1197 32.02 15.57 -9.91
CA VAL A 1197 32.46 14.22 -10.29
C VAL A 1197 33.85 13.95 -9.73
N PRO A 1198 34.82 14.87 -9.84
CA PRO A 1198 36.08 14.68 -9.10
C PRO A 1198 35.88 14.59 -7.60
N LEU A 1199 34.91 15.32 -7.04
CA LEU A 1199 34.62 15.24 -5.61
C LEU A 1199 34.21 13.84 -5.20
N ARG A 1200 33.54 13.10 -6.08
CA ARG A 1200 33.19 11.71 -5.82
C ARG A 1200 34.31 10.74 -6.13
N MET A 1201 35.12 11.01 -7.17
CA MET A 1201 36.21 10.11 -7.51
C MET A 1201 37.40 10.21 -6.57
N VAL A 1202 37.54 11.32 -5.83
CA VAL A 1202 38.72 11.50 -5.00
C VAL A 1202 38.34 11.67 -3.54
N VAL A 1203 37.58 12.72 -3.23
CA VAL A 1203 37.31 13.05 -1.83
C VAL A 1203 36.39 12.02 -1.20
N LEU A 1204 35.33 11.62 -1.90
CA LEU A 1204 34.32 10.73 -1.34
C LEU A 1204 34.76 9.28 -1.32
N THR A 1205 35.88 8.94 -1.96
CA THR A 1205 36.38 7.58 -1.96
C THR A 1205 37.16 7.23 -0.70
N ARG A 1206 37.82 8.20 -0.08
CA ARG A 1206 38.58 7.96 1.13
C ARG A 1206 37.68 7.74 2.36
N ILE A 1207 36.58 8.46 2.45
CA ILE A 1207 35.72 8.37 3.64
C ILE A 1207 35.02 7.02 3.68
N PHE A 1208 34.47 6.58 2.56
CA PHE A 1208 33.68 5.35 2.53
C PHE A 1208 34.48 4.20 1.95
N THR A 1209 34.09 2.99 2.33
CA THR A 1209 34.67 1.77 1.79
C THR A 1209 33.97 1.44 0.46
N ASP A 1210 34.62 0.61 -0.35
CA ASP A 1210 34.08 0.28 -1.66
C ASP A 1210 32.71 -0.40 -1.56
N ARG A 1211 32.48 -1.16 -0.49
CA ARG A 1211 31.19 -1.81 -0.31
C ARG A 1211 30.07 -0.79 -0.18
N GLU A 1212 30.28 0.25 0.63
CA GLU A 1212 29.24 1.26 0.82
C GLU A 1212 29.04 2.10 -0.44
N MET A 1213 30.12 2.34 -1.19
CA MET A 1213 29.98 3.02 -2.48
C MET A 1213 29.16 2.19 -3.46
N LYS A 1214 29.39 0.87 -3.46
CA LYS A 1214 28.59 -0.01 -4.32
C LYS A 1214 27.13 -0.01 -3.89
N CYS A 1215 26.87 -0.03 -2.58
CA CYS A 1215 25.50 -0.13 -2.10
C CYS A 1215 24.72 1.17 -2.33
N LEU A 1216 25.34 2.30 -2.02
CA LEU A 1216 24.64 3.58 -2.14
C LEU A 1216 24.64 4.09 -3.57
N ASP A 1217 25.83 4.32 -4.13
CA ASP A 1217 25.97 4.80 -5.50
C ASP A 1217 25.80 3.60 -6.42
N ALA A 1218 24.54 3.26 -6.70
CA ALA A 1218 24.20 2.10 -7.52
C ALA A 1218 23.48 2.60 -8.77
N ASN A 1219 24.25 2.91 -9.81
CA ASN A 1219 23.70 3.35 -11.09
C ASN A 1219 23.38 2.14 -11.96
N GLU A 1220 22.39 1.38 -11.51
CA GLU A 1220 21.98 0.15 -12.18
C GLU A 1220 20.61 0.30 -12.85
N ALA A 1221 19.58 0.68 -12.09
CA ALA A 1221 18.24 0.97 -12.59
C ALA A 1221 17.53 -0.29 -13.07
N GLU A 1222 16.21 -0.35 -12.88
CA GLU A 1222 15.40 -1.45 -13.35
C GLU A 1222 14.29 -0.90 -14.25
N PRO A 1223 14.12 -1.45 -15.46
CA PRO A 1223 13.11 -0.92 -16.37
C PRO A 1223 11.70 -1.09 -15.83
N VAL A 1224 10.83 -0.14 -16.16
CA VAL A 1224 9.43 -0.19 -15.79
C VAL A 1224 8.60 -0.28 -17.05
N PHE A 1225 7.43 -0.92 -16.93
CA PHE A 1225 6.52 -1.09 -18.05
C PHE A 1225 5.09 -0.79 -17.62
N ASP A 1226 4.93 0.24 -16.79
CA ASP A 1226 3.63 0.65 -16.26
C ASP A 1226 2.91 -0.52 -15.60
N GLU A 1227 3.64 -1.27 -14.78
CA GLU A 1227 3.11 -2.36 -13.98
C GLU A 1227 3.08 -1.93 -12.53
N ARG A 1228 2.66 -2.87 -11.65
CA ARG A 1228 2.54 -2.62 -10.22
C ARG A 1228 1.58 -1.47 -9.95
N GLU A 1229 1.72 -0.83 -8.78
CA GLU A 1229 0.87 0.28 -8.38
C GLU A 1229 1.74 1.47 -8.01
N GLY A 1230 1.39 2.64 -8.54
CA GLY A 1230 2.11 3.85 -8.21
C GLY A 1230 3.42 4.03 -8.94
N VAL A 1231 3.66 3.28 -10.01
CA VAL A 1231 4.90 3.35 -10.77
C VAL A 1231 4.55 3.69 -12.22
N ASP A 1232 5.18 4.72 -12.76
CA ASP A 1232 4.96 5.16 -14.13
C ASP A 1232 6.30 5.54 -14.73
N GLU A 1233 6.26 6.22 -15.87
CA GLU A 1233 7.50 6.61 -16.56
C GLU A 1233 8.32 7.62 -15.77
N TYR A 1234 7.72 8.26 -14.76
CA TYR A 1234 8.48 9.23 -13.96
C TYR A 1234 9.46 8.55 -13.02
N ASN A 1235 9.22 7.27 -12.70
CA ASN A 1235 10.09 6.57 -11.77
C ASN A 1235 11.32 5.96 -12.45
N GLU A 1236 11.32 5.94 -13.78
CA GLU A 1236 12.42 5.31 -14.51
C GLU A 1236 13.72 6.09 -14.37
N MET A 1237 13.67 7.40 -14.61
CA MET A 1237 14.87 8.20 -14.76
C MET A 1237 14.97 9.26 -13.67
N PRO A 1238 16.13 9.40 -13.03
CA PRO A 1238 16.30 10.45 -12.02
C PRO A 1238 16.65 11.80 -12.61
N MET A 1239 16.43 11.97 -13.92
CA MET A 1239 16.71 13.21 -14.60
C MET A 1239 15.41 14.00 -14.70
N PRO A 1240 15.43 15.32 -14.50
CA PRO A 1240 14.15 16.07 -14.50
C PRO A 1240 13.56 16.24 -15.88
N VAL A 1241 12.42 16.91 -15.96
CA VAL A 1241 11.69 17.07 -17.22
C VAL A 1241 12.20 18.28 -17.98
N PRO B 320 6.95 -27.42 31.60
CA PRO B 320 5.88 -26.75 30.85
C PRO B 320 6.07 -25.24 30.80
N HIS B 321 7.32 -24.79 30.92
CA HIS B 321 7.62 -23.37 30.92
C HIS B 321 8.04 -22.91 29.53
N GLU B 322 8.33 -21.62 29.41
CA GLU B 322 8.80 -21.05 28.16
C GLU B 322 10.31 -21.16 28.06
N VAL B 323 10.81 -21.32 26.84
CA VAL B 323 12.23 -21.56 26.58
C VAL B 323 12.76 -20.46 25.68
N PHE B 324 13.87 -19.86 26.09
CA PHE B 324 14.59 -18.87 25.30
C PHE B 324 15.95 -19.46 24.94
N VAL B 325 16.25 -19.53 23.65
CA VAL B 325 17.46 -20.21 23.19
C VAL B 325 18.31 -19.22 22.39
N GLU B 326 19.64 -19.38 22.48
CA GLU B 326 20.54 -18.61 21.64
C GLU B 326 21.57 -19.53 21.01
N LEU B 327 21.98 -19.17 19.79
CA LEU B 327 22.93 -19.94 19.00
C LEU B 327 24.23 -19.14 18.92
N ASN B 328 25.27 -19.66 19.55
CA ASN B 328 26.62 -19.13 19.46
C ASN B 328 27.38 -19.88 18.36
N GLU B 329 28.51 -19.32 17.96
CA GLU B 329 29.30 -19.95 16.89
C GLU B 329 30.74 -19.46 17.00
N LEU B 330 31.68 -20.41 17.01
CA LEU B 330 33.10 -20.08 17.09
C LEU B 330 33.60 -19.48 15.79
N LEU B 331 33.79 -18.15 15.76
CA LEU B 331 34.28 -17.43 14.60
C LEU B 331 35.49 -16.60 15.00
N LEU B 332 36.52 -16.61 14.17
CA LEU B 332 37.76 -15.90 14.48
C LEU B 332 37.52 -14.40 14.57
N ASP B 333 38.27 -13.74 15.44
CA ASP B 333 38.18 -12.31 15.67
C ASP B 333 39.11 -11.59 14.70
N LYS B 334 39.22 -10.27 14.87
CA LYS B 334 40.14 -9.48 14.04
C LYS B 334 41.57 -9.94 14.24
N ASN B 335 42.02 -10.02 15.49
CA ASN B 335 43.37 -10.50 15.79
C ASN B 335 43.39 -11.99 16.11
N GLN B 336 42.76 -12.79 15.24
CA GLN B 336 42.84 -14.24 15.29
C GLN B 336 42.49 -14.79 16.68
N GLU B 337 41.40 -14.30 17.26
CA GLU B 337 40.96 -14.77 18.57
C GLU B 337 39.71 -15.64 18.40
N PRO B 338 39.66 -16.83 19.02
CA PRO B 338 38.48 -17.69 18.88
C PRO B 338 37.17 -17.00 19.25
N GLN B 339 37.06 -16.53 20.50
CA GLN B 339 35.96 -15.69 20.97
C GLN B 339 34.57 -16.18 20.55
N TRP B 340 34.10 -17.27 21.16
CA TRP B 340 32.73 -17.74 20.94
C TRP B 340 31.79 -16.55 20.85
N ARG B 341 31.11 -16.41 19.71
CA ARG B 341 30.31 -15.23 19.43
C ARG B 341 28.85 -15.61 19.22
N GLU B 342 27.95 -14.72 19.65
CA GLU B 342 26.53 -14.97 19.53
C GLU B 342 26.09 -14.72 18.09
N THR B 343 25.29 -15.64 17.56
CA THR B 343 24.85 -15.58 16.17
C THR B 343 23.35 -15.42 16.02
N ALA B 344 22.55 -16.11 16.82
CA ALA B 344 21.10 -15.98 16.66
C ALA B 344 20.42 -16.13 18.00
N ARG B 345 19.15 -15.74 18.05
CA ARG B 345 18.39 -15.70 19.30
C ARG B 345 16.93 -15.96 19.03
N TRP B 346 16.39 -17.03 19.60
CA TRP B 346 14.99 -17.40 19.45
C TRP B 346 14.27 -17.19 20.79
N ILE B 347 13.22 -16.37 20.76
CA ILE B 347 12.22 -16.30 21.82
C ILE B 347 10.90 -16.92 21.34
N LYS B 348 10.30 -16.35 20.31
CA LYS B 348 9.18 -16.90 19.58
C LYS B 348 9.43 -16.99 18.09
N PHE B 349 10.14 -16.01 17.52
CA PHE B 349 10.56 -16.02 16.13
C PHE B 349 12.05 -15.71 16.04
N GLU B 350 12.68 -16.18 14.97
CA GLU B 350 14.12 -16.05 14.83
C GLU B 350 14.53 -14.60 14.60
N GLU B 351 15.68 -14.22 15.15
CA GLU B 351 16.32 -12.96 14.86
C GLU B 351 17.79 -13.23 14.54
N ASP B 352 18.30 -12.56 13.51
CA ASP B 352 19.63 -12.81 13.00
C ASP B 352 20.50 -11.56 13.11
N VAL B 353 21.79 -11.77 13.30
CA VAL B 353 22.78 -10.70 13.38
C VAL B 353 23.42 -10.54 12.01
N GLU B 354 23.32 -9.35 11.43
CA GLU B 354 23.95 -9.08 10.15
C GLU B 354 25.47 -9.02 10.32
N GLU B 355 26.17 -9.52 9.31
CA GLU B 355 27.62 -9.64 9.41
C GLU B 355 28.31 -8.28 9.32
N GLU B 356 27.89 -7.44 8.37
CA GLU B 356 28.62 -6.21 8.09
C GLU B 356 28.22 -5.05 9.00
N THR B 357 26.95 -4.94 9.38
CA THR B 357 26.48 -3.85 10.22
C THR B 357 26.27 -4.24 11.67
N GLU B 358 26.47 -5.52 12.00
CA GLU B 358 26.38 -6.07 13.37
C GLU B 358 25.23 -5.44 14.17
N ARG B 359 24.03 -5.53 13.61
CA ARG B 359 22.83 -5.09 14.29
C ARG B 359 21.74 -6.14 14.12
N TRP B 360 20.83 -6.19 15.08
CA TRP B 360 19.75 -7.16 15.04
C TRP B 360 18.78 -6.85 13.91
N GLY B 361 18.37 -7.88 13.17
CA GLY B 361 17.42 -7.74 12.11
C GLY B 361 15.99 -7.91 12.59
N LYS B 362 15.07 -7.85 11.63
CA LYS B 362 13.66 -8.00 11.95
C LYS B 362 13.32 -9.48 12.17
N PRO B 363 12.37 -9.78 13.05
CA PRO B 363 11.99 -11.17 13.27
C PRO B 363 11.33 -11.77 12.03
N HIS B 364 11.52 -13.09 11.88
CA HIS B 364 10.96 -13.80 10.74
C HIS B 364 10.78 -15.27 11.12
N VAL B 365 9.99 -15.97 10.31
CA VAL B 365 9.79 -17.40 10.55
C VAL B 365 11.06 -18.15 10.19
N ALA B 366 11.44 -19.11 11.04
CA ALA B 366 12.68 -19.86 10.85
C ALA B 366 12.43 -20.96 9.82
N SER B 367 12.89 -20.73 8.60
CA SER B 367 12.72 -21.69 7.50
C SER B 367 14.02 -22.47 7.37
N LEU B 368 14.05 -23.65 7.99
CA LEU B 368 15.23 -24.50 7.98
C LEU B 368 15.19 -25.49 6.83
N SER B 369 16.37 -25.93 6.40
CA SER B 369 16.48 -26.88 5.30
C SER B 369 16.13 -28.29 5.77
N PHE B 370 16.28 -29.26 4.87
CA PHE B 370 15.95 -30.64 5.16
C PHE B 370 17.17 -31.54 5.32
N ARG B 371 18.20 -31.34 4.51
CA ARG B 371 19.42 -32.12 4.65
C ARG B 371 20.05 -31.93 6.02
N SER B 372 19.95 -30.71 6.56
CA SER B 372 20.45 -30.47 7.91
C SER B 372 19.67 -31.28 8.94
N LEU B 373 18.35 -31.36 8.79
CA LEU B 373 17.54 -32.18 9.68
C LEU B 373 17.94 -33.65 9.58
N LEU B 374 18.13 -34.14 8.35
CA LEU B 374 18.52 -35.54 8.16
C LEU B 374 19.88 -35.82 8.80
N GLU B 375 20.84 -34.93 8.60
CA GLU B 375 22.17 -35.11 9.19
C GLU B 375 22.10 -35.06 10.72
N LEU B 376 21.29 -34.15 11.27
CA LEU B 376 21.13 -34.06 12.71
C LEU B 376 20.54 -35.34 13.28
N ARG B 377 19.52 -35.89 12.60
CA ARG B 377 18.95 -37.16 13.06
C ARG B 377 19.98 -38.28 12.95
N ARG B 378 20.78 -38.29 11.89
CA ARG B 378 21.78 -39.33 11.72
C ARG B 378 22.85 -39.28 12.80
N THR B 379 23.34 -38.09 13.14
CA THR B 379 24.46 -37.97 14.08
C THR B 379 24.00 -37.96 15.54
N LEU B 380 22.69 -37.97 15.79
CA LEU B 380 22.18 -38.07 17.14
C LEU B 380 22.15 -39.53 17.58
N ALA B 381 22.43 -40.44 16.65
CA ALA B 381 22.39 -41.87 16.93
C ALA B 381 23.56 -42.36 17.77
N HIS B 382 24.75 -41.80 17.59
CA HIS B 382 25.91 -42.23 18.35
C HIS B 382 26.50 -41.08 19.16
N GLY B 383 25.64 -40.30 19.81
CA GLY B 383 26.08 -39.19 20.62
C GLY B 383 26.13 -39.52 22.10
N ALA B 384 26.46 -38.51 22.92
CA ALA B 384 26.57 -38.68 24.37
C ALA B 384 25.50 -37.85 25.05
N VAL B 385 24.73 -38.47 25.93
CA VAL B 385 23.62 -37.81 26.62
C VAL B 385 23.93 -37.84 28.12
N LEU B 386 24.39 -36.70 28.65
CA LEU B 386 24.57 -36.52 30.09
C LEU B 386 23.25 -36.06 30.71
N LEU B 387 22.38 -37.03 30.95
CA LEU B 387 21.10 -36.73 31.59
C LEU B 387 21.28 -36.53 33.09
N ASP B 388 20.63 -35.49 33.62
CA ASP B 388 20.62 -35.18 35.04
C ASP B 388 22.04 -34.96 35.58
N LEU B 389 22.69 -33.92 35.04
CA LEU B 389 23.99 -33.52 35.55
C LEU B 389 23.84 -32.78 36.88
N ASP B 390 24.92 -32.77 37.66
CA ASP B 390 24.90 -32.24 39.02
C ASP B 390 26.06 -31.29 39.26
N GLN B 391 26.27 -30.36 38.33
CA GLN B 391 27.30 -29.34 38.45
C GLN B 391 26.66 -27.97 38.38
N GLN B 392 27.46 -26.95 38.74
CA GLN B 392 26.96 -25.57 38.77
C GLN B 392 27.93 -24.61 38.09
N THR B 393 28.97 -25.13 37.46
CA THR B 393 29.97 -24.29 36.80
C THR B 393 30.27 -24.87 35.43
N LEU B 394 30.66 -23.99 34.51
CA LEU B 394 31.04 -24.42 33.17
C LEU B 394 32.25 -25.35 33.15
N PRO B 395 33.33 -25.10 33.89
CA PRO B 395 34.46 -26.05 33.86
C PRO B 395 34.08 -27.47 34.24
N GLY B 396 33.22 -27.64 35.24
CA GLY B 396 32.84 -28.99 35.64
C GLY B 396 32.04 -29.72 34.59
N VAL B 397 31.02 -29.07 34.03
CA VAL B 397 30.21 -29.72 33.01
C VAL B 397 31.06 -30.02 31.78
N ALA B 398 31.98 -29.11 31.44
CA ALA B 398 32.92 -29.39 30.34
C ALA B 398 33.79 -30.59 30.66
N HIS B 399 34.20 -30.73 31.93
CA HIS B 399 35.02 -31.85 32.33
C HIS B 399 34.28 -33.18 32.15
N GLN B 400 33.04 -33.27 32.62
CA GLN B 400 32.31 -34.52 32.42
C GLN B 400 31.95 -34.74 30.95
N VAL B 401 31.70 -33.67 30.20
CA VAL B 401 31.40 -33.80 28.77
C VAL B 401 32.59 -34.42 28.04
N VAL B 402 33.78 -33.88 28.26
CA VAL B 402 34.96 -34.43 27.59
C VAL B 402 35.28 -35.82 28.12
N GLU B 403 35.00 -36.08 29.40
CA GLU B 403 35.22 -37.41 29.96
C GLU B 403 34.38 -38.45 29.22
N GLN B 404 33.08 -38.19 29.06
CA GLN B 404 32.25 -39.21 28.42
C GLN B 404 32.49 -39.24 26.91
N MET B 405 32.98 -38.14 26.31
CA MET B 405 33.42 -38.24 24.92
C MET B 405 34.59 -39.20 24.78
N VAL B 406 35.62 -39.05 25.62
CA VAL B 406 36.79 -39.92 25.47
C VAL B 406 36.43 -41.36 25.87
N ILE B 407 35.45 -41.51 26.77
CA ILE B 407 34.98 -42.84 27.14
C ILE B 407 34.19 -43.47 26.00
N SER B 408 33.28 -42.70 25.39
CA SER B 408 32.33 -43.23 24.42
C SER B 408 32.85 -43.19 22.99
N ASP B 409 34.18 -43.19 22.79
CA ASP B 409 34.80 -43.28 21.47
C ASP B 409 34.36 -42.13 20.57
N GLN B 410 34.67 -40.91 21.02
CA GLN B 410 34.50 -39.72 20.20
C GLN B 410 35.82 -38.98 20.03
N ILE B 411 36.62 -38.88 21.09
CA ILE B 411 38.00 -38.43 21.03
C ILE B 411 38.87 -39.57 21.57
N LYS B 412 39.87 -39.98 20.78
CA LYS B 412 40.45 -41.31 21.03
C LYS B 412 41.45 -41.31 22.17
N ALA B 413 42.63 -40.72 21.97
CA ALA B 413 43.66 -40.79 23.00
C ALA B 413 44.47 -39.51 23.21
N GLU B 414 44.60 -38.62 22.23
CA GLU B 414 45.59 -37.56 22.27
C GLU B 414 44.99 -36.16 22.26
N ASP B 415 43.67 -36.03 22.16
CA ASP B 415 43.00 -34.73 22.15
C ASP B 415 41.96 -34.67 23.28
N ARG B 416 42.45 -34.31 24.47
CA ARG B 416 41.59 -34.13 25.64
C ARG B 416 41.76 -32.77 26.30
N ALA B 417 42.84 -32.05 25.99
CA ALA B 417 43.06 -30.71 26.51
C ALA B 417 42.83 -29.62 25.48
N ASN B 418 43.16 -29.88 24.21
CA ASN B 418 42.87 -28.92 23.16
C ASN B 418 41.36 -28.71 23.01
N VAL B 419 40.59 -29.80 23.06
CA VAL B 419 39.14 -29.69 23.02
C VAL B 419 38.62 -28.97 24.27
N LEU B 420 39.17 -29.32 25.44
CA LEU B 420 38.78 -28.64 26.67
C LEU B 420 39.17 -27.17 26.65
N ARG B 421 40.21 -26.83 25.88
CA ARG B 421 40.61 -25.43 25.75
C ARG B 421 39.54 -24.60 25.06
N ALA B 422 38.88 -25.16 24.05
CA ALA B 422 37.87 -24.42 23.30
C ALA B 422 36.62 -24.17 24.14
N LEU B 423 36.25 -25.12 25.00
CA LEU B 423 35.05 -24.98 25.80
C LEU B 423 35.18 -23.82 26.80
N LEU B 424 36.33 -23.68 27.44
CA LEU B 424 36.54 -22.64 28.44
C LEU B 424 37.19 -21.43 27.79
N LEU B 425 36.36 -20.66 27.09
CA LEU B 425 36.78 -19.46 26.39
C LEU B 425 35.87 -18.29 26.77
N LYS B 426 36.07 -17.16 26.10
CA LYS B 426 35.33 -15.94 26.37
C LYS B 426 34.25 -15.74 25.31
N HIS B 427 33.03 -15.45 25.77
CA HIS B 427 31.90 -15.25 24.87
C HIS B 427 31.67 -13.76 24.65
N SER B 428 31.53 -13.36 23.39
CA SER B 428 31.37 -11.96 23.01
C SER B 428 29.98 -11.77 22.40
N HIS B 429 29.16 -10.96 23.06
CA HIS B 429 27.83 -10.64 22.57
C HIS B 429 27.87 -9.33 21.80
N PRO B 430 27.00 -9.18 20.78
CA PRO B 430 26.98 -7.93 20.00
C PRO B 430 26.07 -6.88 20.61
N SER B 431 26.25 -6.60 21.90
CA SER B 431 25.43 -5.56 22.53
C SER B 431 26.22 -4.69 23.50
N ASP B 432 27.55 -4.76 23.52
CA ASP B 432 28.35 -3.98 24.45
C ASP B 432 29.56 -3.37 23.75
N LYS B 499 22.23 -3.93 35.64
CA LYS B 499 21.82 -2.56 35.43
C LYS B 499 22.35 -2.02 34.11
N SER B 500 21.51 -2.07 33.08
CA SER B 500 21.87 -1.64 31.73
C SER B 500 20.61 -1.12 31.05
N LYS B 501 20.67 -1.03 29.71
CA LYS B 501 19.51 -0.62 28.92
C LYS B 501 18.98 -1.78 28.08
N HIS B 502 19.85 -2.40 27.27
CA HIS B 502 19.41 -3.45 26.36
C HIS B 502 18.85 -4.65 27.12
N GLU B 503 19.53 -5.09 28.17
CA GLU B 503 19.06 -6.28 28.87
C GLU B 503 17.86 -6.00 29.77
N LEU B 504 17.75 -4.78 30.30
CA LEU B 504 16.49 -4.38 30.94
C LEU B 504 15.32 -4.42 29.95
N LYS B 505 15.55 -3.92 28.73
CA LYS B 505 14.49 -3.98 27.73
C LYS B 505 14.16 -5.42 27.36
N LEU B 506 15.19 -6.27 27.26
CA LEU B 506 14.97 -7.64 26.81
C LEU B 506 14.28 -8.49 27.88
N LEU B 507 14.58 -8.24 29.16
CA LEU B 507 14.00 -9.05 30.22
C LEU B 507 12.49 -8.93 30.27
N GLU B 508 11.94 -7.77 29.89
CA GLU B 508 10.49 -7.61 29.86
C GLU B 508 9.86 -8.50 28.81
N LYS B 509 10.47 -8.59 27.63
CA LYS B 509 9.93 -9.42 26.55
C LYS B 509 9.94 -10.90 26.92
N ILE B 510 11.02 -11.35 27.55
CA ILE B 510 11.11 -12.76 27.98
C ILE B 510 10.06 -13.02 29.05
N PRO B 511 9.38 -14.16 29.04
CA PRO B 511 8.40 -14.45 30.09
C PRO B 511 9.02 -14.46 31.48
N GLU B 512 8.16 -14.47 32.49
CA GLU B 512 8.62 -14.36 33.87
C GLU B 512 9.42 -15.58 34.28
N ASN B 513 8.76 -16.74 34.36
CA ASN B 513 9.43 -17.99 34.72
C ASN B 513 9.81 -18.77 33.47
N ALA B 514 10.78 -18.23 32.75
CA ALA B 514 11.24 -18.79 31.48
C ALA B 514 12.67 -19.30 31.63
N GLU B 515 12.90 -20.55 31.23
CA GLU B 515 14.23 -21.11 31.20
C GLU B 515 14.94 -20.73 29.89
N ALA B 516 16.25 -20.93 29.87
CA ALA B 516 17.07 -20.57 28.73
C ALA B 516 18.02 -21.71 28.38
N THR B 517 18.55 -21.64 27.16
CA THR B 517 19.51 -22.63 26.70
C THR B 517 20.36 -22.07 25.56
N VAL B 518 21.55 -22.63 25.40
CA VAL B 518 22.53 -22.19 24.42
C VAL B 518 22.93 -23.38 23.56
N VAL B 519 23.14 -23.14 22.27
CA VAL B 519 23.69 -24.14 21.36
C VAL B 519 24.99 -23.60 20.78
N LEU B 520 26.05 -24.38 20.91
CA LEU B 520 27.39 -24.00 20.48
C LEU B 520 27.81 -24.90 19.32
N VAL B 521 28.16 -24.29 18.19
CA VAL B 521 28.66 -25.01 17.03
C VAL B 521 29.93 -24.33 16.54
N GLY B 522 30.78 -25.09 15.87
CA GLY B 522 32.02 -24.55 15.36
C GLY B 522 32.75 -25.47 14.40
N CYS B 523 33.56 -24.89 13.52
CA CYS B 523 34.34 -25.65 12.53
C CYS B 523 35.79 -25.66 12.99
N VAL B 524 36.15 -26.69 13.76
CA VAL B 524 37.52 -26.83 14.26
C VAL B 524 38.16 -27.99 13.50
N GLU B 525 39.49 -28.12 13.59
CA GLU B 525 40.22 -29.05 12.75
C GLU B 525 40.61 -30.34 13.45
N PHE B 526 41.10 -30.28 14.69
CA PHE B 526 41.68 -31.46 15.35
C PHE B 526 40.64 -32.39 15.97
N LEU B 527 39.65 -32.84 15.20
CA LEU B 527 38.68 -33.81 15.68
C LEU B 527 38.57 -35.06 14.82
N SER B 528 38.69 -34.94 13.50
CA SER B 528 38.73 -36.05 12.55
C SER B 528 37.37 -36.72 12.40
N ARG B 529 36.41 -36.33 13.22
CA ARG B 529 35.04 -36.84 13.14
C ARG B 529 34.14 -35.97 14.02
N PRO B 530 32.95 -35.62 13.53
CA PRO B 530 32.07 -34.76 14.33
C PRO B 530 31.60 -35.46 15.60
N THR B 531 31.64 -34.73 16.71
CA THR B 531 31.26 -35.21 18.02
C THR B 531 30.14 -34.34 18.59
N MET B 532 29.27 -34.97 19.38
CA MET B 532 28.10 -34.30 19.93
C MET B 532 27.94 -34.65 21.41
N ALA B 533 27.40 -33.70 22.17
CA ALA B 533 27.08 -33.93 23.57
C ALA B 533 25.81 -33.16 23.91
N PHE B 534 24.87 -33.82 24.58
CA PHE B 534 23.61 -33.22 24.99
C PHE B 534 23.44 -33.47 26.48
N VAL B 535 23.16 -32.40 27.24
CA VAL B 535 23.10 -32.49 28.69
C VAL B 535 21.81 -31.84 29.18
N ARG B 536 21.40 -32.19 30.39
CA ARG B 536 20.28 -31.56 31.07
C ARG B 536 20.66 -31.43 32.55
N LEU B 537 20.97 -30.22 32.98
CA LEU B 537 21.33 -29.99 34.38
C LEU B 537 20.12 -30.27 35.27
N ARG B 538 20.38 -30.91 36.42
CA ARG B 538 19.29 -31.26 37.32
C ARG B 538 18.61 -30.03 37.89
N GLU B 539 19.38 -28.99 38.20
CA GLU B 539 18.85 -27.73 38.70
C GLU B 539 19.33 -26.59 37.81
N ALA B 540 18.47 -25.61 37.60
CA ALA B 540 18.82 -24.46 36.77
C ALA B 540 19.86 -23.60 37.50
N VAL B 541 21.01 -23.40 36.86
CA VAL B 541 22.11 -22.63 37.43
C VAL B 541 22.61 -21.65 36.37
N GLU B 542 22.89 -20.42 36.79
CA GLU B 542 23.45 -19.40 35.91
C GLU B 542 24.88 -19.76 35.54
N LEU B 543 25.31 -19.41 34.34
CA LEU B 543 26.62 -19.83 33.82
C LEU B 543 27.45 -18.62 33.40
N ASP B 544 27.51 -17.60 34.27
CA ASP B 544 28.40 -16.45 34.12
C ASP B 544 28.02 -15.69 32.84
N ALA B 545 28.92 -15.56 31.87
CA ALA B 545 28.71 -14.67 30.73
C ALA B 545 28.59 -15.43 29.41
N VAL B 546 27.86 -16.54 29.42
CA VAL B 546 27.53 -17.21 28.15
C VAL B 546 26.24 -16.64 27.58
N LEU B 547 25.34 -16.20 28.44
CA LEU B 547 24.09 -15.55 28.05
C LEU B 547 24.24 -14.04 28.10
N GLU B 548 23.38 -13.35 27.34
CA GLU B 548 23.37 -11.90 27.32
C GLU B 548 22.43 -11.31 28.37
N VAL B 549 21.62 -12.13 29.03
CA VAL B 549 20.72 -11.66 30.08
C VAL B 549 20.81 -12.58 31.28
N PRO B 550 20.59 -12.09 32.50
CA PRO B 550 20.68 -12.96 33.68
C PRO B 550 19.47 -13.87 33.83
N VAL B 551 19.46 -14.97 33.09
CA VAL B 551 18.38 -15.96 33.19
C VAL B 551 19.00 -17.35 33.27
N PRO B 552 18.53 -18.21 34.18
CA PRO B 552 19.17 -19.53 34.34
C PRO B 552 18.97 -20.41 33.12
N VAL B 553 19.93 -21.32 32.93
CA VAL B 553 19.92 -22.25 31.81
C VAL B 553 19.49 -23.63 32.31
N ARG B 554 18.93 -24.42 31.40
CA ARG B 554 18.55 -25.80 31.68
C ARG B 554 19.29 -26.79 30.79
N PHE B 555 19.35 -26.53 29.50
CA PHE B 555 20.08 -27.37 28.55
C PHE B 555 21.25 -26.59 27.97
N LEU B 556 22.20 -27.34 27.40
CA LEU B 556 23.21 -26.76 26.53
C LEU B 556 23.65 -27.83 25.54
N PHE B 557 23.61 -27.49 24.26
CA PHE B 557 23.92 -28.41 23.18
C PHE B 557 25.17 -27.91 22.46
N LEU B 558 26.19 -28.77 22.36
CA LEU B 558 27.44 -28.38 21.75
C LEU B 558 27.82 -29.40 20.68
N LEU B 559 28.37 -28.91 19.57
CA LEU B 559 28.71 -29.74 18.43
C LEU B 559 30.05 -29.27 17.87
N LEU B 560 31.00 -30.18 17.77
CA LEU B 560 32.31 -29.90 17.20
C LEU B 560 32.64 -30.93 16.14
N GLY B 561 33.22 -30.48 15.04
CA GLY B 561 33.57 -31.36 13.95
C GLY B 561 34.51 -30.73 12.95
N PRO B 562 35.17 -31.56 12.14
CA PRO B 562 36.10 -31.04 11.14
C PRO B 562 35.39 -30.30 10.03
N SER B 563 36.11 -29.36 9.42
CA SER B 563 35.61 -28.68 8.23
C SER B 563 35.66 -29.57 7.00
N SER B 564 36.41 -30.66 7.04
CA SER B 564 36.50 -31.58 5.91
C SER B 564 35.45 -32.70 6.05
N ALA B 565 34.21 -32.27 6.23
CA ALA B 565 33.10 -33.21 6.34
C ALA B 565 31.89 -32.81 5.50
N ASN B 566 31.92 -31.68 4.80
CA ASN B 566 30.83 -31.23 3.93
C ASN B 566 29.51 -31.15 4.69
N MET B 567 29.58 -30.54 5.88
CA MET B 567 28.40 -30.28 6.69
C MET B 567 28.36 -28.81 7.05
N ASP B 568 27.19 -28.19 6.88
CA ASP B 568 27.00 -26.78 7.22
C ASP B 568 26.65 -26.70 8.70
N TYR B 569 27.67 -26.42 9.52
CA TYR B 569 27.49 -26.47 10.97
C TYR B 569 26.53 -25.40 11.45
N HIS B 570 26.57 -24.21 10.86
CA HIS B 570 25.65 -23.15 11.24
C HIS B 570 24.21 -23.55 10.96
N GLU B 571 23.97 -24.21 9.83
CA GLU B 571 22.63 -24.68 9.51
C GLU B 571 22.15 -25.73 10.51
N ILE B 572 23.06 -26.62 10.93
CA ILE B 572 22.71 -27.61 11.94
C ILE B 572 22.36 -26.94 13.26
N GLY B 573 23.13 -25.92 13.65
CA GLY B 573 22.79 -25.18 14.86
C GLY B 573 21.45 -24.50 14.76
N ARG B 574 21.15 -23.89 13.62
CA ARG B 574 19.85 -23.27 13.42
C ARG B 574 18.73 -24.29 13.52
N SER B 575 18.93 -25.48 12.92
CA SER B 575 17.91 -26.51 12.97
C SER B 575 17.68 -27.00 14.40
N ILE B 576 18.75 -27.26 15.14
CA ILE B 576 18.56 -27.76 16.51
C ILE B 576 17.93 -26.69 17.39
N SER B 577 18.26 -25.41 17.16
CA SER B 577 17.57 -24.34 17.88
C SER B 577 16.08 -24.30 17.54
N THR B 578 15.75 -24.47 16.26
CA THR B 578 14.34 -24.44 15.87
C THR B 578 13.56 -25.58 16.50
N LEU B 579 14.16 -26.78 16.56
CA LEU B 579 13.52 -27.87 17.29
C LEU B 579 13.40 -27.57 18.78
N MET B 580 14.45 -27.01 19.38
CA MET B 580 14.41 -26.70 20.81
C MET B 580 13.42 -25.59 21.15
N SER B 581 13.01 -24.79 20.16
CA SER B 581 12.08 -23.70 20.40
C SER B 581 10.62 -24.11 20.23
N ASP B 582 10.35 -25.38 19.94
CA ASP B 582 8.99 -25.85 19.74
C ASP B 582 8.50 -26.57 21.00
N LYS B 583 7.20 -26.42 21.28
CA LYS B 583 6.64 -26.88 22.55
C LYS B 583 6.76 -28.39 22.71
N GLN B 584 6.34 -29.15 21.70
CA GLN B 584 6.29 -30.60 21.80
C GLN B 584 7.67 -31.25 21.85
N PHE B 585 8.73 -30.50 21.56
CA PHE B 585 10.07 -31.07 21.63
C PHE B 585 10.71 -30.86 23.00
N HIS B 586 10.62 -29.65 23.54
CA HIS B 586 11.16 -29.43 24.88
C HIS B 586 10.29 -30.06 25.96
N GLU B 587 8.98 -30.17 25.70
CA GLU B 587 8.08 -30.79 26.67
C GLU B 587 8.32 -32.29 26.72
N ALA B 588 9.01 -32.83 25.72
CA ALA B 588 9.44 -34.22 25.74
C ALA B 588 10.90 -34.39 26.12
N ALA B 589 11.74 -33.37 25.96
CA ALA B 589 13.10 -33.37 26.45
C ALA B 589 13.17 -33.21 27.97
N TYR B 590 12.16 -32.56 28.56
CA TYR B 590 12.08 -32.48 30.01
C TYR B 590 11.99 -33.86 30.66
N LEU B 591 11.19 -34.75 30.09
CA LEU B 591 10.90 -36.06 30.68
C LEU B 591 11.50 -37.20 29.88
N ALA B 592 12.52 -36.92 29.07
CA ALA B 592 13.20 -37.93 28.29
C ALA B 592 14.09 -38.77 29.20
N ASP B 593 14.45 -39.98 28.76
CA ASP B 593 15.29 -40.86 29.56
C ASP B 593 16.40 -41.48 28.73
N GLU B 594 16.29 -41.38 27.41
CA GLU B 594 17.28 -41.99 26.51
C GLU B 594 17.21 -41.28 25.16
N ARG B 595 18.25 -41.52 24.36
CA ARG B 595 18.30 -40.94 23.02
C ARG B 595 17.15 -41.42 22.13
N GLU B 596 16.57 -42.59 22.45
CA GLU B 596 15.41 -43.06 21.70
C GLU B 596 14.26 -42.09 21.80
N ASP B 597 14.04 -41.52 22.99
CA ASP B 597 12.99 -40.52 23.17
C ASP B 597 13.27 -39.28 22.32
N LEU B 598 14.53 -38.87 22.25
CA LEU B 598 14.87 -37.71 21.42
C LEU B 598 14.62 -37.98 19.94
N LEU B 599 14.99 -39.18 19.46
CA LEU B 599 14.74 -39.53 18.07
C LEU B 599 13.24 -39.60 17.79
N THR B 600 12.47 -40.16 18.72
CA THR B 600 11.02 -40.21 18.55
C THR B 600 10.43 -38.80 18.52
N ALA B 601 10.94 -37.90 19.36
CA ALA B 601 10.46 -36.53 19.35
C ALA B 601 10.78 -35.85 18.02
N ILE B 602 11.98 -36.07 17.48
CA ILE B 602 12.32 -35.51 16.18
C ILE B 602 11.39 -36.06 15.10
N ASN B 603 11.13 -37.36 15.12
CA ASN B 603 10.26 -37.96 14.13
C ASN B 603 8.84 -37.41 14.22
N ALA B 604 8.33 -37.23 15.43
CA ALA B 604 6.99 -36.66 15.60
C ALA B 604 6.96 -35.19 15.21
N PHE B 605 8.07 -34.49 15.37
CA PHE B 605 8.14 -33.09 14.93
C PHE B 605 8.14 -33.00 13.41
N LEU B 606 8.81 -33.94 12.74
CA LEU B 606 8.91 -33.87 11.28
C LEU B 606 7.54 -34.02 10.62
N ASP B 607 6.70 -34.92 11.14
CA ASP B 607 5.40 -35.15 10.52
C ASP B 607 4.37 -34.14 10.98
N CYS B 608 4.74 -32.85 10.97
CA CYS B 608 3.81 -31.77 11.20
C CYS B 608 4.13 -30.55 10.35
N SER B 609 5.09 -30.63 9.44
CA SER B 609 5.69 -29.46 8.81
C SER B 609 5.14 -29.24 7.41
N VAL B 610 5.50 -28.09 6.84
CA VAL B 610 5.14 -27.72 5.47
C VAL B 610 6.42 -27.71 4.65
N VAL B 611 6.47 -28.56 3.62
CA VAL B 611 7.62 -28.67 2.76
C VAL B 611 7.39 -27.82 1.51
N LEU B 612 8.34 -26.95 1.20
CA LEU B 612 8.23 -26.12 0.02
C LEU B 612 9.11 -26.67 -1.11
N PRO B 613 8.64 -26.62 -2.35
CA PRO B 613 9.42 -27.17 -3.46
C PRO B 613 10.56 -26.23 -3.83
N PRO B 614 11.60 -26.73 -4.51
CA PRO B 614 12.73 -25.88 -4.92
C PRO B 614 12.40 -25.03 -6.14
N SER B 615 11.43 -24.15 -5.98
CA SER B 615 10.98 -23.26 -7.04
C SER B 615 11.08 -21.82 -6.55
N GLU B 616 11.54 -20.93 -7.42
CA GLU B 616 11.70 -19.53 -7.04
C GLU B 616 10.36 -18.90 -6.72
N VAL B 617 10.34 -18.06 -5.69
CA VAL B 617 9.13 -17.37 -5.24
C VAL B 617 9.14 -15.95 -5.81
N GLN B 618 7.95 -15.42 -6.06
CA GLN B 618 7.80 -14.09 -6.64
C GLN B 618 7.36 -13.03 -5.63
N GLY B 619 7.06 -13.42 -4.39
CA GLY B 619 6.73 -12.46 -3.36
C GLY B 619 5.30 -12.57 -2.86
N GLU B 620 4.35 -12.81 -3.76
CA GLU B 620 2.94 -12.92 -3.41
C GLU B 620 2.44 -14.35 -3.42
N GLU B 621 3.20 -15.29 -3.97
CA GLU B 621 2.76 -16.67 -4.10
C GLU B 621 2.60 -17.37 -2.75
N LEU B 622 3.19 -16.83 -1.68
CA LEU B 622 3.16 -17.51 -0.39
C LEU B 622 1.90 -17.17 0.40
N LEU B 623 1.39 -15.95 0.23
CA LEU B 623 0.27 -15.50 1.05
C LEU B 623 -0.98 -16.33 0.81
N ARG B 624 -1.24 -16.70 -0.44
CA ARG B 624 -2.43 -17.49 -0.76
C ARG B 624 -2.41 -18.85 -0.08
N SER B 625 -1.26 -19.52 -0.10
CA SER B 625 -1.22 -20.91 0.35
C SER B 625 -0.84 -21.03 1.81
N VAL B 626 0.35 -20.54 2.17
CA VAL B 626 1.07 -21.04 3.34
C VAL B 626 0.25 -20.91 4.62
N ALA B 627 -0.34 -19.73 4.86
CA ALA B 627 -1.05 -19.50 6.12
C ALA B 627 -2.27 -20.40 6.23
N HIS B 628 -3.09 -20.45 5.18
CA HIS B 628 -4.30 -21.27 5.22
C HIS B 628 -3.97 -22.75 5.33
N PHE B 629 -2.97 -23.22 4.58
CA PHE B 629 -2.56 -24.61 4.67
C PHE B 629 -2.06 -24.95 6.07
N GLN B 630 -1.29 -24.04 6.66
CA GLN B 630 -0.78 -24.25 8.01
C GLN B 630 -1.93 -24.38 9.00
N ARG B 631 -2.93 -23.50 8.89
CA ARG B 631 -4.07 -23.53 9.79
C ARG B 631 -4.86 -24.83 9.63
N GLN B 632 -5.15 -25.22 8.39
CA GLN B 632 -5.91 -26.45 8.16
C GLN B 632 -5.16 -27.68 8.65
N MET B 633 -3.85 -27.74 8.41
CA MET B 633 -3.08 -28.88 8.88
C MET B 633 -3.07 -28.94 10.40
N LEU B 634 -2.92 -27.80 11.08
CA LEU B 634 -2.95 -27.79 12.53
C LEU B 634 -4.31 -28.25 13.06
N LYS B 635 -5.39 -27.78 12.43
CA LYS B 635 -6.72 -28.21 12.87
C LYS B 635 -6.91 -29.72 12.69
N LYS B 636 -6.44 -30.26 11.56
CA LYS B 636 -6.55 -31.69 11.33
C LYS B 636 -5.72 -32.49 12.32
N ARG B 637 -4.50 -32.02 12.62
CA ARG B 637 -3.67 -32.72 13.60
C ARG B 637 -4.30 -32.69 14.98
N GLU B 638 -4.88 -31.55 15.36
CA GLU B 638 -5.55 -31.46 16.66
C GLU B 638 -6.76 -32.40 16.71
N GLU B 639 -7.52 -32.47 15.62
CA GLU B 639 -8.66 -33.38 15.58
C GLU B 639 -8.21 -34.84 15.69
N GLN B 640 -7.14 -35.20 15.00
CA GLN B 640 -6.67 -36.59 15.01
C GLN B 640 -6.09 -36.98 16.37
N GLY B 641 -5.47 -36.03 17.07
CA GLY B 641 -4.90 -36.35 18.37
C GLY B 641 -5.92 -36.73 19.41
N ARG B 642 -7.10 -36.11 19.37
CA ARG B 642 -8.15 -36.39 20.33
C ARG B 642 -9.08 -37.49 19.80
N ASP B 673 -25.36 -12.81 30.66
CA ASP B 673 -25.90 -12.16 29.48
C ASP B 673 -26.70 -10.95 29.94
N PRO B 674 -26.18 -9.74 29.70
CA PRO B 674 -26.89 -8.54 30.14
C PRO B 674 -28.24 -8.35 29.47
N LEU B 675 -28.43 -8.86 28.26
CA LEU B 675 -29.68 -8.68 27.52
C LEU B 675 -30.53 -9.94 27.70
N ARG B 676 -31.37 -9.93 28.74
CA ARG B 676 -32.30 -11.03 28.98
C ARG B 676 -33.46 -10.49 29.81
N ARG B 677 -34.67 -10.64 29.28
CA ARG B 677 -35.86 -10.24 30.03
C ARG B 677 -36.26 -11.34 31.00
N THR B 678 -36.58 -10.95 32.23
CA THR B 678 -36.91 -11.92 33.28
C THR B 678 -38.42 -12.03 33.48
N GLY B 679 -39.09 -10.89 33.68
CA GLY B 679 -40.51 -10.89 33.90
C GLY B 679 -40.92 -9.97 35.03
N ARG B 680 -39.95 -9.31 35.63
CA ARG B 680 -40.21 -8.33 36.69
C ARG B 680 -40.17 -6.93 36.09
N PRO B 681 -41.19 -6.11 36.30
CA PRO B 681 -41.16 -4.73 35.78
C PRO B 681 -39.96 -3.98 36.34
N PHE B 682 -39.35 -3.17 35.48
CA PHE B 682 -38.15 -2.41 35.84
C PHE B 682 -37.03 -3.32 36.35
N GLY B 683 -36.90 -4.49 35.73
CA GLY B 683 -35.87 -5.43 36.13
C GLY B 683 -34.49 -5.07 35.62
N GLY B 684 -34.43 -4.42 34.45
CA GLY B 684 -33.14 -4.03 33.90
C GLY B 684 -32.40 -3.04 34.77
N LEU B 685 -33.12 -2.04 35.28
CA LEU B 685 -32.50 -1.07 36.19
C LEU B 685 -32.00 -1.75 37.45
N ILE B 686 -32.78 -2.67 38.02
CA ILE B 686 -32.38 -3.36 39.22
C ILE B 686 -31.13 -4.20 38.97
N ARG B 687 -31.09 -4.91 37.83
CA ARG B 687 -29.94 -5.74 37.52
C ARG B 687 -28.69 -4.92 37.22
N ASP B 688 -28.84 -3.74 36.62
CA ASP B 688 -27.69 -2.94 36.23
C ASP B 688 -27.17 -2.03 37.33
N VAL B 689 -28.01 -1.65 38.30
CA VAL B 689 -27.53 -0.82 39.40
C VAL B 689 -26.61 -1.62 40.32
N ARG B 690 -26.97 -2.87 40.60
CA ARG B 690 -26.21 -3.73 41.51
C ARG B 690 -24.84 -4.13 40.96
N ARG B 691 -24.44 -3.71 39.77
CA ARG B 691 -23.15 -4.08 39.19
C ARG B 691 -22.17 -2.92 39.12
N ARG B 692 -22.66 -1.71 38.84
CA ARG B 692 -21.78 -0.56 38.68
C ARG B 692 -21.70 0.31 39.92
N TYR B 693 -22.79 0.41 40.68
CA TYR B 693 -22.83 1.30 41.84
C TYR B 693 -22.00 0.77 43.02
N PRO B 694 -21.94 -0.54 43.27
CA PRO B 694 -20.98 -1.03 44.28
C PRO B 694 -19.55 -0.58 44.03
N HIS B 695 -19.13 -0.55 42.76
CA HIS B 695 -17.77 -0.12 42.41
C HIS B 695 -17.75 1.37 42.08
N TYR B 696 -18.18 2.17 43.05
CA TYR B 696 -18.29 3.62 42.87
C TYR B 696 -17.05 4.36 43.35
N LEU B 697 -16.55 4.03 44.54
CA LEU B 697 -15.37 4.71 45.07
C LEU B 697 -14.13 4.43 44.22
N SER B 698 -14.07 3.26 43.59
CA SER B 698 -12.93 2.95 42.73
C SER B 698 -12.95 3.77 41.44
N ASP B 699 -14.10 4.32 41.07
CA ASP B 699 -14.17 5.13 39.85
C ASP B 699 -13.36 6.41 40.00
N PHE B 700 -13.44 7.06 41.17
CA PHE B 700 -12.73 8.30 41.42
C PHE B 700 -11.31 8.09 41.94
N ARG B 701 -10.91 6.85 42.21
CA ARG B 701 -9.57 6.56 42.70
C ARG B 701 -8.66 5.92 41.66
N ASP B 702 -9.21 5.35 40.60
CA ASP B 702 -8.42 4.73 39.54
C ASP B 702 -8.11 5.76 38.44
N ALA B 703 -7.96 7.03 38.81
CA ALA B 703 -7.68 8.10 37.85
C ALA B 703 -6.53 8.99 38.29
N LEU B 704 -5.71 8.54 39.24
CA LEU B 704 -4.54 9.29 39.68
C LEU B 704 -3.32 8.90 38.86
N ASP B 705 -3.48 9.02 37.54
CA ASP B 705 -2.47 8.59 36.57
C ASP B 705 -2.21 9.70 35.57
N PRO B 706 -1.02 9.74 34.98
CA PRO B 706 -0.70 10.82 34.03
C PRO B 706 -1.35 10.67 32.66
N GLN B 707 -1.98 9.54 32.37
CA GLN B 707 -2.70 9.37 31.11
C GLN B 707 -3.90 10.31 31.04
N CYS B 708 -4.55 10.54 32.19
CA CYS B 708 -5.82 11.25 32.21
C CYS B 708 -5.68 12.71 31.78
N LEU B 709 -4.52 13.33 32.07
CA LEU B 709 -4.35 14.73 31.69
C LEU B 709 -4.37 14.90 30.16
N ALA B 710 -3.56 14.10 29.47
CA ALA B 710 -3.56 14.14 28.00
C ALA B 710 -4.91 13.71 27.46
N ALA B 711 -5.53 12.70 28.07
CA ALA B 711 -6.86 12.28 27.65
C ALA B 711 -7.83 13.44 27.71
N VAL B 712 -7.86 14.16 28.84
CA VAL B 712 -8.82 15.25 29.02
C VAL B 712 -8.56 16.35 27.99
N ILE B 713 -7.30 16.74 27.81
CA ILE B 713 -7.03 17.86 26.91
C ILE B 713 -7.39 17.50 25.47
N PHE B 714 -6.98 16.32 25.00
CA PHE B 714 -7.25 15.99 23.61
C PHE B 714 -8.71 15.66 23.35
N ILE B 715 -9.40 15.07 24.34
CA ILE B 715 -10.83 14.81 24.17
C ILE B 715 -11.61 16.12 24.22
N TYR B 716 -11.16 17.10 25.01
CA TYR B 716 -11.77 18.43 24.97
C TYR B 716 -11.63 19.04 23.59
N PHE B 717 -10.42 18.97 23.01
CA PHE B 717 -10.25 19.48 21.65
C PHE B 717 -11.10 18.73 20.63
N ALA B 718 -11.23 17.42 20.76
CA ALA B 718 -12.00 16.62 19.81
C ALA B 718 -13.50 16.72 20.01
N ALA B 719 -13.97 17.18 21.18
CA ALA B 719 -15.38 17.30 21.46
C ALA B 719 -15.91 18.72 21.35
N LEU B 720 -15.04 19.72 21.39
CA LEU B 720 -15.47 21.10 21.19
C LEU B 720 -15.77 21.43 19.74
N SER B 721 -15.01 20.86 18.80
CA SER B 721 -15.15 21.15 17.38
C SER B 721 -16.54 20.80 16.83
N PRO B 722 -17.09 19.61 17.12
CA PRO B 722 -18.45 19.32 16.62
C PRO B 722 -19.52 20.25 17.18
N ALA B 723 -19.28 20.85 18.35
CA ALA B 723 -20.28 21.71 18.96
C ALA B 723 -20.54 22.97 18.12
N ILE B 724 -19.47 23.57 17.59
CA ILE B 724 -19.62 24.80 16.82
C ILE B 724 -19.97 24.50 15.37
N THR B 725 -19.44 23.39 14.83
CA THR B 725 -19.73 23.05 13.44
C THR B 725 -21.21 22.75 13.24
N PHE B 726 -21.79 21.92 14.12
CA PHE B 726 -23.22 21.65 14.04
C PHE B 726 -24.05 22.81 14.56
N GLY B 727 -23.52 23.57 15.52
CA GLY B 727 -24.26 24.72 16.04
C GLY B 727 -24.40 25.83 15.01
N GLY B 728 -23.36 26.07 14.22
CA GLY B 728 -23.41 27.16 13.26
C GLY B 728 -24.48 26.96 12.20
N LEU B 729 -24.53 25.76 11.63
CA LEU B 729 -25.53 25.49 10.58
C LEU B 729 -26.94 25.51 11.17
N LEU B 730 -27.12 24.94 12.35
CA LEU B 730 -28.44 24.94 12.98
C LEU B 730 -28.90 26.36 13.30
N GLY B 731 -27.99 27.21 13.78
CA GLY B 731 -28.35 28.60 14.00
C GLY B 731 -28.64 29.34 12.72
N GLU B 732 -27.90 29.03 11.65
CA GLU B 732 -28.10 29.73 10.38
C GLU B 732 -29.44 29.38 9.76
N LYS B 733 -29.77 28.09 9.67
CA LYS B 733 -30.93 27.67 8.92
C LYS B 733 -32.20 27.53 9.76
N THR B 734 -32.17 27.93 11.04
CA THR B 734 -33.37 28.01 11.85
C THR B 734 -33.67 29.44 12.27
N GLN B 735 -33.19 30.43 11.50
CA GLN B 735 -33.39 31.86 11.79
C GLN B 735 -32.89 32.22 13.17
N ASP B 736 -31.81 31.57 13.60
CA ASP B 736 -31.15 31.84 14.88
C ASP B 736 -32.11 31.66 16.06
N LEU B 737 -33.06 30.72 15.93
CA LEU B 737 -33.91 30.39 17.07
C LEU B 737 -33.12 29.63 18.13
N ILE B 738 -32.35 28.63 17.71
CA ILE B 738 -31.40 27.94 18.56
C ILE B 738 -30.06 27.95 17.85
N GLY B 739 -29.01 28.40 18.54
CA GLY B 739 -27.71 28.56 17.92
C GLY B 739 -26.60 27.75 18.52
N VAL B 740 -25.41 28.33 18.61
CA VAL B 740 -24.25 27.63 19.16
C VAL B 740 -24.21 27.73 20.68
N SER B 741 -24.69 28.85 21.24
CA SER B 741 -24.71 28.99 22.69
C SER B 741 -25.63 27.95 23.34
N GLU B 742 -26.81 27.74 22.75
CA GLU B 742 -27.73 26.74 23.28
C GLU B 742 -27.15 25.34 23.18
N LEU B 743 -26.44 25.05 22.08
CA LEU B 743 -25.84 23.74 21.91
C LEU B 743 -24.71 23.52 22.91
N ILE B 744 -23.94 24.57 23.20
CA ILE B 744 -22.86 24.45 24.17
C ILE B 744 -23.43 24.27 25.58
N MET B 745 -24.47 25.02 25.92
CA MET B 745 -25.06 24.88 27.25
C MET B 745 -25.76 23.54 27.42
N SER B 746 -26.29 22.97 26.34
CA SER B 746 -27.00 21.70 26.45
C SER B 746 -26.04 20.54 26.63
N THR B 747 -24.87 20.60 25.98
CA THR B 747 -23.90 19.51 26.10
C THR B 747 -23.35 19.40 27.52
N ALA B 748 -23.07 20.54 28.15
CA ALA B 748 -22.47 20.51 29.49
C ALA B 748 -23.49 20.16 30.56
N LEU B 749 -24.74 20.63 30.40
CA LEU B 749 -25.75 20.37 31.43
C LEU B 749 -26.08 18.89 31.52
N GLN B 750 -26.16 18.20 30.38
CA GLN B 750 -26.46 16.78 30.38
C GLN B 750 -25.22 15.91 30.53
N GLY B 751 -24.06 16.41 30.10
CA GLY B 751 -22.84 15.63 30.24
C GLY B 751 -22.47 15.37 31.69
N VAL B 752 -22.60 16.39 32.54
CA VAL B 752 -22.29 16.22 33.95
C VAL B 752 -23.25 15.23 34.60
N VAL B 753 -24.54 15.32 34.26
CA VAL B 753 -25.52 14.41 34.83
C VAL B 753 -25.22 12.97 34.40
N PHE B 754 -24.91 12.77 33.12
CA PHE B 754 -24.63 11.42 32.65
C PHE B 754 -23.34 10.87 33.26
N CYS B 755 -22.33 11.72 33.43
CA CYS B 755 -21.07 11.25 34.01
C CYS B 755 -21.17 11.03 35.51
N LEU B 756 -22.16 11.64 36.16
CA LEU B 756 -22.32 11.43 37.61
C LEU B 756 -23.27 10.29 37.94
N LEU B 757 -24.32 10.09 37.15
CA LEU B 757 -25.34 9.09 37.46
C LEU B 757 -25.39 7.96 36.44
N GLY B 758 -24.58 8.02 35.38
CA GLY B 758 -24.63 7.00 34.36
C GLY B 758 -23.97 5.69 34.76
N ALA B 759 -24.32 4.63 34.02
CA ALA B 759 -23.74 3.33 34.24
C ALA B 759 -22.52 3.06 33.37
N GLN B 760 -22.42 3.72 32.22
CA GLN B 760 -21.27 3.61 31.31
C GLN B 760 -20.70 5.00 31.09
N PRO B 761 -19.74 5.43 31.90
CA PRO B 761 -19.22 6.79 31.80
C PRO B 761 -18.23 7.01 30.66
N LEU B 762 -18.04 6.04 29.77
CA LEU B 762 -17.18 6.21 28.62
C LEU B 762 -17.90 6.81 27.42
N LEU B 763 -19.21 7.03 27.52
CA LEU B 763 -19.97 7.63 26.44
C LEU B 763 -19.87 9.14 26.51
N VAL B 764 -19.50 9.76 25.39
CA VAL B 764 -19.43 11.22 25.28
C VAL B 764 -20.67 11.63 24.49
N ILE B 765 -21.68 12.13 25.20
CA ILE B 765 -22.95 12.49 24.58
C ILE B 765 -22.82 13.84 23.90
N GLY B 766 -23.46 13.97 22.74
CA GLY B 766 -23.41 15.22 21.99
C GLY B 766 -24.31 15.16 20.78
N PHE B 767 -24.45 16.31 20.13
CA PHE B 767 -25.30 16.42 18.95
C PHE B 767 -24.68 15.63 17.79
N SER B 768 -25.52 14.95 17.03
CA SER B 768 -25.08 14.10 15.93
C SER B 768 -25.71 14.56 14.61
N GLY B 769 -25.46 13.79 13.56
CA GLY B 769 -25.94 14.09 12.23
C GLY B 769 -27.43 13.86 12.04
N PRO B 770 -27.89 12.63 12.29
CA PRO B 770 -29.32 12.33 12.10
C PRO B 770 -30.25 13.22 12.91
N LEU B 771 -29.87 13.59 14.13
CA LEU B 771 -30.69 14.52 14.89
C LEU B 771 -30.79 15.87 14.19
N LEU B 772 -29.67 16.34 13.62
CA LEU B 772 -29.70 17.59 12.86
C LEU B 772 -30.59 17.46 11.63
N VAL B 773 -30.53 16.33 10.94
CA VAL B 773 -31.37 16.12 9.76
C VAL B 773 -32.84 16.13 10.16
N PHE B 774 -33.18 15.44 11.24
CA PHE B 774 -34.58 15.39 11.67
C PHE B 774 -35.06 16.78 12.10
N GLU B 775 -34.20 17.54 12.78
CA GLU B 775 -34.55 18.91 13.16
C GLU B 775 -34.78 19.78 11.94
N GLU B 776 -33.92 19.66 10.93
CA GLU B 776 -34.09 20.42 9.69
C GLU B 776 -35.38 20.06 9.00
N ALA B 777 -35.70 18.77 8.93
CA ALA B 777 -36.95 18.34 8.29
C ALA B 777 -38.16 18.83 9.08
N PHE B 778 -38.10 18.79 10.41
CA PHE B 778 -39.24 19.20 11.23
C PHE B 778 -39.46 20.71 11.18
N PHE B 779 -38.38 21.50 11.06
CA PHE B 779 -38.55 22.95 11.00
C PHE B 779 -39.37 23.37 9.79
N SER B 780 -39.11 22.76 8.63
CA SER B 780 -39.87 23.10 7.43
C SER B 780 -41.33 22.66 7.54
N PHE B 781 -41.59 21.57 8.26
CA PHE B 781 -42.96 21.09 8.41
C PHE B 781 -43.80 22.07 9.21
N CYS B 782 -43.21 22.76 10.19
CA CYS B 782 -43.92 23.73 11.00
C CYS B 782 -44.02 25.10 10.35
N SER B 783 -43.28 25.34 9.27
CA SER B 783 -43.32 26.60 8.55
C SER B 783 -44.34 26.59 7.42
N SER B 784 -45.02 25.47 7.20
CA SER B 784 -46.05 25.36 6.18
C SER B 784 -47.45 25.21 6.75
N ASN B 785 -47.59 24.75 7.99
CA ASN B 785 -48.88 24.60 8.64
C ASN B 785 -49.20 25.77 9.56
N HIS B 786 -48.37 26.82 9.56
CA HIS B 786 -48.58 28.01 10.38
C HIS B 786 -48.64 27.67 11.86
N LEU B 787 -47.61 27.00 12.35
CA LEU B 787 -47.43 26.68 13.76
C LEU B 787 -46.16 27.34 14.27
N GLU B 788 -45.88 27.11 15.56
CA GLU B 788 -44.67 27.63 16.18
C GLU B 788 -43.68 26.47 16.40
N TYR B 789 -42.43 26.72 16.02
CA TYR B 789 -41.43 25.64 16.02
C TYR B 789 -41.02 25.24 17.43
N LEU B 790 -40.98 26.19 18.37
CA LEU B 790 -40.49 25.89 19.71
C LEU B 790 -41.49 25.05 20.50
N VAL B 791 -42.77 25.43 20.46
CA VAL B 791 -43.77 24.74 21.28
C VAL B 791 -44.02 23.32 20.77
N GLY B 792 -43.94 23.14 19.44
CA GLY B 792 -44.04 21.79 18.91
C GLY B 792 -42.96 20.88 19.45
N ARG B 793 -41.73 21.40 19.58
CA ARG B 793 -40.64 20.60 20.12
C ARG B 793 -40.91 20.20 21.57
N VAL B 794 -41.40 21.14 22.39
CA VAL B 794 -41.64 20.81 23.79
C VAL B 794 -42.81 19.84 23.92
N TRP B 795 -43.80 19.91 23.03
CA TRP B 795 -44.89 18.94 23.10
C TRP B 795 -44.46 17.58 22.57
N ILE B 796 -43.47 17.52 21.67
CA ILE B 796 -42.87 16.24 21.32
C ILE B 796 -42.08 15.68 22.49
N GLY B 797 -41.41 16.56 23.24
CA GLY B 797 -40.55 16.10 24.33
C GLY B 797 -41.32 15.39 25.43
N PHE B 798 -42.55 15.85 25.71
CA PHE B 798 -43.35 15.21 26.76
C PHE B 798 -43.68 13.77 26.40
N TRP B 799 -44.05 13.52 25.14
CA TRP B 799 -44.35 12.16 24.71
C TRP B 799 -43.13 11.28 24.63
N LEU B 800 -41.93 11.86 24.59
CA LEU B 800 -40.72 11.05 24.53
C LEU B 800 -40.41 10.38 25.86
N VAL B 801 -40.77 11.02 26.98
CA VAL B 801 -40.54 10.42 28.29
C VAL B 801 -41.47 9.24 28.51
N PHE B 802 -42.73 9.37 28.08
CA PHE B 802 -43.69 8.28 28.25
C PHE B 802 -43.23 7.02 27.52
N LEU B 803 -42.76 7.18 26.28
CA LEU B 803 -42.26 6.04 25.53
C LEU B 803 -41.03 5.43 26.20
N ALA B 804 -40.18 6.27 26.78
CA ALA B 804 -39.00 5.76 27.49
C ALA B 804 -39.41 4.91 28.69
N LEU B 805 -40.35 5.40 29.49
CA LEU B 805 -40.80 4.63 30.65
C LEU B 805 -41.54 3.37 30.25
N LEU B 806 -42.31 3.41 29.17
CA LEU B 806 -43.03 2.22 28.72
C LEU B 806 -42.05 1.19 28.16
N MET B 807 -40.98 1.63 27.52
CA MET B 807 -40.07 0.76 26.80
C MET B 807 -39.08 0.06 27.73
N VAL B 808 -38.97 0.51 28.97
CA VAL B 808 -38.07 -0.10 29.95
C VAL B 808 -38.81 -0.91 31.00
N ALA B 809 -39.97 -0.45 31.47
CA ALA B 809 -40.77 -1.26 32.39
C ALA B 809 -41.15 -2.59 31.75
N LEU B 810 -41.68 -2.53 30.52
CA LEU B 810 -41.80 -3.71 29.67
C LEU B 810 -40.47 -3.85 28.94
N GLU B 811 -39.50 -4.47 29.64
CA GLU B 811 -38.12 -4.52 29.20
C GLU B 811 -38.01 -5.00 27.76
N GLY B 812 -37.44 -4.14 26.90
CA GLY B 812 -37.32 -4.44 25.49
C GLY B 812 -36.00 -3.99 24.89
N SER B 813 -35.00 -3.71 25.73
CA SER B 813 -33.70 -3.28 25.24
C SER B 813 -32.94 -4.50 24.74
N PHE B 814 -33.58 -5.29 23.89
CA PHE B 814 -32.97 -6.45 23.27
C PHE B 814 -33.26 -6.55 21.78
N LEU B 815 -34.13 -5.70 21.23
CA LEU B 815 -34.38 -5.71 19.80
C LEU B 815 -33.20 -5.23 18.99
N VAL B 816 -32.20 -4.61 19.62
CA VAL B 816 -31.02 -4.17 18.91
C VAL B 816 -30.22 -5.35 18.36
N ARG B 817 -30.44 -6.56 18.89
CA ARG B 817 -29.84 -7.74 18.30
C ARG B 817 -30.37 -8.03 16.90
N PHE B 818 -31.57 -7.54 16.58
CA PHE B 818 -32.18 -7.75 15.29
C PHE B 818 -31.78 -6.71 14.25
N VAL B 819 -31.08 -5.65 14.66
CA VAL B 819 -30.60 -4.63 13.74
C VAL B 819 -29.23 -5.08 13.27
N SER B 820 -29.16 -5.66 12.07
CA SER B 820 -27.94 -6.24 11.56
C SER B 820 -27.18 -5.20 10.71
N ARG B 821 -26.17 -5.67 9.98
CA ARG B 821 -25.33 -4.79 9.17
C ARG B 821 -25.97 -4.40 7.84
N PHE B 822 -27.07 -5.05 7.46
CA PHE B 822 -27.73 -4.71 6.20
C PHE B 822 -28.37 -3.32 6.27
N THR B 823 -29.06 -3.03 7.37
CA THR B 823 -29.71 -1.75 7.57
C THR B 823 -28.84 -0.76 8.33
N GLN B 824 -27.60 -1.12 8.64
CA GLN B 824 -26.70 -0.27 9.41
C GLN B 824 -25.75 0.54 8.53
N GLU B 825 -25.78 0.33 7.21
CA GLU B 825 -24.91 1.03 6.29
C GLU B 825 -25.64 1.98 5.34
N ILE B 826 -26.88 1.65 4.99
CA ILE B 826 -27.71 2.55 4.21
C ILE B 826 -27.85 3.90 4.93
N PHE B 827 -28.01 3.84 6.25
CA PHE B 827 -28.16 5.04 7.05
C PHE B 827 -26.91 5.91 6.96
N ALA B 828 -25.73 5.31 7.13
CA ALA B 828 -24.48 6.07 7.09
C ALA B 828 -24.25 6.66 5.72
N PHE B 829 -24.49 5.88 4.65
CA PHE B 829 -24.27 6.39 3.31
C PHE B 829 -25.24 7.52 3.00
N LEU B 830 -26.48 7.41 3.48
CA LEU B 830 -27.45 8.49 3.34
C LEU B 830 -26.96 9.77 4.01
N ILE B 831 -26.47 9.67 5.24
CA ILE B 831 -26.00 10.86 5.94
C ILE B 831 -24.81 11.47 5.22
N SER B 832 -23.90 10.63 4.74
CA SER B 832 -22.72 11.14 4.05
C SER B 832 -23.10 11.83 2.75
N LEU B 833 -24.17 11.38 2.09
CA LEU B 833 -24.63 12.09 0.90
C LEU B 833 -25.34 13.39 1.26
N ILE B 834 -26.11 13.39 2.34
CA ILE B 834 -26.81 14.60 2.77
C ILE B 834 -25.83 15.72 3.08
N PHE B 835 -24.72 15.39 3.76
CA PHE B 835 -23.75 16.42 4.11
C PHE B 835 -23.18 17.09 2.87
N ILE B 836 -22.77 16.28 1.88
CA ILE B 836 -22.18 16.81 0.65
C ILE B 836 -23.19 17.65 -0.11
N TYR B 837 -24.44 17.16 -0.21
CA TYR B 837 -25.46 17.91 -0.91
C TYR B 837 -25.71 19.26 -0.23
N GLU B 838 -25.74 19.27 1.10
CA GLU B 838 -25.93 20.51 1.84
C GLU B 838 -24.81 21.50 1.55
N THR B 839 -23.56 21.02 1.60
CA THR B 839 -22.44 21.92 1.37
C THR B 839 -22.47 22.51 -0.05
N PHE B 840 -22.72 21.66 -1.05
CA PHE B 840 -22.74 22.15 -2.42
C PHE B 840 -23.89 23.11 -2.66
N TYR B 841 -25.06 22.83 -2.08
CA TYR B 841 -26.18 23.74 -2.22
C TYR B 841 -25.89 25.08 -1.57
N LYS B 842 -25.22 25.07 -0.41
CA LYS B 842 -24.84 26.32 0.23
C LYS B 842 -23.88 27.12 -0.64
N LEU B 843 -22.92 26.44 -1.27
CA LEU B 843 -21.99 27.14 -2.15
C LEU B 843 -22.71 27.75 -3.35
N VAL B 844 -23.62 26.98 -3.96
CA VAL B 844 -24.39 27.51 -5.09
C VAL B 844 -25.20 28.72 -4.66
N LYS B 845 -25.83 28.66 -3.49
CA LYS B 845 -26.64 29.78 -3.03
C LYS B 845 -25.77 31.01 -2.77
N ILE B 846 -24.63 30.85 -2.09
CA ILE B 846 -23.80 32.00 -1.78
C ILE B 846 -23.23 32.61 -3.06
N PHE B 847 -23.04 31.81 -4.10
CA PHE B 847 -22.73 32.42 -5.41
C PHE B 847 -23.94 33.12 -6.01
N GLN B 848 -25.15 32.62 -5.71
CA GLN B 848 -26.35 33.26 -6.23
C GLN B 848 -26.55 34.66 -5.65
N GLU B 849 -26.36 34.83 -4.34
CA GLU B 849 -26.59 36.13 -3.73
C GLU B 849 -25.59 37.17 -4.24
N HIS B 850 -24.33 36.78 -4.43
CA HIS B 850 -23.29 37.71 -4.86
C HIS B 850 -22.79 37.36 -6.25
N PRO B 851 -23.27 38.02 -7.30
CA PRO B 851 -22.77 37.73 -8.65
C PRO B 851 -21.31 38.16 -8.81
N LEU B 852 -20.67 37.58 -9.81
CA LEU B 852 -19.25 37.76 -10.04
C LEU B 852 -18.94 38.87 -11.05
N HIS B 853 -19.85 39.83 -11.23
CA HIS B 853 -19.61 40.93 -12.14
C HIS B 853 -18.61 41.92 -11.54
N GLY B 854 -18.33 42.99 -12.28
CA GLY B 854 -17.39 44.00 -11.85
C GLY B 854 -17.98 44.91 -10.78
N CYS B 855 -17.42 46.12 -10.70
CA CYS B 855 -17.87 47.10 -9.74
C CYS B 855 -18.80 48.13 -10.40
N PRO B 894 -25.72 42.80 3.48
CA PRO B 894 -25.33 43.46 2.24
C PRO B 894 -25.20 42.49 1.06
N ARG B 895 -25.53 42.97 -0.13
CA ARG B 895 -25.48 42.16 -1.35
C ARG B 895 -24.69 42.89 -2.42
N GLY B 896 -24.20 42.13 -3.40
CA GLY B 896 -23.44 42.69 -4.49
C GLY B 896 -21.98 42.96 -4.21
N GLN B 897 -21.49 42.57 -3.03
CA GLN B 897 -20.09 42.81 -2.69
C GLN B 897 -19.18 42.01 -3.63
N PRO B 898 -18.03 42.57 -4.00
CA PRO B 898 -17.22 41.95 -5.06
C PRO B 898 -16.55 40.63 -4.69
N ASN B 899 -15.84 40.59 -3.56
CA ASN B 899 -14.92 39.51 -3.26
C ASN B 899 -15.50 38.46 -2.32
N THR B 900 -16.79 38.52 -2.01
CA THR B 900 -17.38 37.53 -1.11
C THR B 900 -17.63 36.20 -1.81
N ALA B 901 -17.84 36.22 -3.13
CA ALA B 901 -18.14 34.98 -3.84
C ALA B 901 -16.93 34.07 -3.92
N LEU B 902 -15.74 34.64 -4.10
CA LEU B 902 -14.55 33.81 -4.30
C LEU B 902 -13.84 33.53 -2.97
N LEU B 903 -13.86 34.48 -2.04
CA LEU B 903 -13.21 34.27 -0.75
C LEU B 903 -13.84 33.11 0.00
N SER B 904 -15.17 33.00 -0.06
CA SER B 904 -15.85 31.89 0.58
C SER B 904 -15.41 30.55 -0.01
N LEU B 905 -15.30 30.48 -1.33
CA LEU B 905 -14.85 29.24 -1.97
C LEU B 905 -13.42 28.91 -1.57
N VAL B 906 -12.53 29.91 -1.55
CA VAL B 906 -11.14 29.67 -1.18
C VAL B 906 -11.06 29.17 0.26
N LEU B 907 -11.78 29.81 1.17
CA LEU B 907 -11.75 29.40 2.56
C LEU B 907 -12.35 28.01 2.76
N MET B 908 -13.41 27.69 2.01
CA MET B 908 -14.02 26.36 2.13
C MET B 908 -13.08 25.28 1.61
N ALA B 909 -12.39 25.54 0.50
CA ALA B 909 -11.51 24.51 -0.07
C ALA B 909 -10.24 24.34 0.74
N GLY B 910 -9.67 25.45 1.24
CA GLY B 910 -8.40 25.37 1.94
C GLY B 910 -8.47 24.54 3.21
N THR B 911 -9.49 24.78 4.03
CA THR B 911 -9.62 24.04 5.29
C THR B 911 -9.88 22.56 5.02
N PHE B 912 -10.71 22.25 4.02
CA PHE B 912 -10.98 20.85 3.70
C PHE B 912 -9.72 20.13 3.24
N PHE B 913 -8.94 20.76 2.36
CA PHE B 913 -7.74 20.10 1.87
C PHE B 913 -6.68 19.98 2.97
N ILE B 914 -6.56 21.00 3.82
CA ILE B 914 -5.62 20.93 4.93
C ILE B 914 -5.98 19.78 5.86
N ALA B 915 -7.27 19.67 6.21
CA ALA B 915 -7.69 18.59 7.10
C ALA B 915 -7.47 17.22 6.46
N PHE B 916 -7.79 17.10 5.16
CA PHE B 916 -7.61 15.82 4.48
C PHE B 916 -6.16 15.39 4.45
N PHE B 917 -5.26 16.31 4.06
CA PHE B 917 -3.85 15.97 3.98
C PHE B 917 -3.24 15.75 5.36
N LEU B 918 -3.70 16.48 6.38
CA LEU B 918 -3.20 16.24 7.72
C LEU B 918 -3.64 14.88 8.25
N ARG B 919 -4.88 14.47 7.95
CA ARG B 919 -5.31 13.14 8.33
C ARG B 919 -4.51 12.07 7.61
N LYS B 920 -4.23 12.29 6.31
CA LYS B 920 -3.41 11.33 5.57
C LYS B 920 -2.00 11.24 6.16
N PHE B 921 -1.43 12.36 6.56
CA PHE B 921 -0.10 12.36 7.14
C PHE B 921 -0.08 11.71 8.52
N LYS B 922 -1.16 11.87 9.29
CA LYS B 922 -1.19 11.31 10.64
C LYS B 922 -1.12 9.78 10.63
N ASN B 923 -1.73 9.14 9.63
CA ASN B 923 -1.80 7.68 9.57
C ASN B 923 -0.62 7.08 8.80
N SER B 924 0.51 7.78 8.73
CA SER B 924 1.69 7.27 8.05
C SER B 924 2.58 6.52 9.06
N ARG B 925 3.78 6.16 8.62
CA ARG B 925 4.75 5.50 9.48
C ARG B 925 5.61 6.48 10.28
N PHE B 926 5.37 7.78 10.11
CA PHE B 926 6.13 8.79 10.85
C PHE B 926 5.68 8.93 12.30
N PHE B 927 4.53 8.35 12.66
CA PHE B 927 4.02 8.46 14.02
C PHE B 927 4.00 7.10 14.70
N PRO B 928 4.48 7.01 15.95
CA PRO B 928 4.41 5.74 16.68
C PRO B 928 2.99 5.34 17.03
N GLY B 929 2.81 4.14 17.59
CA GLY B 929 1.50 3.63 17.93
C GLY B 929 0.92 4.14 19.23
N ARG B 930 1.70 4.80 20.07
CA ARG B 930 1.20 5.33 21.32
C ARG B 930 0.82 6.80 21.27
N ILE B 931 1.46 7.58 20.39
CA ILE B 931 1.10 8.98 20.19
C ILE B 931 -0.10 9.10 19.24
N ARG B 932 -0.36 8.09 18.43
CA ARG B 932 -1.50 8.09 17.54
C ARG B 932 -2.83 7.80 18.22
N ARG B 933 -2.82 7.07 19.34
CA ARG B 933 -4.06 6.80 20.07
C ARG B 933 -4.44 7.96 21.00
N VAL B 934 -3.46 8.62 21.60
CA VAL B 934 -3.75 9.70 22.54
C VAL B 934 -4.44 10.85 21.82
N ILE B 935 -3.90 11.25 20.68
CA ILE B 935 -4.54 12.27 19.85
C ILE B 935 -5.61 11.62 18.99
N GLY B 936 -6.78 12.27 18.90
CA GLY B 936 -7.85 11.75 18.08
C GLY B 936 -7.78 12.30 16.66
N ASP B 937 -8.86 12.95 16.22
CA ASP B 937 -8.88 13.61 14.92
C ASP B 937 -8.37 15.03 15.14
N PHE B 938 -7.05 15.20 15.03
CA PHE B 938 -6.39 16.46 15.38
C PHE B 938 -6.10 17.31 14.15
N GLY B 939 -6.79 17.08 13.04
CA GLY B 939 -6.60 17.88 11.85
C GLY B 939 -7.56 19.05 11.79
N VAL B 940 -8.78 18.87 12.28
CA VAL B 940 -9.80 19.91 12.33
C VAL B 940 -9.38 21.08 13.23
N PRO B 941 -8.91 20.85 14.47
CA PRO B 941 -8.52 21.98 15.31
C PRO B 941 -7.34 22.78 14.78
N ILE B 942 -6.56 22.23 13.86
CA ILE B 942 -5.47 22.94 13.23
C ILE B 942 -5.92 23.65 11.95
N ALA B 943 -6.74 22.98 11.14
CA ALA B 943 -7.27 23.61 9.94
C ALA B 943 -8.13 24.82 10.28
N ILE B 944 -8.97 24.70 11.30
CA ILE B 944 -9.81 25.83 11.71
C ILE B 944 -8.95 27.00 12.16
N LEU B 945 -7.92 26.72 12.97
CA LEU B 945 -7.05 27.77 13.46
C LEU B 945 -6.31 28.46 12.31
N ILE B 946 -5.80 27.67 11.37
CA ILE B 946 -5.05 28.23 10.25
C ILE B 946 -5.96 29.10 9.37
N MET B 947 -7.15 28.60 9.06
CA MET B 947 -8.06 29.35 8.19
C MET B 947 -8.73 30.51 8.91
N VAL B 948 -8.70 30.56 10.24
CA VAL B 948 -9.14 31.76 10.94
C VAL B 948 -8.02 32.79 10.98
N LEU B 949 -6.79 32.34 11.22
CA LEU B 949 -5.66 33.26 11.24
C LEU B 949 -5.44 33.90 9.88
N VAL B 950 -5.60 33.12 8.80
CA VAL B 950 -5.44 33.67 7.45
C VAL B 950 -6.51 34.74 7.18
N ASP B 951 -7.75 34.47 7.57
CA ASP B 951 -8.83 35.41 7.31
C ASP B 951 -8.73 36.64 8.19
N TYR B 952 -8.12 36.51 9.37
CA TYR B 952 -8.01 37.67 10.28
C TYR B 952 -7.16 38.78 9.66
N SER B 953 -6.07 38.42 8.98
CA SER B 953 -5.20 39.43 8.40
C SER B 953 -5.92 40.24 7.33
N ILE B 954 -6.71 39.58 6.48
CA ILE B 954 -7.42 40.25 5.39
C ILE B 954 -8.65 40.93 5.98
N GLU B 955 -8.55 42.25 6.18
CA GLU B 955 -9.71 43.05 6.61
C GLU B 955 -9.92 44.15 5.58
N ASP B 956 -10.56 43.81 4.46
CA ASP B 956 -11.00 44.80 3.49
C ASP B 956 -12.36 44.41 2.93
N THR B 957 -12.88 43.26 3.34
CA THR B 957 -14.08 42.68 2.77
C THR B 957 -15.00 42.19 3.88
N TYR B 958 -16.14 41.63 3.48
CA TYR B 958 -17.17 41.15 4.38
C TYR B 958 -17.43 39.68 4.13
N THR B 959 -17.69 38.93 5.21
CA THR B 959 -18.08 37.54 5.13
C THR B 959 -18.87 37.18 6.37
N GLN B 960 -19.82 36.25 6.23
CA GLN B 960 -20.66 35.88 7.35
C GLN B 960 -19.84 35.21 8.44
N LYS B 961 -20.15 35.54 9.69
CA LYS B 961 -19.47 35.02 10.86
C LYS B 961 -20.48 34.44 11.84
N LEU B 962 -19.98 33.72 12.83
CA LEU B 962 -20.84 33.10 13.83
C LEU B 962 -21.53 34.18 14.67
N SER B 963 -22.72 33.85 15.15
CA SER B 963 -23.55 34.76 15.94
C SER B 963 -23.54 34.27 17.38
N VAL B 964 -22.61 34.78 18.16
CA VAL B 964 -22.48 34.45 19.58
C VAL B 964 -22.92 35.66 20.38
N PRO B 965 -23.89 35.52 21.29
CA PRO B 965 -24.39 36.68 22.04
C PRO B 965 -23.46 37.04 23.18
N SER B 966 -23.81 38.15 23.85
CA SER B 966 -23.01 38.70 24.94
C SER B 966 -23.47 38.11 26.25
N GLY B 967 -22.59 37.39 26.93
CA GLY B 967 -22.90 36.81 28.22
C GLY B 967 -23.80 35.60 28.11
N PHE B 968 -24.37 35.22 29.25
CA PHE B 968 -25.28 34.09 29.34
C PHE B 968 -26.67 34.56 28.94
N SER B 969 -26.94 34.52 27.63
CA SER B 969 -28.22 34.93 27.09
C SER B 969 -28.50 34.14 25.82
N VAL B 970 -29.78 34.09 25.44
CA VAL B 970 -30.17 33.37 24.25
C VAL B 970 -29.61 34.05 23.01
N THR B 971 -29.44 33.28 21.94
CA THR B 971 -28.83 33.80 20.72
C THR B 971 -29.73 34.81 20.01
N ALA B 972 -31.03 34.81 20.28
CA ALA B 972 -31.98 35.74 19.66
C ALA B 972 -32.83 36.35 20.76
N PRO B 973 -32.32 37.36 21.48
CA PRO B 973 -33.09 37.96 22.56
C PRO B 973 -34.13 38.96 22.07
N GLU B 974 -34.89 38.58 21.03
CA GLU B 974 -35.97 39.41 20.52
C GLU B 974 -37.22 38.63 20.16
N LYS B 975 -37.18 37.30 20.08
CA LYS B 975 -38.34 36.51 19.72
C LYS B 975 -38.58 35.32 20.64
N ARG B 976 -37.71 35.07 21.62
CA ARG B 976 -37.89 33.97 22.54
C ARG B 976 -37.19 34.31 23.85
N GLY B 977 -37.62 33.65 24.93
CA GLY B 977 -37.06 33.90 26.24
C GLY B 977 -36.20 32.75 26.75
N TRP B 978 -36.42 32.35 28.00
CA TRP B 978 -35.68 31.26 28.61
C TRP B 978 -36.53 30.04 28.93
N VAL B 979 -37.83 30.19 29.11
CA VAL B 979 -38.74 29.08 29.36
C VAL B 979 -39.85 29.14 28.32
N ILE B 980 -40.03 28.06 27.57
CA ILE B 980 -41.04 28.00 26.51
C ILE B 980 -42.38 27.65 27.14
N ASN B 981 -43.38 28.49 26.90
CA ASN B 981 -44.71 28.23 27.42
C ASN B 981 -45.35 27.07 26.65
N PRO B 982 -45.76 25.99 27.33
CA PRO B 982 -46.34 24.85 26.61
C PRO B 982 -47.72 25.12 26.02
N LEU B 983 -48.34 26.25 26.34
CA LEU B 983 -49.66 26.59 25.81
C LEU B 983 -49.63 27.60 24.67
N GLY B 984 -48.51 28.28 24.47
CA GLY B 984 -48.41 29.25 23.40
C GLY B 984 -47.67 30.51 23.80
N GLU B 985 -46.81 31.01 22.93
CA GLU B 985 -46.02 32.21 23.22
C GLU B 985 -46.71 33.46 22.68
N LYS B 986 -46.96 33.51 21.37
CA LYS B 986 -47.63 34.64 20.74
C LYS B 986 -49.10 34.35 20.46
N SER B 987 -49.37 33.27 19.72
CA SER B 987 -50.72 32.83 19.42
C SER B 987 -51.01 31.50 20.11
N PRO B 988 -52.27 31.24 20.45
CA PRO B 988 -52.60 29.96 21.10
C PRO B 988 -52.25 28.78 20.23
N PHE B 989 -51.72 27.73 20.87
CA PHE B 989 -51.36 26.51 20.15
C PHE B 989 -52.60 25.65 19.92
N PRO B 990 -52.75 25.10 18.72
CA PRO B 990 -53.91 24.23 18.45
C PRO B 990 -53.97 23.04 19.40
N VAL B 991 -55.19 22.65 19.74
CA VAL B 991 -55.39 21.55 20.67
C VAL B 991 -55.28 20.20 19.99
N TRP B 992 -55.58 20.11 18.68
CA TRP B 992 -55.48 18.84 17.98
C TRP B 992 -54.04 18.36 17.83
N MET B 993 -53.07 19.23 18.10
CA MET B 993 -51.67 18.82 18.08
C MET B 993 -51.19 18.22 19.39
N MET B 994 -52.06 18.20 20.42
CA MET B 994 -51.68 17.58 21.69
C MET B 994 -51.43 16.09 21.51
N VAL B 995 -52.28 15.42 20.73
CA VAL B 995 -52.14 13.98 20.51
C VAL B 995 -51.59 13.66 19.13
N ALA B 996 -51.66 14.57 18.17
CA ALA B 996 -51.11 14.34 16.84
C ALA B 996 -49.59 14.45 16.81
N SER B 997 -48.97 14.87 17.90
CA SER B 997 -47.52 15.01 17.99
C SER B 997 -46.84 13.73 18.45
N LEU B 998 -47.58 12.64 18.61
CA LEU B 998 -46.99 11.40 19.09
C LEU B 998 -46.13 10.70 18.05
N LEU B 999 -46.49 10.82 16.77
CA LEU B 999 -45.71 10.16 15.72
C LEU B 999 -44.28 10.69 15.62
N PRO B 1000 -44.03 12.01 15.55
CA PRO B 1000 -42.64 12.47 15.56
C PRO B 1000 -41.88 12.04 16.80
N ALA B 1001 -42.57 11.93 17.94
CA ALA B 1001 -41.94 11.39 19.13
C ALA B 1001 -41.46 9.95 18.89
N ILE B 1002 -42.28 9.14 18.25
CA ILE B 1002 -41.89 7.76 17.95
C ILE B 1002 -40.69 7.75 17.00
N LEU B 1003 -40.70 8.60 15.98
CA LEU B 1003 -39.59 8.61 15.03
C LEU B 1003 -38.29 9.02 15.70
N VAL B 1004 -38.31 10.10 16.47
CA VAL B 1004 -37.09 10.54 17.14
C VAL B 1004 -36.66 9.53 18.20
N PHE B 1005 -37.62 8.82 18.82
CA PHE B 1005 -37.26 7.77 19.75
C PHE B 1005 -36.54 6.63 19.05
N ILE B 1006 -37.01 6.25 17.86
CA ILE B 1006 -36.33 5.22 17.09
C ILE B 1006 -34.90 5.65 16.77
N LEU B 1007 -34.75 6.90 16.31
CA LEU B 1007 -33.43 7.41 15.98
C LEU B 1007 -32.49 7.38 17.19
N ILE B 1008 -32.94 7.92 18.32
CA ILE B 1008 -32.12 7.97 19.52
C ILE B 1008 -31.79 6.57 20.02
N PHE B 1009 -32.79 5.69 20.01
CA PHE B 1009 -32.58 4.32 20.49
C PHE B 1009 -31.52 3.60 19.66
N MET B 1010 -31.65 3.67 18.33
CA MET B 1010 -30.66 3.00 17.48
C MET B 1010 -29.28 3.60 17.69
N GLU B 1011 -29.18 4.93 17.70
CA GLU B 1011 -27.88 5.58 17.79
C GLU B 1011 -27.19 5.26 19.11
N THR B 1012 -27.94 5.23 20.21
CA THR B 1012 -27.34 4.92 21.50
C THR B 1012 -27.01 3.43 21.65
N GLN B 1013 -27.91 2.55 21.22
CA GLN B 1013 -27.73 1.12 21.44
C GLN B 1013 -26.63 0.52 20.57
N ILE B 1014 -26.47 0.97 19.32
CA ILE B 1014 -25.37 0.45 18.52
C ILE B 1014 -24.03 0.80 19.16
N THR B 1015 -23.89 2.05 19.61
CA THR B 1015 -22.66 2.47 20.26
C THR B 1015 -22.42 1.70 21.56
N THR B 1016 -23.49 1.48 22.34
CA THR B 1016 -23.34 0.74 23.58
C THR B 1016 -22.91 -0.70 23.32
N LEU B 1017 -23.48 -1.33 22.28
CA LEU B 1017 -23.07 -2.69 21.93
C LEU B 1017 -21.60 -2.74 21.52
N ILE B 1018 -21.18 -1.83 20.65
CA ILE B 1018 -19.84 -1.97 20.06
C ILE B 1018 -18.75 -1.70 21.10
N ILE B 1019 -18.95 -0.72 21.98
CA ILE B 1019 -17.93 -0.40 22.98
C ILE B 1019 -17.73 -1.57 23.93
N SER B 1020 -18.82 -2.14 24.44
CA SER B 1020 -18.73 -3.22 25.43
C SER B 1020 -18.67 -4.57 24.72
N LYS B 1021 -17.49 -4.85 24.17
CA LYS B 1021 -17.21 -6.12 23.51
C LYS B 1021 -16.38 -7.01 24.43
N LYS B 1022 -15.97 -8.16 23.93
CA LYS B 1022 -15.10 -9.07 24.67
C LYS B 1022 -13.63 -8.88 24.34
N GLU B 1023 -13.30 -8.42 23.13
CA GLU B 1023 -11.91 -8.14 22.80
C GLU B 1023 -11.37 -6.98 23.65
N ARG B 1024 -12.18 -5.95 23.85
CA ARG B 1024 -11.82 -4.86 24.73
C ARG B 1024 -12.01 -5.28 26.18
N MET B 1025 -10.94 -5.23 26.97
CA MET B 1025 -10.96 -5.71 28.35
C MET B 1025 -11.62 -4.68 29.26
N LEU B 1026 -12.91 -4.48 29.03
CA LEU B 1026 -13.70 -3.57 29.86
C LEU B 1026 -14.24 -4.34 31.06
N GLN B 1027 -13.64 -4.10 32.22
CA GLN B 1027 -14.06 -4.77 33.45
C GLN B 1027 -15.29 -4.06 34.02
N LYS B 1028 -15.64 -4.39 35.27
CA LYS B 1028 -16.82 -3.85 35.95
C LYS B 1028 -18.04 -4.26 35.13
N GLY B 1029 -18.92 -3.34 34.74
CA GLY B 1029 -20.07 -3.72 33.94
C GLY B 1029 -20.65 -2.52 33.21
N SER B 1030 -21.43 -2.83 32.18
CA SER B 1030 -22.10 -1.82 31.37
C SER B 1030 -23.61 -1.89 31.61
N GLY B 1031 -24.32 -0.91 31.09
CA GLY B 1031 -25.76 -0.86 31.26
C GLY B 1031 -26.51 -0.46 30.01
N PHE B 1032 -27.41 -1.33 29.55
CA PHE B 1032 -28.25 -1.06 28.39
C PHE B 1032 -29.60 -0.46 28.78
N HIS B 1033 -29.91 -0.39 30.07
CA HIS B 1033 -31.21 0.09 30.52
C HIS B 1033 -31.15 1.39 31.31
N LEU B 1034 -30.06 1.64 32.03
CA LEU B 1034 -29.89 2.89 32.75
C LEU B 1034 -29.34 4.01 31.88
N ASP B 1035 -28.88 3.69 30.67
CA ASP B 1035 -28.37 4.71 29.75
C ASP B 1035 -29.49 5.29 28.90
N LEU B 1036 -30.32 4.42 28.29
CA LEU B 1036 -31.41 4.91 27.46
C LEU B 1036 -32.40 5.74 28.26
N LEU B 1037 -32.79 5.25 29.44
CA LEU B 1037 -33.74 5.99 30.26
C LEU B 1037 -33.18 7.35 30.66
N LEU B 1038 -31.93 7.39 31.11
CA LEU B 1038 -31.32 8.65 31.50
C LEU B 1038 -31.28 9.62 30.33
N ILE B 1039 -30.79 9.16 29.17
CA ILE B 1039 -30.62 10.06 28.02
C ILE B 1039 -31.96 10.59 27.56
N VAL B 1040 -32.95 9.71 27.41
CA VAL B 1040 -34.24 10.14 26.87
C VAL B 1040 -34.95 11.05 27.86
N ALA B 1041 -34.95 10.70 29.15
CA ALA B 1041 -35.60 11.56 30.14
C ALA B 1041 -34.94 12.92 30.21
N MET B 1042 -33.60 12.95 30.21
CA MET B 1042 -32.90 14.23 30.27
C MET B 1042 -33.20 15.08 29.04
N GLY B 1043 -33.21 14.46 27.86
CA GLY B 1043 -33.54 15.22 26.66
C GLY B 1043 -34.97 15.75 26.67
N GLY B 1044 -35.91 14.93 27.12
CA GLY B 1044 -37.29 15.38 27.19
C GLY B 1044 -37.49 16.52 28.15
N ILE B 1045 -36.84 16.46 29.32
CA ILE B 1045 -36.95 17.56 30.28
C ILE B 1045 -36.23 18.80 29.76
N CYS B 1046 -35.09 18.61 29.09
CA CYS B 1046 -34.29 19.74 28.62
C CYS B 1046 -34.91 20.43 27.41
N ALA B 1047 -35.77 19.74 26.66
CA ALA B 1047 -36.43 20.37 25.53
C ALA B 1047 -37.38 21.48 25.94
N LEU B 1048 -37.75 21.53 27.23
CA LEU B 1048 -38.63 22.60 27.72
C LEU B 1048 -37.95 23.96 27.62
N PHE B 1049 -36.66 24.03 27.95
CA PHE B 1049 -35.93 25.29 27.98
C PHE B 1049 -35.39 25.69 26.61
N GLY B 1050 -35.94 25.14 25.54
CA GLY B 1050 -35.48 25.49 24.21
C GLY B 1050 -34.08 25.04 23.89
N LEU B 1051 -33.72 23.81 24.26
CA LEU B 1051 -32.40 23.26 23.98
C LEU B 1051 -32.54 21.95 23.22
N PRO B 1052 -31.58 21.61 22.37
CA PRO B 1052 -31.73 20.43 21.51
C PRO B 1052 -31.54 19.14 22.29
N TRP B 1053 -31.82 18.03 21.59
CA TRP B 1053 -31.62 16.70 22.15
C TRP B 1053 -30.18 16.24 21.92
N LEU B 1054 -29.81 15.17 22.63
CA LEU B 1054 -28.46 14.63 22.56
C LEU B 1054 -28.52 13.15 22.20
N ALA B 1055 -27.38 12.63 21.75
CA ALA B 1055 -27.27 11.25 21.28
C ALA B 1055 -25.96 10.69 21.79
N ALA B 1056 -25.55 9.55 21.23
CA ALA B 1056 -24.37 8.85 21.73
C ALA B 1056 -23.07 9.45 21.23
N ALA B 1057 -23.06 10.05 20.04
CA ALA B 1057 -21.84 10.59 19.43
C ALA B 1057 -20.77 9.50 19.31
N THR B 1058 -21.08 8.53 18.45
CA THR B 1058 -20.42 7.24 18.48
C THR B 1058 -18.91 7.35 18.22
N VAL B 1059 -18.50 8.22 17.28
CA VAL B 1059 -17.07 8.33 16.98
C VAL B 1059 -16.31 8.94 18.15
N ARG B 1060 -16.91 9.95 18.80
CA ARG B 1060 -16.31 10.50 20.01
C ARG B 1060 -16.27 9.47 21.13
N SER B 1061 -17.29 8.61 21.22
CA SER B 1061 -17.29 7.55 22.22
C SER B 1061 -16.13 6.58 21.98
N VAL B 1062 -15.90 6.21 20.72
CA VAL B 1062 -14.80 5.29 20.42
C VAL B 1062 -13.46 5.94 20.72
N THR B 1063 -13.30 7.23 20.34
CA THR B 1063 -12.06 7.93 20.63
C THR B 1063 -11.81 8.04 22.13
N HIS B 1064 -12.87 8.27 22.91
CA HIS B 1064 -12.74 8.30 24.36
C HIS B 1064 -12.40 6.91 24.91
N ALA B 1065 -12.93 5.86 24.29
CA ALA B 1065 -12.71 4.51 24.77
C ALA B 1065 -11.27 4.06 24.55
N ASN B 1066 -10.73 4.32 23.36
CA ASN B 1066 -9.39 3.83 23.04
C ASN B 1066 -8.28 4.82 23.35
N ALA B 1067 -8.60 5.95 24.00
CA ALA B 1067 -7.57 6.85 24.48
C ALA B 1067 -7.15 6.57 25.92
N LEU B 1068 -7.97 5.84 26.67
CA LEU B 1068 -7.68 5.48 28.05
C LEU B 1068 -7.08 4.09 28.17
N THR B 1069 -6.92 3.37 27.06
CA THR B 1069 -6.42 2.01 27.07
C THR B 1069 -4.89 1.99 27.08
N VAL B 1070 -4.34 0.96 27.70
CA VAL B 1070 -2.90 0.74 27.75
C VAL B 1070 -2.60 -0.66 27.26
N MET B 1071 -1.60 -0.79 26.39
CA MET B 1071 -1.27 -2.06 25.77
C MET B 1071 -0.11 -2.72 26.51
N SER B 1072 -0.12 -4.05 26.51
CA SER B 1072 0.89 -4.80 27.24
C SER B 1072 2.27 -4.61 26.62
N LYS B 1073 3.30 -4.62 27.47
CA LYS B 1073 4.68 -4.50 27.01
C LYS B 1073 5.43 -5.82 27.02
N ALA B 1074 4.95 -6.82 27.77
CA ALA B 1074 5.61 -8.12 27.84
C ALA B 1074 5.05 -9.04 26.75
N VAL B 1075 5.41 -8.72 25.52
CA VAL B 1075 4.99 -9.49 24.34
C VAL B 1075 6.22 -9.80 23.50
N ALA B 1076 6.26 -11.01 22.95
CA ALA B 1076 7.40 -11.41 22.13
C ALA B 1076 7.44 -10.59 20.85
N PRO B 1077 8.63 -10.23 20.38
CA PRO B 1077 8.72 -9.47 19.12
C PRO B 1077 8.16 -10.27 17.95
N GLY B 1078 7.52 -9.57 17.02
CA GLY B 1078 6.90 -10.20 15.87
C GLY B 1078 5.51 -10.73 16.11
N ASP B 1079 4.89 -10.40 17.24
CA ASP B 1079 3.55 -10.85 17.57
C ASP B 1079 2.60 -9.66 17.63
N LYS B 1080 1.31 -9.95 17.46
CA LYS B 1080 0.30 -8.90 17.49
C LYS B 1080 0.16 -8.35 18.90
N PRO B 1081 0.07 -7.03 19.06
CA PRO B 1081 -0.08 -6.46 20.40
C PRO B 1081 -1.42 -6.84 21.02
N LYS B 1082 -1.44 -6.91 22.34
CA LYS B 1082 -2.63 -7.27 23.09
C LYS B 1082 -2.88 -6.23 24.18
N ILE B 1083 -4.14 -6.16 24.61
CA ILE B 1083 -4.57 -5.15 25.56
C ILE B 1083 -4.31 -5.65 26.98
N GLN B 1084 -3.66 -4.82 27.79
CA GLN B 1084 -3.45 -5.17 29.20
C GLN B 1084 -4.69 -4.85 30.03
N GLU B 1085 -5.08 -3.58 30.06
CA GLU B 1085 -6.26 -3.16 30.80
C GLU B 1085 -6.72 -1.82 30.25
N VAL B 1086 -7.97 -1.47 30.57
CA VAL B 1086 -8.55 -0.19 30.21
C VAL B 1086 -8.88 0.55 31.50
N LYS B 1087 -8.35 1.76 31.65
CA LYS B 1087 -8.57 2.54 32.86
C LYS B 1087 -10.02 3.04 32.89
N GLU B 1088 -10.76 2.62 33.90
CA GLU B 1088 -12.18 2.96 34.03
C GLU B 1088 -12.34 4.01 35.13
N GLN B 1089 -12.86 5.18 34.75
CA GLN B 1089 -13.11 6.26 35.70
C GLN B 1089 -14.16 7.18 35.12
N ARG B 1090 -14.73 8.02 35.99
CA ARG B 1090 -15.76 8.97 35.59
C ARG B 1090 -15.39 10.39 36.01
N VAL B 1091 -14.10 10.74 35.96
CA VAL B 1091 -13.67 12.09 36.22
C VAL B 1091 -13.20 12.80 34.96
N THR B 1092 -12.77 12.06 33.93
CA THR B 1092 -12.35 12.69 32.69
C THR B 1092 -13.55 13.22 31.91
N GLY B 1093 -14.66 12.48 31.90
CA GLY B 1093 -15.87 12.98 31.28
C GLY B 1093 -16.41 14.21 31.98
N LEU B 1094 -16.35 14.22 33.31
CA LEU B 1094 -16.76 15.39 34.08
C LEU B 1094 -15.92 16.60 33.72
N LEU B 1095 -14.59 16.43 33.65
CA LEU B 1095 -13.72 17.53 33.29
C LEU B 1095 -13.99 18.03 31.88
N VAL B 1096 -14.21 17.10 30.94
CA VAL B 1096 -14.49 17.50 29.56
C VAL B 1096 -15.78 18.30 29.48
N ALA B 1097 -16.83 17.82 30.17
CA ALA B 1097 -18.10 18.53 30.15
C ALA B 1097 -17.97 19.91 30.79
N LEU B 1098 -17.25 20.00 31.92
CA LEU B 1098 -17.08 21.29 32.57
C LEU B 1098 -16.30 22.26 31.69
N LEU B 1099 -15.25 21.78 31.02
CA LEU B 1099 -14.49 22.64 30.12
C LEU B 1099 -15.33 23.11 28.94
N VAL B 1100 -16.14 22.21 28.36
CA VAL B 1100 -17.01 22.60 27.26
C VAL B 1100 -18.01 23.66 27.72
N GLY B 1101 -18.57 23.48 28.92
CA GLY B 1101 -19.48 24.48 29.45
C GLY B 1101 -18.81 25.82 29.68
N LEU B 1102 -17.61 25.81 30.27
CA LEU B 1102 -16.89 27.05 30.54
C LEU B 1102 -16.37 27.71 29.27
N SER B 1103 -16.32 26.98 28.15
CA SER B 1103 -15.86 27.55 26.89
C SER B 1103 -16.82 28.60 26.32
N ILE B 1104 -17.91 28.92 27.01
CA ILE B 1104 -18.84 29.93 26.50
C ILE B 1104 -18.36 31.35 26.80
N VAL B 1105 -17.42 31.51 27.73
CA VAL B 1105 -16.95 32.83 28.13
C VAL B 1105 -15.90 33.33 27.14
N ILE B 1106 -15.70 32.58 26.05
CA ILE B 1106 -14.73 32.95 25.02
C ILE B 1106 -15.56 33.43 23.83
N GLY B 1107 -16.73 34.02 24.12
CA GLY B 1107 -17.62 34.48 23.08
C GLY B 1107 -17.08 35.62 22.24
N ASP B 1108 -16.09 36.36 22.77
CA ASP B 1108 -15.49 37.44 21.99
C ASP B 1108 -14.51 36.93 20.95
N LEU B 1109 -14.09 35.67 21.05
CA LEU B 1109 -13.17 35.06 20.10
C LEU B 1109 -13.88 34.15 19.10
N LEU B 1110 -14.91 33.43 19.54
CA LEU B 1110 -15.68 32.57 18.66
C LEU B 1110 -16.50 33.35 17.65
N ARG B 1111 -16.65 34.66 17.82
CA ARG B 1111 -17.37 35.50 16.88
C ARG B 1111 -16.54 35.86 15.66
N GLN B 1112 -15.24 35.61 15.69
CA GLN B 1112 -14.34 35.95 14.59
C GLN B 1112 -14.20 34.83 13.57
N ILE B 1113 -14.83 33.67 13.80
CA ILE B 1113 -14.70 32.53 12.90
C ILE B 1113 -15.59 32.73 11.69
N PRO B 1114 -15.04 32.73 10.48
CA PRO B 1114 -15.88 32.80 9.28
C PRO B 1114 -16.75 31.56 9.15
N LEU B 1115 -17.90 31.73 8.50
CA LEU B 1115 -18.88 30.67 8.41
C LEU B 1115 -18.56 29.65 7.31
N ALA B 1116 -17.63 29.96 6.41
CA ALA B 1116 -17.28 29.01 5.36
C ALA B 1116 -16.40 27.87 5.87
N VAL B 1117 -15.56 28.14 6.87
CA VAL B 1117 -14.71 27.11 7.44
C VAL B 1117 -15.55 25.99 8.04
N LEU B 1118 -16.67 26.35 8.66
CA LEU B 1118 -17.56 25.35 9.24
C LEU B 1118 -18.12 24.42 8.16
N PHE B 1119 -18.48 24.98 7.00
CA PHE B 1119 -18.97 24.14 5.91
C PHE B 1119 -17.84 23.31 5.31
N GLY B 1120 -16.61 23.82 5.28
CA GLY B 1120 -15.49 23.01 4.85
C GLY B 1120 -15.28 21.80 5.75
N ILE B 1121 -15.34 22.03 7.06
CA ILE B 1121 -15.21 20.93 8.02
C ILE B 1121 -16.39 19.96 7.89
N PHE B 1122 -17.58 20.50 7.63
CA PHE B 1122 -18.76 19.66 7.40
C PHE B 1122 -18.55 18.72 6.21
N LEU B 1123 -18.07 19.28 5.10
CA LEU B 1123 -17.80 18.45 3.92
C LEU B 1123 -16.70 17.44 4.19
N TYR B 1124 -15.67 17.84 4.94
CA TYR B 1124 -14.60 16.91 5.27
C TYR B 1124 -15.11 15.72 6.07
N MET B 1125 -15.94 16.00 7.09
CA MET B 1125 -16.52 14.90 7.87
C MET B 1125 -17.42 14.03 7.01
N GLY B 1126 -18.23 14.64 6.15
CA GLY B 1126 -19.09 13.86 5.29
C GLY B 1126 -18.31 12.93 4.36
N VAL B 1127 -17.19 13.41 3.82
CA VAL B 1127 -16.38 12.58 2.95
C VAL B 1127 -15.68 11.49 3.74
N THR B 1128 -15.12 11.83 4.91
CA THR B 1128 -14.31 10.87 5.65
C THR B 1128 -15.13 9.85 6.43
N SER B 1129 -16.43 10.08 6.61
CA SER B 1129 -17.25 9.10 7.32
C SER B 1129 -17.53 7.85 6.51
N LEU B 1130 -17.20 7.84 5.21
CA LEU B 1130 -17.49 6.71 4.35
C LEU B 1130 -16.53 5.55 4.53
N ASN B 1131 -15.42 5.74 5.25
CA ASN B 1131 -14.46 4.67 5.44
C ASN B 1131 -14.99 3.64 6.44
N GLY B 1132 -14.87 2.36 6.09
CA GLY B 1132 -15.20 1.27 6.98
C GLY B 1132 -16.53 0.60 6.72
N ILE B 1133 -17.42 1.23 5.98
CA ILE B 1133 -18.71 0.62 5.67
C ILE B 1133 -18.54 -0.39 4.54
N GLN B 1134 -19.05 -1.59 4.75
CA GLN B 1134 -18.84 -2.70 3.81
C GLN B 1134 -19.55 -2.49 2.48
N PHE B 1135 -20.59 -1.64 2.44
CA PHE B 1135 -21.31 -1.40 1.20
C PHE B 1135 -20.46 -0.65 0.18
N TYR B 1136 -19.57 0.23 0.66
CA TYR B 1136 -18.84 1.12 -0.25
C TYR B 1136 -17.83 0.35 -1.09
N GLU B 1137 -17.10 -0.59 -0.48
CA GLU B 1137 -16.13 -1.37 -1.26
C GLU B 1137 -16.84 -2.33 -2.22
N ARG B 1138 -18.00 -2.85 -1.81
CA ARG B 1138 -18.77 -3.67 -2.73
C ARG B 1138 -19.30 -2.85 -3.91
N LEU B 1139 -19.59 -1.57 -3.67
CA LEU B 1139 -19.93 -0.69 -4.78
C LEU B 1139 -18.72 -0.42 -5.67
N HIS B 1140 -17.54 -0.28 -5.07
CA HIS B 1140 -16.32 -0.10 -5.85
C HIS B 1140 -16.04 -1.30 -6.75
N LEU B 1141 -16.24 -2.51 -6.21
CA LEU B 1141 -15.98 -3.73 -6.97
C LEU B 1141 -16.85 -3.86 -8.22
N LEU B 1142 -17.96 -3.11 -8.29
CA LEU B 1142 -18.84 -3.21 -9.45
C LEU B 1142 -18.19 -2.71 -10.73
N LEU B 1143 -17.10 -1.94 -10.63
CA LEU B 1143 -16.43 -1.35 -11.78
C LEU B 1143 -15.00 -1.87 -11.94
N MET B 1144 -14.76 -3.12 -11.54
CA MET B 1144 -13.44 -3.71 -11.62
C MET B 1144 -13.53 -5.12 -12.21
N PRO B 1145 -12.60 -5.50 -13.07
CA PRO B 1145 -12.61 -6.85 -13.60
C PRO B 1145 -12.39 -7.87 -12.49
N PRO B 1146 -12.97 -9.06 -12.62
CA PRO B 1146 -12.88 -10.05 -11.54
C PRO B 1146 -11.46 -10.51 -11.23
N LYS B 1147 -10.51 -10.33 -12.16
CA LYS B 1147 -9.14 -10.77 -11.90
C LYS B 1147 -8.45 -9.93 -10.85
N HIS B 1148 -8.90 -8.69 -10.63
CA HIS B 1148 -8.29 -7.79 -9.67
C HIS B 1148 -9.08 -7.68 -8.37
N HIS B 1149 -10.08 -8.54 -8.17
CA HIS B 1149 -10.86 -8.49 -6.95
C HIS B 1149 -10.00 -8.84 -5.73
N PRO B 1150 -10.33 -8.28 -4.56
CA PRO B 1150 -9.54 -8.57 -3.36
C PRO B 1150 -9.70 -10.00 -2.87
N ASP B 1151 -9.07 -10.31 -1.74
CA ASP B 1151 -9.15 -11.64 -1.12
C ASP B 1151 -9.95 -11.62 0.18
N VAL B 1152 -10.93 -10.72 0.27
CA VAL B 1152 -11.76 -10.59 1.46
C VAL B 1152 -12.70 -11.78 1.58
N THR B 1153 -13.34 -11.93 2.74
CA THR B 1153 -14.14 -13.10 3.02
C THR B 1153 -15.45 -13.15 2.22
N TYR B 1154 -15.89 -12.02 1.66
CA TYR B 1154 -17.16 -11.98 0.95
C TYR B 1154 -17.00 -12.05 -0.57
N VAL B 1155 -15.81 -12.35 -1.07
CA VAL B 1155 -15.61 -12.57 -2.50
C VAL B 1155 -15.22 -14.01 -2.81
N LYS B 1156 -14.47 -14.68 -1.94
CA LYS B 1156 -14.03 -16.04 -2.22
C LYS B 1156 -15.18 -17.03 -2.12
N LYS B 1157 -16.07 -16.85 -1.15
CA LYS B 1157 -17.07 -17.86 -0.83
C LYS B 1157 -18.36 -17.72 -1.63
N VAL B 1158 -18.55 -16.62 -2.36
CA VAL B 1158 -19.78 -16.40 -3.12
C VAL B 1158 -19.42 -15.98 -4.54
N ARG B 1159 -20.37 -16.20 -5.44
CA ARG B 1159 -20.17 -15.85 -6.84
C ARG B 1159 -20.26 -14.33 -7.04
N THR B 1160 -19.75 -13.87 -8.18
CA THR B 1160 -19.69 -12.44 -8.45
C THR B 1160 -21.07 -11.87 -8.76
N LEU B 1161 -21.86 -12.57 -9.58
CA LEU B 1161 -23.19 -12.08 -9.92
C LEU B 1161 -24.09 -11.98 -8.70
N ARG B 1162 -23.89 -12.86 -7.72
CA ARG B 1162 -24.74 -12.82 -6.54
C ARG B 1162 -24.42 -11.62 -5.64
N MET B 1163 -23.14 -11.31 -5.45
CA MET B 1163 -22.82 -10.10 -4.69
C MET B 1163 -23.23 -8.86 -5.46
N HIS B 1164 -23.16 -8.90 -6.80
CA HIS B 1164 -23.63 -7.77 -7.59
C HIS B 1164 -25.15 -7.57 -7.42
N LEU B 1165 -25.90 -8.68 -7.36
CA LEU B 1165 -27.33 -8.57 -7.14
C LEU B 1165 -27.64 -8.05 -5.74
N PHE B 1166 -26.86 -8.47 -4.74
CA PHE B 1166 -27.03 -7.96 -3.39
C PHE B 1166 -26.80 -6.45 -3.35
N THR B 1167 -25.72 -5.99 -3.99
CA THR B 1167 -25.44 -4.56 -4.05
C THR B 1167 -26.52 -3.81 -4.82
N ALA B 1168 -27.06 -4.42 -5.88
CA ALA B 1168 -28.14 -3.78 -6.62
C ALA B 1168 -29.39 -3.63 -5.76
N LEU B 1169 -29.72 -4.65 -4.97
CA LEU B 1169 -30.87 -4.55 -4.07
C LEU B 1169 -30.66 -3.46 -3.04
N GLN B 1170 -29.45 -3.38 -2.47
CA GLN B 1170 -29.16 -2.31 -1.52
C GLN B 1170 -29.29 -0.94 -2.17
N LEU B 1171 -28.79 -0.80 -3.40
CA LEU B 1171 -28.90 0.47 -4.11
C LEU B 1171 -30.35 0.82 -4.39
N LEU B 1172 -31.17 -0.17 -4.75
CA LEU B 1172 -32.58 0.09 -5.02
C LEU B 1172 -33.29 0.59 -3.77
N CYS B 1173 -33.05 -0.09 -2.64
CA CYS B 1173 -33.68 0.35 -1.39
C CYS B 1173 -33.23 1.74 -0.99
N LEU B 1174 -31.92 2.01 -1.11
CA LEU B 1174 -31.39 3.32 -0.72
C LEU B 1174 -31.94 4.42 -1.62
N ALA B 1175 -32.03 4.16 -2.92
CA ALA B 1175 -32.58 5.14 -3.83
C ALA B 1175 -34.06 5.40 -3.55
N LEU B 1176 -34.81 4.35 -3.21
CA LEU B 1176 -36.21 4.55 -2.83
C LEU B 1176 -36.31 5.43 -1.59
N LEU B 1177 -35.45 5.18 -0.61
CA LEU B 1177 -35.49 6.00 0.61
C LEU B 1177 -35.11 7.44 0.32
N TRP B 1178 -34.10 7.65 -0.54
CA TRP B 1178 -33.72 9.02 -0.91
C TRP B 1178 -34.84 9.72 -1.66
N ALA B 1179 -35.53 8.99 -2.54
CA ALA B 1179 -36.63 9.58 -3.28
C ALA B 1179 -37.78 9.98 -2.37
N VAL B 1180 -38.12 9.11 -1.40
CA VAL B 1180 -39.23 9.44 -0.50
C VAL B 1180 -38.81 10.51 0.51
N MET B 1181 -37.51 10.69 0.72
CA MET B 1181 -37.04 11.72 1.65
C MET B 1181 -37.10 13.12 1.06
N SER B 1182 -37.24 13.24 -0.26
CA SER B 1182 -37.23 14.55 -0.91
C SER B 1182 -38.61 15.15 -1.11
N THR B 1183 -39.67 14.43 -0.75
CA THR B 1183 -41.03 14.91 -0.94
C THR B 1183 -41.46 15.75 0.26
N ALA B 1184 -42.75 16.04 0.35
CA ALA B 1184 -43.30 16.84 1.44
C ALA B 1184 -43.46 16.04 2.73
N ALA B 1185 -43.13 14.75 2.71
CA ALA B 1185 -43.18 13.88 3.88
C ALA B 1185 -41.78 13.46 4.30
N SER B 1186 -40.83 14.41 4.28
CA SER B 1186 -39.43 14.09 4.55
C SER B 1186 -39.20 13.56 5.95
N LEU B 1187 -40.12 13.80 6.88
CA LEU B 1187 -39.97 13.34 8.26
C LEU B 1187 -40.59 11.95 8.46
N ALA B 1188 -40.24 11.02 7.58
CA ALA B 1188 -40.75 9.66 7.69
C ALA B 1188 -39.71 8.59 7.39
N PHE B 1189 -38.45 8.96 7.18
CA PHE B 1189 -37.45 7.95 6.82
C PHE B 1189 -37.10 6.96 7.93
N PRO B 1190 -37.17 7.29 9.23
CA PRO B 1190 -37.00 6.23 10.23
C PRO B 1190 -38.02 5.12 10.08
N PHE B 1191 -39.24 5.45 9.65
CA PHE B 1191 -40.24 4.42 9.34
C PHE B 1191 -39.75 3.55 8.19
N ILE B 1192 -39.14 4.16 7.18
CA ILE B 1192 -38.61 3.39 6.06
C ILE B 1192 -37.53 2.42 6.54
N LEU B 1193 -36.67 2.87 7.46
CA LEU B 1193 -35.64 1.98 7.99
C LEU B 1193 -36.23 0.83 8.80
N ILE B 1194 -37.20 1.14 9.67
CA ILE B 1194 -37.78 0.08 10.50
C ILE B 1194 -38.62 -0.86 9.62
N LEU B 1195 -39.02 -0.41 8.43
CA LEU B 1195 -39.64 -1.32 7.48
C LEU B 1195 -38.61 -2.18 6.76
N THR B 1196 -37.46 -1.60 6.40
CA THR B 1196 -36.47 -2.36 5.64
C THR B 1196 -35.77 -3.38 6.52
N VAL B 1197 -35.88 -3.24 7.83
CA VAL B 1197 -35.30 -4.26 8.73
C VAL B 1197 -35.98 -5.62 8.52
N PRO B 1198 -37.33 -5.75 8.55
CA PRO B 1198 -37.94 -7.07 8.26
C PRO B 1198 -37.66 -7.57 6.84
N LEU B 1199 -37.46 -6.63 5.92
CA LEU B 1199 -37.23 -6.94 4.52
C LEU B 1199 -36.02 -7.86 4.37
N ARG B 1200 -34.92 -7.50 5.04
CA ARG B 1200 -33.72 -8.33 5.06
C ARG B 1200 -34.10 -9.75 5.41
N MET B 1201 -34.60 -9.96 6.62
CA MET B 1201 -34.92 -11.31 7.08
C MET B 1201 -35.73 -12.05 6.04
N VAL B 1202 -36.94 -11.55 5.77
CA VAL B 1202 -37.89 -12.31 4.96
C VAL B 1202 -37.32 -12.58 3.57
N VAL B 1203 -37.12 -11.51 2.79
CA VAL B 1203 -36.79 -11.72 1.39
C VAL B 1203 -35.39 -12.32 1.22
N LEU B 1204 -34.40 -11.81 1.96
CA LEU B 1204 -33.04 -12.27 1.77
C LEU B 1204 -32.83 -13.68 2.31
N THR B 1205 -33.75 -14.21 3.13
CA THR B 1205 -33.68 -15.63 3.45
C THR B 1205 -34.48 -16.45 2.43
N ARG B 1206 -35.47 -15.83 1.78
CA ARG B 1206 -36.09 -16.52 0.65
C ARG B 1206 -35.11 -16.70 -0.52
N ILE B 1207 -34.31 -15.68 -0.82
CA ILE B 1207 -33.54 -15.65 -2.06
C ILE B 1207 -32.13 -16.22 -1.89
N PHE B 1208 -31.36 -15.67 -0.96
CA PHE B 1208 -29.90 -15.82 -0.98
C PHE B 1208 -29.36 -17.03 -0.23
N THR B 1209 -30.23 -17.88 0.36
CA THR B 1209 -29.83 -19.10 1.06
C THR B 1209 -29.03 -18.79 2.33
N ASP B 1210 -29.10 -19.68 3.31
CA ASP B 1210 -28.48 -19.45 4.61
C ASP B 1210 -26.96 -19.39 4.57
N ARG B 1211 -26.32 -19.98 3.56
CA ARG B 1211 -24.86 -20.02 3.56
C ARG B 1211 -24.26 -18.64 3.27
N GLU B 1212 -24.78 -17.94 2.26
CA GLU B 1212 -24.24 -16.64 1.90
C GLU B 1212 -24.66 -15.55 2.88
N MET B 1213 -25.80 -15.72 3.55
CA MET B 1213 -26.17 -14.79 4.61
C MET B 1213 -25.48 -15.18 5.90
N LYS B 1214 -24.18 -15.46 5.79
CA LYS B 1214 -23.26 -15.59 6.92
C LYS B 1214 -21.93 -14.93 6.65
N CYS B 1215 -21.60 -14.64 5.40
CA CYS B 1215 -20.43 -13.88 5.01
C CYS B 1215 -20.76 -12.57 4.33
N LEU B 1216 -21.88 -12.49 3.61
CA LEU B 1216 -22.30 -11.20 3.07
C LEU B 1216 -22.81 -10.28 4.17
N ASP B 1217 -23.64 -10.81 5.07
CA ASP B 1217 -24.12 -10.06 6.24
C ASP B 1217 -23.26 -10.44 7.44
N ALA B 1218 -22.02 -9.95 7.43
CA ALA B 1218 -21.04 -10.29 8.46
C ALA B 1218 -21.03 -9.21 9.53
N ASN B 1219 -21.49 -9.56 10.73
CA ASN B 1219 -21.55 -8.64 11.86
C ASN B 1219 -20.39 -8.83 12.84
N GLU B 1220 -19.37 -9.60 12.46
CA GLU B 1220 -18.30 -9.95 13.37
C GLU B 1220 -17.54 -8.72 13.86
N ALA B 1221 -16.86 -8.03 12.94
CA ALA B 1221 -16.11 -6.80 13.21
C ALA B 1221 -14.90 -7.04 14.13
N GLU B 1222 -13.75 -6.48 13.77
CA GLU B 1222 -12.56 -6.59 14.59
C GLU B 1222 -12.19 -5.24 15.19
N PRO B 1223 -11.78 -5.21 16.46
CA PRO B 1223 -11.42 -3.93 17.08
C PRO B 1223 -10.17 -3.34 16.44
N VAL B 1224 -10.11 -2.01 16.43
CA VAL B 1224 -8.97 -1.26 15.92
C VAL B 1224 -8.35 -0.48 17.06
N PHE B 1225 -7.02 -0.40 17.05
CA PHE B 1225 -6.28 0.29 18.10
C PHE B 1225 -5.22 1.19 17.47
N ASP B 1226 -5.57 1.85 16.37
CA ASP B 1226 -4.67 2.75 15.66
C ASP B 1226 -3.36 2.07 15.29
N GLU B 1227 -3.47 0.84 14.79
CA GLU B 1227 -2.33 0.08 14.28
C GLU B 1227 -2.42 0.04 12.76
N ARG B 1228 -1.48 -0.70 12.15
CA ARG B 1228 -1.42 -0.83 10.70
C ARG B 1228 -1.26 0.53 10.04
N GLU B 1229 -1.66 0.64 8.77
CA GLU B 1229 -1.54 1.88 8.03
C GLU B 1229 -2.89 2.24 7.42
N GLY B 1230 -3.32 3.48 7.62
CA GLY B 1230 -4.57 3.94 7.04
C GLY B 1230 -5.82 3.53 7.79
N VAL B 1231 -5.69 3.08 9.03
CA VAL B 1231 -6.81 2.62 9.84
C VAL B 1231 -6.87 3.47 11.10
N ASP B 1232 -8.04 4.02 11.39
CA ASP B 1232 -8.25 4.85 12.57
C ASP B 1232 -9.61 4.51 13.16
N GLU B 1233 -10.09 5.36 14.06
CA GLU B 1233 -11.38 5.12 14.72
C GLU B 1233 -12.56 5.18 13.76
N TYR B 1234 -12.37 5.76 12.57
CA TYR B 1234 -13.47 5.85 11.61
C TYR B 1234 -13.78 4.49 10.99
N ASN B 1235 -12.80 3.60 10.94
CA ASN B 1235 -13.03 2.27 10.36
C ASN B 1235 -13.74 1.34 11.33
N GLU B 1236 -13.65 1.61 12.63
CA GLU B 1236 -14.30 0.76 13.63
C GLU B 1236 -15.82 0.81 13.51
N MET B 1237 -16.38 1.99 13.29
CA MET B 1237 -17.81 2.20 13.44
C MET B 1237 -18.48 2.43 12.09
N PRO B 1238 -19.40 1.54 11.67
CA PRO B 1238 -20.17 1.76 10.43
C PRO B 1238 -21.41 2.61 10.65
N MET B 1239 -21.24 3.74 11.32
CA MET B 1239 -22.32 4.68 11.63
C MET B 1239 -21.87 6.08 11.27
N PRO B 1240 -22.81 6.98 10.99
CA PRO B 1240 -22.44 8.35 10.63
C PRO B 1240 -21.84 9.10 11.81
N VAL B 1241 -21.33 10.29 11.52
CA VAL B 1241 -20.71 11.13 12.54
C VAL B 1241 -21.74 12.04 13.20
CAA Y01 C . 15.83 20.21 4.60
CBA Y01 C . 16.20 19.07 5.53
CAB Y01 C . 15.05 18.08 5.62
CAN Y01 C . 16.60 19.56 6.91
CAJ Y01 C . 17.94 20.24 7.03
CAO Y01 C . 19.13 19.35 6.67
CBB Y01 C . 19.39 18.14 7.56
CAC Y01 C . 18.84 16.84 6.97
CBE Y01 C . 20.84 18.13 8.12
CAP Y01 C . 20.72 19.07 9.35
CAQ Y01 C . 21.99 18.82 10.19
CBG Y01 C . 22.57 17.53 9.63
CBI Y01 C . 21.41 16.90 8.85
CAE Y01 C . 20.37 16.42 9.81
CAU Y01 C . 22.04 15.81 8.01
CAS Y01 C . 22.73 14.72 8.81
CBF Y01 C . 23.79 15.23 9.78
CBD Y01 C . 23.36 16.53 10.52
CAK Y01 C . 24.59 17.09 11.32
CAI Y01 C . 25.50 16.02 11.90
CAZ Y01 C . 25.49 14.74 11.53
CAV Y01 C . 26.70 13.82 11.72
CBH Y01 C . 24.22 14.21 10.84
CAD Y01 C . 23.09 13.94 11.86
CAT Y01 C . 24.54 12.88 10.23
CAR Y01 C . 25.38 12.04 11.17
CBC Y01 C . 26.73 12.55 10.89
OAW Y01 C . 27.69 11.66 11.50
CAY Y01 C . 28.82 12.19 11.93
OAG Y01 C . 29.09 13.35 11.85
CAM Y01 C . 29.70 11.15 12.55
CAL Y01 C . 29.06 9.79 12.67
CAX Y01 C . 29.71 8.75 11.78
OAH Y01 C . 30.61 9.12 11.02
OAF Y01 C . 29.33 7.58 11.86
CAA Y01 D . -22.67 2.72 -9.76
CBA Y01 D . -23.67 3.85 -9.59
CAB Y01 D . -23.35 4.71 -8.39
CAN Y01 D . -25.10 3.32 -9.52
CAJ Y01 D . -25.49 2.36 -10.61
CAO Y01 D . -24.71 1.07 -10.58
CBB Y01 D . -24.83 0.20 -11.84
CAC Y01 D . -24.96 1.11 -13.06
CBE Y01 D . -26.00 -0.78 -11.68
CAP Y01 D . -27.23 -0.30 -12.50
CAQ Y01 D . -28.25 -1.46 -12.43
CBG Y01 D . -27.44 -2.66 -11.94
CBI Y01 D . -25.99 -2.23 -12.17
CAE Y01 D . -25.71 -2.22 -13.64
CAU Y01 D . -25.16 -3.24 -11.39
CAS Y01 D . -25.33 -4.68 -11.84
CBF Y01 D . -26.78 -5.16 -11.85
CBD Y01 D . -27.79 -4.11 -12.38
CAK Y01 D . -29.24 -4.62 -12.14
CAI Y01 D . -29.42 -6.12 -12.28
CAZ Y01 D . -28.40 -7.00 -12.29
CAV Y01 D . -28.60 -8.47 -11.92
CBH Y01 D . -27.01 -6.48 -12.64
CAD Y01 D . -26.84 -6.23 -14.15
CAT Y01 D . -26.00 -7.52 -12.26
CAR Y01 D . -26.48 -8.88 -12.67
CBC Y01 D . -27.35 -9.24 -11.54
OAW Y01 D . -27.71 -10.56 -12.04
CAY Y01 D . -27.86 -11.59 -11.25
OAG Y01 D . -27.10 -11.90 -10.38
CAM Y01 D . -29.06 -12.39 -11.62
CAL Y01 D . -28.71 -13.78 -12.07
CAX Y01 D . -28.45 -14.74 -10.94
OAH Y01 D . -27.28 -14.87 -10.54
OAF Y01 D . -29.41 -15.38 -10.46
#